data_7XGA
#
_entry.id   7XGA
#
loop_
_entity.id
_entity.type
_entity.pdbx_description
1 polymer 'Chimera of E3 ubiquitin-protein ligase UHRF1 and Developmental pluripotency-associated protein 3'
2 non-polymer 'ZINC ION'
#
_entity_poly.entity_id   1
_entity_poly.type   'polypeptide(L)'
_entity_poly.pdbx_seq_one_letter_code
;GPLGSGPSCRFCKDDENKPCRKCACHVCGGREAPEKQLLCDECDMAFHLYCLKPPLTSVPPEPEWYCPSCRTDSRREVQS
AFPKRRVRTLLSVLKDPIAKMRRLVRIEQRQKRLEGNEFERDSEPF
;
_entity_poly.pdbx_strand_id   A
#
loop_
_chem_comp.id
_chem_comp.type
_chem_comp.name
_chem_comp.formula
ZN non-polymer 'ZINC ION' 'Zn 2'
#
# COMPACT_ATOMS: atom_id res chain seq x y z
N GLY A 1 -1.87 -29.35 -8.06
CA GLY A 1 -0.43 -29.22 -7.72
C GLY A 1 -0.23 -28.67 -6.31
N PRO A 2 1.00 -28.79 -5.75
CA PRO A 2 1.32 -28.33 -4.41
C PRO A 2 1.38 -26.79 -4.30
N LEU A 3 1.16 -26.27 -3.10
CA LEU A 3 1.26 -24.84 -2.75
C LEU A 3 2.61 -24.52 -2.08
N GLY A 4 3.05 -23.25 -2.18
CA GLY A 4 4.25 -22.75 -1.51
C GLY A 4 4.13 -22.66 0.02
N SER A 5 5.26 -22.75 0.72
CA SER A 5 5.35 -22.66 2.19
C SER A 5 6.70 -22.08 2.64
N GLY A 6 6.71 -21.42 3.80
CA GLY A 6 7.87 -20.72 4.38
C GLY A 6 7.46 -19.77 5.53
N PRO A 7 8.34 -18.86 5.97
CA PRO A 7 7.99 -17.80 6.92
C PRO A 7 6.90 -16.90 6.31
N SER A 8 5.76 -16.76 6.98
CA SER A 8 4.53 -16.15 6.44
C SER A 8 4.23 -14.74 6.97
N CYS A 9 3.88 -13.82 6.05
CA CYS A 9 3.28 -12.53 6.36
C CYS A 9 1.83 -12.76 6.88
N ARG A 10 1.14 -11.71 7.34
CA ARG A 10 -0.16 -11.85 8.03
C ARG A 10 -1.37 -11.38 7.27
N PHE A 11 -1.16 -10.80 6.10
CA PHE A 11 -2.25 -10.40 5.20
C PHE A 11 -2.23 -11.13 3.85
N CYS A 12 -1.15 -11.84 3.50
CA CYS A 12 -1.04 -12.64 2.28
C CYS A 12 -0.42 -14.05 2.51
N LYS A 13 0.37 -14.21 3.58
CA LYS A 13 0.90 -15.47 4.15
C LYS A 13 1.64 -16.39 3.17
N ASP A 14 2.26 -15.83 2.12
CA ASP A 14 2.91 -16.61 1.06
C ASP A 14 4.39 -16.86 1.40
N ASP A 15 5.19 -15.78 1.46
CA ASP A 15 6.56 -15.79 1.99
C ASP A 15 7.05 -14.37 2.30
N GLU A 16 7.58 -14.11 3.50
CA GLU A 16 8.11 -12.80 3.89
C GLU A 16 9.33 -12.35 3.08
N ASN A 17 10.10 -13.28 2.49
CA ASN A 17 11.23 -12.93 1.63
C ASN A 17 10.83 -12.73 0.14
N LYS A 18 9.56 -13.00 -0.22
CA LYS A 18 9.01 -12.76 -1.57
C LYS A 18 8.07 -11.54 -1.61
N PRO A 19 7.97 -10.84 -2.76
CA PRO A 19 6.96 -9.80 -2.96
C PRO A 19 5.55 -10.42 -3.10
N CYS A 20 4.54 -9.64 -2.68
CA CYS A 20 3.11 -9.95 -2.80
C CYS A 20 2.34 -8.74 -3.38
N ARG A 21 1.00 -8.84 -3.46
CA ARG A 21 0.12 -7.71 -3.77
C ARG A 21 -0.01 -6.69 -2.63
N LYS A 22 0.11 -7.11 -1.38
CA LYS A 22 0.01 -6.21 -0.22
C LYS A 22 1.38 -5.91 0.41
N CYS A 23 2.36 -6.79 0.24
CA CYS A 23 3.75 -6.53 0.61
C CYS A 23 4.45 -5.61 -0.44
N ALA A 24 4.23 -5.86 -1.73
CA ALA A 24 4.76 -5.09 -2.85
C ALA A 24 3.62 -4.58 -3.78
N CYS A 25 3.83 -4.54 -5.10
CA CYS A 25 2.88 -3.98 -6.06
C CYS A 25 1.52 -4.74 -6.04
N HIS A 26 0.41 -4.04 -5.81
CA HIS A 26 -0.93 -4.65 -5.77
C HIS A 26 -1.48 -5.04 -7.15
N VAL A 27 -0.78 -4.63 -8.20
CA VAL A 27 -1.20 -4.68 -9.60
C VAL A 27 -0.40 -5.67 -10.47
N CYS A 28 0.87 -5.93 -10.15
CA CYS A 28 1.67 -7.02 -10.74
C CYS A 28 2.05 -8.11 -9.71
N GLY A 29 1.90 -7.81 -8.42
CA GLY A 29 2.18 -8.76 -7.33
C GLY A 29 3.68 -9.01 -7.13
N GLY A 30 4.50 -7.98 -7.37
CA GLY A 30 5.96 -8.08 -7.46
C GLY A 30 6.67 -6.79 -7.07
N ARG A 31 7.99 -6.86 -7.04
CA ARG A 31 8.88 -5.70 -6.87
C ARG A 31 10.02 -5.72 -7.89
N GLU A 32 10.36 -4.57 -8.43
CA GLU A 32 11.40 -4.40 -9.46
C GLU A 32 12.13 -3.07 -9.24
N ALA A 33 11.36 -1.98 -9.24
CA ALA A 33 11.78 -0.63 -8.85
C ALA A 33 11.10 -0.23 -7.52
N PRO A 34 11.72 -0.48 -6.35
CA PRO A 34 11.23 -0.04 -5.04
C PRO A 34 11.44 1.48 -4.80
N GLU A 35 11.50 2.25 -5.88
CA GLU A 35 11.73 3.69 -5.96
C GLU A 35 10.84 4.30 -7.06
N LYS A 36 9.72 3.61 -7.40
CA LYS A 36 8.73 4.02 -8.40
C LYS A 36 7.34 3.42 -8.12
N GLN A 37 6.93 3.36 -6.85
CA GLN A 37 5.66 2.80 -6.38
C GLN A 37 4.97 3.80 -5.43
N LEU A 38 3.67 3.91 -5.57
CA LEU A 38 2.78 4.76 -4.74
C LEU A 38 2.11 3.96 -3.63
N LEU A 39 1.62 4.64 -2.59
CA LEU A 39 0.90 4.02 -1.47
C LEU A 39 -0.51 4.60 -1.35
N CYS A 40 -1.53 3.76 -1.26
CA CYS A 40 -2.86 4.25 -0.85
C CYS A 40 -2.82 4.92 0.54
N ASP A 41 -3.77 5.80 0.79
CA ASP A 41 -3.98 6.51 2.05
C ASP A 41 -5.05 5.85 2.95
N GLU A 42 -5.81 4.89 2.42
CA GLU A 42 -6.72 4.03 3.20
C GLU A 42 -6.12 2.62 3.45
N CYS A 43 -5.39 2.08 2.47
CA CYS A 43 -4.86 0.72 2.50
C CYS A 43 -3.34 0.67 2.78
N ASP A 44 -2.60 1.72 2.38
CA ASP A 44 -1.13 1.79 2.34
C ASP A 44 -0.47 0.63 1.58
N MET A 45 -1.01 0.32 0.42
CA MET A 45 -0.50 -0.77 -0.46
C MET A 45 0.30 -0.19 -1.63
N ALA A 46 1.36 -0.86 -2.10
CA ALA A 46 2.26 -0.31 -3.14
C ALA A 46 1.66 -0.41 -4.57
N PHE A 47 2.03 0.52 -5.46
CA PHE A 47 1.49 0.60 -6.82
C PHE A 47 2.52 1.24 -7.75
N HIS A 48 3.21 0.42 -8.53
CA HIS A 48 4.15 0.90 -9.56
C HIS A 48 3.56 2.00 -10.44
N LEU A 49 4.30 3.09 -10.65
CA LEU A 49 3.80 4.21 -11.48
C LEU A 49 3.43 3.80 -12.92
N TYR A 50 3.91 2.64 -13.36
CA TYR A 50 3.76 2.10 -14.70
C TYR A 50 2.94 0.81 -14.72
N CYS A 51 2.39 0.36 -13.57
CA CYS A 51 1.44 -0.75 -13.53
C CYS A 51 0.04 -0.21 -13.22
N LEU A 52 -0.01 0.68 -12.22
CA LEU A 52 -1.21 1.28 -11.64
C LEU A 52 -2.00 2.12 -12.66
N LYS A 53 -1.32 2.86 -13.54
CA LYS A 53 -1.88 3.84 -14.48
C LYS A 53 -1.14 3.83 -15.84
N PRO A 54 -1.84 3.86 -17.00
CA PRO A 54 -1.21 3.99 -18.31
C PRO A 54 -0.61 5.37 -18.67
N PRO A 55 -1.18 6.55 -18.28
CA PRO A 55 -0.76 7.86 -18.81
C PRO A 55 0.62 8.34 -18.35
N LEU A 56 0.67 8.99 -17.17
CA LEU A 56 1.90 9.47 -16.53
C LEU A 56 2.76 8.31 -15.96
N THR A 57 4.05 8.61 -15.73
CA THR A 57 5.06 7.69 -15.17
C THR A 57 5.65 8.20 -13.84
N SER A 58 5.10 9.30 -13.31
CA SER A 58 5.61 10.05 -12.15
C SER A 58 4.52 10.27 -11.08
N VAL A 59 4.94 10.39 -9.81
CA VAL A 59 4.07 10.59 -8.65
C VAL A 59 3.47 12.01 -8.62
N PRO A 60 2.14 12.17 -8.37
CA PRO A 60 1.48 13.48 -8.33
C PRO A 60 2.00 14.42 -7.21
N PRO A 61 1.80 15.74 -7.33
CA PRO A 61 2.24 16.74 -6.35
C PRO A 61 1.25 16.97 -5.19
N GLU A 62 0.08 16.32 -5.21
CA GLU A 62 -1.05 16.60 -4.32
C GLU A 62 -0.91 16.06 -2.88
N PRO A 63 -1.80 16.45 -1.94
CA PRO A 63 -1.69 16.08 -0.53
C PRO A 63 -2.13 14.64 -0.17
N GLU A 64 -3.02 14.00 -0.94
CA GLU A 64 -3.48 12.62 -0.68
C GLU A 64 -3.72 11.80 -1.97
N TRP A 65 -3.45 10.49 -1.91
CA TRP A 65 -3.69 9.53 -2.99
C TRP A 65 -4.16 8.19 -2.41
N TYR A 66 -5.22 7.61 -2.99
CA TYR A 66 -5.75 6.28 -2.70
C TYR A 66 -5.74 5.40 -3.97
N CYS A 67 -5.64 4.07 -3.89
CA CYS A 67 -5.70 3.18 -5.05
C CYS A 67 -6.82 3.57 -6.07
N PRO A 68 -6.69 3.25 -7.38
CA PRO A 68 -7.66 3.72 -8.38
C PRO A 68 -9.10 3.26 -8.12
N SER A 69 -9.30 2.10 -7.48
CA SER A 69 -10.61 1.66 -7.01
C SER A 69 -11.14 2.54 -5.86
N CYS A 70 -10.33 2.81 -4.84
CA CYS A 70 -10.67 3.67 -3.70
C CYS A 70 -10.97 5.13 -4.15
N ARG A 71 -10.15 5.66 -5.07
CA ARG A 71 -10.31 7.02 -5.63
C ARG A 71 -11.58 7.14 -6.48
N THR A 72 -12.03 6.05 -7.11
CA THR A 72 -13.30 6.01 -7.86
C THR A 72 -14.49 5.76 -6.93
N ASP A 73 -14.29 5.07 -5.81
CA ASP A 73 -15.32 4.73 -4.80
C ASP A 73 -15.60 5.89 -3.80
N SER A 74 -15.64 7.11 -4.32
CA SER A 74 -16.10 8.36 -3.66
C SER A 74 -15.41 8.77 -2.35
N ARG A 75 -14.20 8.24 -2.05
CA ARG A 75 -13.43 8.57 -0.83
C ARG A 75 -13.07 10.05 -0.70
N ARG A 76 -12.88 10.71 -1.83
CA ARG A 76 -12.73 12.18 -1.98
C ARG A 76 -13.33 12.65 -3.30
N GLU A 77 -14.05 13.77 -3.25
CA GLU A 77 -14.92 14.22 -4.36
C GLU A 77 -14.25 15.05 -5.45
N VAL A 78 -13.03 15.51 -5.18
CA VAL A 78 -12.35 16.52 -6.00
C VAL A 78 -10.83 16.52 -5.78
N GLN A 79 -10.07 17.04 -6.75
CA GLN A 79 -8.63 17.33 -6.59
C GLN A 79 -8.39 18.55 -5.71
N SER A 80 -7.26 18.60 -4.99
CA SER A 80 -6.95 19.70 -4.07
C SER A 80 -6.26 20.86 -4.79
N ALA A 81 -6.60 22.08 -4.37
CA ALA A 81 -5.99 23.32 -4.87
C ALA A 81 -4.89 23.88 -3.93
N PHE A 82 -4.60 23.22 -2.81
CA PHE A 82 -3.63 23.67 -1.80
C PHE A 82 -2.58 22.58 -1.48
N PRO A 83 -1.27 22.85 -1.63
CA PRO A 83 -0.21 21.87 -1.39
C PRO A 83 0.15 21.78 0.11
N LYS A 84 -0.64 21.00 0.88
CA LYS A 84 -0.41 20.76 2.31
C LYS A 84 0.78 19.81 2.56
N ARG A 85 0.97 18.84 1.64
CA ARG A 85 2.10 17.89 1.54
C ARG A 85 2.11 17.28 0.13
N ARG A 86 3.00 16.31 -0.12
CA ARG A 86 3.00 15.42 -1.30
C ARG A 86 2.58 14.00 -0.89
N VAL A 87 2.12 13.18 -1.84
CA VAL A 87 1.64 11.82 -1.56
C VAL A 87 2.74 10.85 -1.13
N ARG A 88 2.32 9.72 -0.55
CA ARG A 88 3.17 8.66 0.00
C ARG A 88 3.68 7.71 -1.09
N THR A 89 4.91 7.24 -0.92
CA THR A 89 5.69 6.52 -1.96
C THR A 89 6.72 5.56 -1.37
N LEU A 90 7.09 4.49 -2.10
CA LEU A 90 8.13 3.54 -1.65
C LEU A 90 9.53 4.16 -1.67
N LEU A 91 9.83 5.02 -2.64
CA LEU A 91 11.02 5.87 -2.66
C LEU A 91 11.21 6.68 -1.36
N SER A 92 10.14 6.91 -0.59
CA SER A 92 10.18 7.42 0.78
C SER A 92 10.15 6.31 1.85
N VAL A 93 9.21 5.35 1.80
CA VAL A 93 9.05 4.28 2.81
C VAL A 93 10.11 3.18 2.67
N LEU A 94 10.22 2.58 1.49
CA LEU A 94 11.08 1.44 1.22
C LEU A 94 12.56 1.84 1.31
N LYS A 95 12.86 3.12 1.10
CA LYS A 95 14.19 3.71 1.29
C LYS A 95 14.55 3.89 2.78
N ASP A 96 13.68 3.49 3.71
CA ASP A 96 13.99 3.42 5.15
C ASP A 96 13.55 2.08 5.77
N PRO A 97 14.42 1.33 6.46
CA PRO A 97 14.04 0.04 7.02
C PRO A 97 12.93 0.12 8.07
N ILE A 98 12.78 1.26 8.76
CA ILE A 98 11.72 1.45 9.76
C ILE A 98 10.38 1.73 9.10
N ALA A 99 10.33 2.61 8.09
CA ALA A 99 9.11 2.91 7.35
C ALA A 99 8.59 1.65 6.61
N LYS A 100 9.51 0.81 6.11
CA LYS A 100 9.22 -0.54 5.59
C LYS A 100 8.50 -1.41 6.60
N MET A 101 9.10 -1.63 7.76
CA MET A 101 8.56 -2.55 8.78
C MET A 101 7.32 -1.95 9.45
N ARG A 102 7.25 -0.64 9.58
CA ARG A 102 6.10 0.07 10.11
C ARG A 102 4.92 -0.10 9.16
N ARG A 103 5.06 0.22 7.88
CA ARG A 103 3.98 -0.05 6.90
C ARG A 103 3.62 -1.53 6.78
N LEU A 104 4.54 -2.45 7.06
CA LEU A 104 4.27 -3.88 6.91
C LEU A 104 3.66 -4.55 8.14
N VAL A 105 3.97 -4.06 9.34
CA VAL A 105 3.42 -4.56 10.60
C VAL A 105 2.32 -3.65 11.12
N ARG A 106 2.61 -2.35 11.27
CA ARG A 106 1.72 -1.35 11.88
C ARG A 106 0.48 -1.12 11.02
N ILE A 107 0.65 -1.00 9.70
CA ILE A 107 -0.48 -0.84 8.76
C ILE A 107 -1.26 -2.15 8.58
N GLU A 108 -0.55 -3.25 8.38
CA GLU A 108 -1.16 -4.58 8.28
C GLU A 108 -2.05 -4.86 9.50
N GLN A 109 -1.57 -4.58 10.73
CA GLN A 109 -2.40 -4.69 11.94
C GLN A 109 -3.59 -3.70 11.95
N ARG A 110 -3.44 -2.47 11.44
CA ARG A 110 -4.52 -1.47 11.34
C ARG A 110 -5.72 -2.02 10.55
N GLN A 111 -5.46 -2.55 9.34
CA GLN A 111 -6.51 -3.12 8.48
C GLN A 111 -6.98 -4.50 8.95
N LYS A 112 -6.08 -5.38 9.39
CA LYS A 112 -6.44 -6.75 9.82
C LYS A 112 -7.30 -6.76 11.10
N ARG A 113 -7.13 -5.79 12.01
CA ARG A 113 -8.04 -5.58 13.15
C ARG A 113 -9.41 -5.03 12.73
N LEU A 114 -9.46 -4.18 11.71
CA LEU A 114 -10.73 -3.66 11.15
C LEU A 114 -11.52 -4.76 10.42
N GLU A 115 -10.85 -5.72 9.79
CA GLU A 115 -11.45 -6.90 9.14
C GLU A 115 -12.15 -7.85 10.12
N GLY A 116 -11.89 -7.73 11.42
CA GLY A 116 -12.51 -8.48 12.52
C GLY A 116 -12.72 -7.61 13.75
N ASN A 117 -13.35 -6.45 13.58
CA ASN A 117 -13.44 -5.38 14.58
C ASN A 117 -14.05 -5.83 15.92
N GLU A 118 -13.32 -5.53 17.01
CA GLU A 118 -13.67 -5.86 18.40
C GLU A 118 -14.57 -4.81 19.09
N PHE A 119 -14.73 -3.65 18.46
CA PHE A 119 -15.48 -2.48 18.91
C PHE A 119 -16.09 -1.76 17.68
N GLU A 120 -16.77 -0.62 17.88
CA GLU A 120 -17.21 0.26 16.80
C GLU A 120 -16.02 0.69 15.89
N ARG A 121 -16.25 0.80 14.58
CA ARG A 121 -15.21 0.99 13.54
C ARG A 121 -14.41 2.28 13.68
N ASP A 122 -14.95 3.30 14.36
CA ASP A 122 -14.27 4.56 14.69
C ASP A 122 -13.41 4.43 15.97
N SER A 123 -12.54 3.41 16.02
CA SER A 123 -11.70 3.05 17.18
C SER A 123 -10.39 3.84 17.30
N GLU A 124 -10.07 4.68 16.30
CA GLU A 124 -8.87 5.54 16.24
C GLU A 124 -7.52 4.82 16.55
N PRO A 125 -7.17 3.75 15.80
CA PRO A 125 -5.91 3.00 16.01
C PRO A 125 -4.66 3.77 15.59
N PHE A 126 -4.79 4.75 14.67
CA PHE A 126 -3.74 5.65 14.16
C PHE A 126 -4.01 7.10 14.61
ZN ZN B . 2.83 -10.76 1.84
ZN ZN C . -6.91 1.69 -1.30
ZN ZN D . 4.01 -3.55 -10.55
N GLY A 1 -7.47 -23.13 0.24
CA GLY A 1 -6.83 -23.92 1.32
C GLY A 1 -5.31 -23.79 1.25
N PRO A 2 -4.63 -23.56 2.39
CA PRO A 2 -3.17 -23.34 2.43
C PRO A 2 -2.36 -24.60 2.11
N LEU A 3 -1.11 -24.40 1.69
CA LEU A 3 -0.12 -25.43 1.37
C LEU A 3 0.98 -25.54 2.43
N GLY A 4 1.28 -24.46 3.17
CA GLY A 4 2.32 -24.43 4.22
C GLY A 4 3.75 -24.54 3.69
N SER A 5 4.00 -24.10 2.44
CA SER A 5 5.25 -24.31 1.69
C SER A 5 6.48 -23.55 2.21
N GLY A 6 6.29 -22.55 3.07
CA GLY A 6 7.38 -21.73 3.65
C GLY A 6 6.89 -20.70 4.67
N PRO A 7 7.80 -19.87 5.23
CA PRO A 7 7.46 -18.80 6.18
C PRO A 7 6.54 -17.76 5.52
N SER A 8 5.40 -17.46 6.15
CA SER A 8 4.29 -16.67 5.58
C SER A 8 3.98 -15.36 6.31
N CYS A 9 3.50 -14.37 5.54
CA CYS A 9 2.86 -13.17 6.04
C CYS A 9 1.47 -13.55 6.61
N ARG A 10 0.68 -12.57 7.05
CA ARG A 10 -0.71 -12.83 7.53
C ARG A 10 -1.74 -12.36 6.55
N PHE A 11 -1.46 -11.24 5.89
CA PHE A 11 -2.47 -10.58 5.07
C PHE A 11 -2.39 -11.00 3.58
N CYS A 12 -1.32 -11.71 3.22
CA CYS A 12 -0.95 -12.12 1.85
C CYS A 12 -0.48 -13.60 1.81
N LYS A 13 0.27 -14.03 2.83
CA LYS A 13 0.76 -15.40 3.10
C LYS A 13 1.42 -16.09 1.88
N ASP A 14 2.16 -15.33 1.08
CA ASP A 14 2.83 -15.86 -0.10
C ASP A 14 4.15 -16.52 0.33
N ASP A 15 5.10 -15.70 0.75
CA ASP A 15 6.36 -16.04 1.42
C ASP A 15 7.03 -14.76 1.93
N GLU A 16 7.57 -14.74 3.15
CA GLU A 16 8.24 -13.55 3.69
C GLU A 16 9.50 -13.14 2.91
N ASN A 17 10.11 -14.06 2.14
CA ASN A 17 11.24 -13.73 1.27
C ASN A 17 10.82 -13.32 -0.16
N LYS A 18 9.53 -13.43 -0.52
CA LYS A 18 8.97 -13.05 -1.83
C LYS A 18 8.17 -11.74 -1.79
N PRO A 19 8.04 -11.01 -2.91
CA PRO A 19 7.09 -9.91 -3.03
C PRO A 19 5.65 -10.45 -3.03
N CYS A 20 4.72 -9.65 -2.51
CA CYS A 20 3.28 -9.90 -2.53
C CYS A 20 2.52 -8.68 -3.10
N ARG A 21 1.20 -8.82 -3.21
CA ARG A 21 0.26 -7.72 -3.51
C ARG A 21 -0.03 -6.78 -2.34
N LYS A 22 0.22 -7.20 -1.10
CA LYS A 22 0.18 -6.33 0.09
C LYS A 22 1.57 -5.85 0.51
N CYS A 23 2.62 -6.51 0.01
CA CYS A 23 4.01 -6.22 0.38
C CYS A 23 4.72 -5.32 -0.65
N ALA A 24 4.64 -5.70 -1.92
CA ALA A 24 5.04 -4.92 -3.09
C ALA A 24 3.79 -4.51 -3.89
N CYS A 25 3.89 -4.46 -5.22
CA CYS A 25 2.83 -3.95 -6.10
C CYS A 25 1.51 -4.71 -5.93
N HIS A 26 0.41 -4.03 -5.60
CA HIS A 26 -0.93 -4.63 -5.52
C HIS A 26 -1.48 -5.11 -6.88
N VAL A 27 -0.92 -4.57 -7.96
CA VAL A 27 -1.43 -4.66 -9.34
C VAL A 27 -0.70 -5.68 -10.22
N CYS A 28 0.59 -5.94 -9.97
CA CYS A 28 1.35 -7.04 -10.58
C CYS A 28 1.78 -8.12 -9.56
N GLY A 29 1.68 -7.80 -8.27
CA GLY A 29 1.98 -8.74 -7.17
C GLY A 29 3.48 -9.04 -7.04
N GLY A 30 4.33 -8.05 -7.34
CA GLY A 30 5.77 -8.19 -7.50
C GLY A 30 6.53 -6.89 -7.25
N ARG A 31 7.86 -6.97 -7.28
CA ARG A 31 8.78 -5.82 -7.12
C ARG A 31 9.84 -5.75 -8.23
N GLU A 32 10.30 -4.55 -8.53
CA GLU A 32 11.43 -4.28 -9.44
C GLU A 32 12.09 -2.94 -9.11
N ALA A 33 11.28 -1.88 -8.97
CA ALA A 33 11.68 -0.54 -8.58
C ALA A 33 11.12 -0.14 -7.18
N PRO A 34 11.96 -0.07 -6.13
CA PRO A 34 11.60 0.50 -4.82
C PRO A 34 11.47 2.04 -4.82
N GLU A 35 11.58 2.66 -6.00
CA GLU A 35 11.68 4.10 -6.24
C GLU A 35 10.71 4.53 -7.36
N LYS A 36 9.60 3.80 -7.52
CA LYS A 36 8.52 4.11 -8.48
C LYS A 36 7.19 3.44 -8.13
N GLN A 37 6.82 3.42 -6.84
CA GLN A 37 5.57 2.88 -6.31
C GLN A 37 4.88 3.90 -5.39
N LEU A 38 3.56 3.94 -5.49
CA LEU A 38 2.65 4.80 -4.69
C LEU A 38 2.01 4.04 -3.55
N LEU A 39 1.58 4.74 -2.50
CA LEU A 39 0.91 4.13 -1.34
C LEU A 39 -0.49 4.70 -1.14
N CYS A 40 -1.48 3.82 -0.94
CA CYS A 40 -2.75 4.30 -0.42
C CYS A 40 -2.58 4.93 0.98
N ASP A 41 -3.35 5.98 1.22
CA ASP A 41 -3.38 6.70 2.50
C ASP A 41 -4.31 6.03 3.54
N GLU A 42 -5.20 5.12 3.10
CA GLU A 42 -6.02 4.28 3.99
C GLU A 42 -5.42 2.88 4.19
N CYS A 43 -4.91 2.26 3.12
CA CYS A 43 -4.46 0.86 3.12
C CYS A 43 -2.91 0.73 3.30
N ASP A 44 -2.16 1.75 2.88
CA ASP A 44 -0.69 1.77 2.74
C ASP A 44 -0.14 0.65 1.85
N MET A 45 -0.82 0.42 0.73
CA MET A 45 -0.43 -0.65 -0.22
C MET A 45 0.36 -0.07 -1.39
N ALA A 46 1.43 -0.74 -1.85
CA ALA A 46 2.29 -0.24 -2.92
C ALA A 46 1.69 -0.43 -4.33
N PHE A 47 2.00 0.47 -5.27
CA PHE A 47 1.46 0.46 -6.62
C PHE A 47 2.44 1.12 -7.58
N HIS A 48 3.11 0.33 -8.40
CA HIS A 48 4.00 0.84 -9.46
C HIS A 48 3.34 1.94 -10.29
N LEU A 49 4.06 3.04 -10.52
CA LEU A 49 3.57 4.14 -11.36
C LEU A 49 3.16 3.70 -12.78
N TYR A 50 3.68 2.57 -13.23
CA TYR A 50 3.53 2.03 -14.58
C TYR A 50 2.65 0.77 -14.61
N CYS A 51 2.15 0.32 -13.45
CA CYS A 51 1.15 -0.75 -13.38
C CYS A 51 -0.23 -0.18 -12.98
N LEU A 52 -0.25 0.71 -11.98
CA LEU A 52 -1.44 1.38 -11.45
C LEU A 52 -2.10 2.30 -12.48
N LYS A 53 -1.31 2.86 -13.41
CA LYS A 53 -1.74 3.70 -14.54
C LYS A 53 -0.86 3.40 -15.79
N PRO A 54 -1.40 3.36 -17.02
CA PRO A 54 -0.59 3.20 -18.24
C PRO A 54 0.26 4.41 -18.69
N PRO A 55 -0.19 5.69 -18.57
CA PRO A 55 0.49 6.83 -19.22
C PRO A 55 1.85 7.22 -18.61
N LEU A 56 1.80 7.90 -17.46
CA LEU A 56 2.95 8.49 -16.76
C LEU A 56 3.85 7.48 -16.02
N THR A 57 5.05 7.93 -15.61
CA THR A 57 6.05 7.16 -14.86
C THR A 57 6.41 7.82 -13.51
N SER A 58 5.73 8.92 -13.16
CA SER A 58 6.05 9.79 -12.01
C SER A 58 4.83 10.04 -11.10
N VAL A 59 5.07 10.27 -9.81
CA VAL A 59 4.04 10.54 -8.79
C VAL A 59 3.35 11.90 -9.03
N PRO A 60 2.00 11.96 -9.02
CA PRO A 60 1.25 13.19 -9.27
C PRO A 60 1.38 14.21 -8.11
N PRO A 61 1.46 15.53 -8.41
CA PRO A 61 1.53 16.57 -7.38
C PRO A 61 0.13 16.91 -6.84
N GLU A 62 -0.24 16.25 -5.74
CA GLU A 62 -1.49 16.47 -4.99
C GLU A 62 -1.31 16.22 -3.47
N PRO A 63 -2.26 16.63 -2.60
CA PRO A 63 -2.07 16.54 -1.16
C PRO A 63 -2.30 15.13 -0.56
N GLU A 64 -3.18 14.32 -1.14
CA GLU A 64 -3.52 12.96 -0.66
C GLU A 64 -3.83 12.00 -1.82
N TRP A 65 -3.50 10.71 -1.64
CA TRP A 65 -3.75 9.64 -2.61
C TRP A 65 -4.13 8.33 -1.92
N TYR A 66 -5.21 7.71 -2.40
CA TYR A 66 -5.72 6.38 -2.04
C TYR A 66 -5.83 5.51 -3.31
N CYS A 67 -5.73 4.17 -3.25
CA CYS A 67 -5.95 3.31 -4.41
C CYS A 67 -7.21 3.71 -5.25
N PRO A 68 -7.27 3.42 -6.56
CA PRO A 68 -8.32 3.96 -7.45
C PRO A 68 -9.75 3.59 -7.04
N SER A 69 -9.97 2.45 -6.38
CA SER A 69 -11.24 2.09 -5.77
C SER A 69 -11.57 2.93 -4.52
N CYS A 70 -10.63 3.08 -3.59
CA CYS A 70 -10.76 3.95 -2.41
C CYS A 70 -11.00 5.42 -2.80
N ARG A 71 -10.35 5.88 -3.87
CA ARG A 71 -10.45 7.25 -4.41
C ARG A 71 -11.82 7.57 -5.03
N THR A 72 -12.52 6.56 -5.57
CA THR A 72 -13.77 6.75 -6.33
C THR A 72 -15.04 6.26 -5.61
N ASP A 73 -14.91 5.36 -4.64
CA ASP A 73 -16.01 4.85 -3.78
C ASP A 73 -16.09 5.57 -2.42
N SER A 74 -15.54 6.78 -2.32
CA SER A 74 -15.52 7.62 -1.11
C SER A 74 -16.90 8.17 -0.72
N ARG A 75 -17.07 8.54 0.56
CA ARG A 75 -18.33 9.04 1.14
C ARG A 75 -18.71 10.45 0.66
N ARG A 76 -17.70 11.28 0.41
CA ARG A 76 -17.76 12.66 -0.09
C ARG A 76 -16.44 13.07 -0.77
N GLU A 77 -16.45 14.20 -1.45
CA GLU A 77 -15.25 14.82 -2.05
C GLU A 77 -15.15 16.32 -1.72
N VAL A 78 -13.92 16.78 -1.48
CA VAL A 78 -13.55 18.19 -1.26
C VAL A 78 -12.17 18.46 -1.89
N GLN A 79 -11.93 19.68 -2.38
CA GLN A 79 -10.72 20.04 -3.14
C GLN A 79 -10.24 21.48 -2.85
N SER A 80 -8.99 21.76 -3.21
CA SER A 80 -8.31 23.05 -3.08
C SER A 80 -7.72 23.53 -4.43
N ALA A 81 -7.52 24.84 -4.57
CA ALA A 81 -6.87 25.45 -5.73
C ALA A 81 -5.32 25.38 -5.71
N PHE A 82 -4.76 24.87 -4.61
CA PHE A 82 -3.33 24.82 -4.29
C PHE A 82 -2.92 23.45 -3.74
N PRO A 83 -1.74 22.89 -4.11
CA PRO A 83 -1.21 21.67 -3.52
C PRO A 83 -0.67 21.95 -2.10
N LYS A 84 -1.38 21.48 -1.07
CA LYS A 84 -1.04 21.71 0.34
C LYS A 84 0.13 20.85 0.85
N ARG A 85 0.36 19.72 0.19
CA ARG A 85 1.28 18.62 0.56
C ARG A 85 1.62 17.79 -0.68
N ARG A 86 2.45 16.75 -0.52
CA ARG A 86 2.74 15.72 -1.54
C ARG A 86 2.44 14.30 -1.00
N VAL A 87 2.02 13.40 -1.89
CA VAL A 87 1.54 12.04 -1.56
C VAL A 87 2.64 11.05 -1.14
N ARG A 88 2.19 9.94 -0.52
CA ARG A 88 3.06 8.87 0.00
C ARG A 88 3.56 7.95 -1.13
N THR A 89 4.81 7.51 -1.01
CA THR A 89 5.57 6.78 -2.05
C THR A 89 6.67 5.88 -1.44
N LEU A 90 7.06 4.78 -2.11
CA LEU A 90 8.07 3.84 -1.58
C LEU A 90 9.48 4.47 -1.54
N LEU A 91 9.79 5.31 -2.50
CA LEU A 91 10.98 6.18 -2.51
C LEU A 91 11.12 7.01 -1.20
N SER A 92 10.01 7.20 -0.48
CA SER A 92 9.99 7.74 0.90
C SER A 92 9.91 6.66 2.00
N VAL A 93 9.00 5.68 1.94
CA VAL A 93 8.85 4.63 2.97
C VAL A 93 9.94 3.58 2.87
N LEU A 94 10.10 2.96 1.70
CA LEU A 94 10.98 1.82 1.47
C LEU A 94 12.45 2.24 1.63
N LYS A 95 12.73 3.52 1.37
CA LYS A 95 14.05 4.15 1.54
C LYS A 95 14.34 4.52 3.00
N ASP A 96 13.46 4.16 3.94
CA ASP A 96 13.71 4.28 5.39
C ASP A 96 13.45 2.93 6.11
N PRO A 97 14.40 2.40 6.91
CA PRO A 97 14.21 1.09 7.54
C PRO A 97 13.06 1.04 8.54
N ILE A 98 12.67 2.17 9.13
CA ILE A 98 11.53 2.24 10.06
C ILE A 98 10.21 2.29 9.31
N ALA A 99 10.07 3.15 8.31
CA ALA A 99 8.85 3.30 7.52
C ALA A 99 8.49 2.01 6.78
N LYS A 100 9.49 1.26 6.31
CA LYS A 100 9.38 -0.10 5.77
C LYS A 100 8.71 -1.06 6.74
N MET A 101 9.25 -1.19 7.96
CA MET A 101 8.78 -2.14 8.96
C MET A 101 7.47 -1.67 9.59
N ARG A 102 7.27 -0.36 9.71
CA ARG A 102 6.05 0.26 10.24
C ARG A 102 4.90 -0.01 9.28
N ARG A 103 5.04 0.26 7.98
CA ARG A 103 4.00 -0.10 7.02
C ARG A 103 3.78 -1.62 6.91
N LEU A 104 4.80 -2.44 7.15
CA LEU A 104 4.65 -3.89 6.97
C LEU A 104 4.08 -4.62 8.18
N VAL A 105 4.35 -4.14 9.38
CA VAL A 105 3.83 -4.69 10.64
C VAL A 105 2.63 -3.91 11.14
N ARG A 106 2.79 -2.59 11.31
CA ARG A 106 1.82 -1.68 11.92
C ARG A 106 0.57 -1.53 11.05
N ILE A 107 0.73 -1.45 9.74
CA ILE A 107 -0.41 -1.45 8.81
C ILE A 107 -1.03 -2.83 8.66
N GLU A 108 -0.22 -3.85 8.40
CA GLU A 108 -0.74 -5.20 8.13
C GLU A 108 -1.59 -5.70 9.30
N GLN A 109 -1.12 -5.52 10.54
CA GLN A 109 -1.86 -5.95 11.74
C GLN A 109 -3.21 -5.23 11.89
N ARG A 110 -3.33 -3.95 11.49
CA ARG A 110 -4.60 -3.20 11.51
C ARG A 110 -5.66 -3.85 10.60
N GLN A 111 -5.32 -4.06 9.32
CA GLN A 111 -6.24 -4.67 8.35
C GLN A 111 -6.43 -6.17 8.54
N LYS A 112 -5.42 -6.90 9.02
CA LYS A 112 -5.54 -8.32 9.34
C LYS A 112 -6.51 -8.57 10.49
N ARG A 113 -6.56 -7.71 11.51
CA ARG A 113 -7.56 -7.79 12.59
C ARG A 113 -8.96 -7.37 12.12
N LEU A 114 -9.04 -6.43 11.18
CA LEU A 114 -10.29 -5.95 10.59
C LEU A 114 -11.02 -7.02 9.78
N GLU A 115 -10.27 -7.87 9.06
CA GLU A 115 -10.85 -8.99 8.29
C GLU A 115 -11.35 -10.16 9.16
N GLY A 116 -10.91 -10.24 10.43
CA GLY A 116 -11.25 -11.31 11.37
C GLY A 116 -10.16 -11.59 12.41
N ASN A 117 -10.56 -12.13 13.56
CA ASN A 117 -9.70 -12.32 14.74
C ASN A 117 -8.89 -13.64 14.77
N GLU A 118 -9.07 -14.54 13.80
CA GLU A 118 -8.34 -15.82 13.73
C GLU A 118 -6.88 -15.64 13.28
N PHE A 119 -6.01 -16.58 13.69
CA PHE A 119 -4.55 -16.54 13.43
C PHE A 119 -3.98 -17.93 13.05
N GLU A 120 -4.84 -18.85 12.58
CA GLU A 120 -4.50 -20.25 12.30
C GLU A 120 -4.11 -20.51 10.82
N ARG A 121 -4.09 -19.46 9.99
CA ARG A 121 -3.67 -19.48 8.58
C ARG A 121 -2.18 -19.78 8.37
N ASP A 122 -1.85 -20.25 7.17
CA ASP A 122 -0.50 -20.61 6.71
C ASP A 122 -0.25 -20.15 5.26
N SER A 123 0.96 -20.38 4.73
CA SER A 123 1.33 -20.10 3.33
C SER A 123 0.32 -20.69 2.32
N GLU A 124 -0.16 -19.89 1.38
CA GLU A 124 -1.26 -20.25 0.46
C GLU A 124 -0.99 -19.90 -1.02
N PRO A 125 -0.99 -18.62 -1.48
CA PRO A 125 -0.63 -18.29 -2.85
C PRO A 125 0.89 -18.47 -3.11
N PHE A 126 1.26 -18.66 -4.38
CA PHE A 126 2.66 -18.75 -4.83
C PHE A 126 2.88 -18.27 -6.28
ZN ZN B . 3.49 -10.46 2.13
ZN ZN C . -6.81 1.81 -0.54
ZN ZN D . 3.79 -3.61 -10.60
N GLY A 1 -4.72 -16.73 -0.47
CA GLY A 1 -3.27 -16.66 -0.15
C GLY A 1 -2.82 -17.88 0.63
N PRO A 2 -2.06 -18.81 0.00
CA PRO A 2 -1.51 -20.01 0.66
C PRO A 2 -0.52 -19.69 1.79
N LEU A 3 -0.20 -20.69 2.61
CA LEU A 3 0.73 -20.58 3.76
C LEU A 3 2.21 -20.76 3.36
N GLY A 4 2.49 -21.18 2.12
CA GLY A 4 3.84 -21.29 1.56
C GLY A 4 4.75 -22.33 2.24
N SER A 5 6.07 -22.08 2.16
CA SER A 5 7.15 -23.01 2.57
C SER A 5 8.23 -22.36 3.44
N GLY A 6 7.90 -21.24 4.10
CA GLY A 6 8.85 -20.42 4.89
C GLY A 6 8.16 -19.38 5.78
N PRO A 7 8.86 -18.28 6.16
CA PRO A 7 8.28 -17.21 6.99
C PRO A 7 7.06 -16.58 6.33
N SER A 8 5.90 -16.59 6.99
CA SER A 8 4.62 -16.12 6.44
C SER A 8 4.23 -14.73 6.95
N CYS A 9 3.73 -13.87 6.05
CA CYS A 9 3.08 -12.60 6.32
C CYS A 9 1.68 -12.85 6.93
N ARG A 10 0.92 -11.79 7.23
CA ARG A 10 -0.44 -11.92 7.80
C ARG A 10 -1.51 -11.64 6.80
N PHE A 11 -1.26 -10.66 5.94
CA PHE A 11 -2.30 -10.17 5.05
C PHE A 11 -2.27 -10.89 3.67
N CYS A 12 -1.28 -11.78 3.47
CA CYS A 12 -1.06 -12.55 2.23
C CYS A 12 -0.44 -13.96 2.48
N LYS A 13 0.36 -14.08 3.55
CA LYS A 13 0.94 -15.31 4.16
C LYS A 13 1.79 -16.23 3.26
N ASP A 14 2.17 -15.81 2.06
CA ASP A 14 2.85 -16.68 1.10
C ASP A 14 4.34 -16.82 1.47
N ASP A 15 5.07 -15.70 1.48
CA ASP A 15 6.40 -15.62 2.08
C ASP A 15 6.83 -14.17 2.31
N GLU A 16 7.36 -13.83 3.49
CA GLU A 16 7.83 -12.49 3.81
C GLU A 16 9.08 -12.08 3.00
N ASN A 17 9.88 -13.04 2.50
CA ASN A 17 11.01 -12.74 1.60
C ASN A 17 10.60 -12.64 0.11
N LYS A 18 9.35 -12.98 -0.25
CA LYS A 18 8.79 -12.85 -1.60
C LYS A 18 7.92 -11.58 -1.73
N PRO A 19 7.77 -11.01 -2.94
CA PRO A 19 6.79 -9.97 -3.23
C PRO A 19 5.36 -10.55 -3.23
N CYS A 20 4.41 -9.72 -2.80
CA CYS A 20 2.97 -9.99 -2.82
C CYS A 20 2.20 -8.75 -3.32
N ARG A 21 0.87 -8.82 -3.29
CA ARG A 21 -0.05 -7.68 -3.50
C ARG A 21 0.00 -6.66 -2.35
N LYS A 22 0.40 -7.08 -1.15
CA LYS A 22 0.48 -6.23 0.05
C LYS A 22 1.94 -5.87 0.40
N CYS A 23 2.84 -6.83 0.18
CA CYS A 23 4.27 -6.71 0.43
C CYS A 23 5.01 -5.92 -0.70
N ALA A 24 4.47 -5.95 -1.92
CA ALA A 24 4.91 -5.20 -3.08
C ALA A 24 3.69 -4.69 -3.88
N CYS A 25 3.78 -4.65 -5.22
CA CYS A 25 2.76 -4.08 -6.09
C CYS A 25 1.39 -4.77 -5.92
N HIS A 26 0.34 -4.03 -5.60
CA HIS A 26 -1.04 -4.53 -5.48
C HIS A 26 -1.69 -4.84 -6.85
N VAL A 27 -1.04 -4.43 -7.94
CA VAL A 27 -1.59 -4.43 -9.30
C VAL A 27 -0.94 -5.48 -10.22
N CYS A 28 0.32 -5.85 -9.99
CA CYS A 28 0.98 -6.99 -10.65
C CYS A 28 1.39 -8.11 -9.67
N GLY A 29 1.41 -7.80 -8.37
CA GLY A 29 1.75 -8.76 -7.30
C GLY A 29 3.25 -9.08 -7.23
N GLY A 30 4.11 -8.12 -7.56
CA GLY A 30 5.55 -8.30 -7.74
C GLY A 30 6.36 -7.05 -7.41
N ARG A 31 7.70 -7.16 -7.46
CA ARG A 31 8.64 -6.06 -7.26
C ARG A 31 9.75 -6.03 -8.32
N GLU A 32 10.22 -4.83 -8.65
CA GLU A 32 11.41 -4.61 -9.50
C GLU A 32 12.10 -3.29 -9.14
N ALA A 33 11.32 -2.20 -9.15
CA ALA A 33 11.75 -0.86 -8.75
C ALA A 33 11.21 -0.49 -7.35
N PRO A 34 12.08 -0.34 -6.31
CA PRO A 34 11.70 0.21 -5.00
C PRO A 34 11.63 1.75 -4.99
N GLU A 35 11.68 2.37 -6.17
CA GLU A 35 11.77 3.81 -6.39
C GLU A 35 10.81 4.29 -7.50
N LYS A 36 9.75 3.51 -7.79
CA LYS A 36 8.63 3.84 -8.70
C LYS A 36 7.32 3.16 -8.26
N GLN A 37 6.97 3.21 -6.98
CA GLN A 37 5.71 2.70 -6.43
C GLN A 37 5.07 3.76 -5.52
N LEU A 38 3.74 3.85 -5.63
CA LEU A 38 2.85 4.73 -4.84
C LEU A 38 2.20 3.96 -3.69
N LEU A 39 1.74 4.66 -2.67
CA LEU A 39 1.04 4.07 -1.53
C LEU A 39 -0.39 4.58 -1.44
N CYS A 40 -1.37 3.69 -1.25
CA CYS A 40 -2.71 4.14 -0.88
C CYS A 40 -2.68 4.84 0.51
N ASP A 41 -3.70 5.65 0.83
CA ASP A 41 -3.91 6.31 2.12
C ASP A 41 -4.98 5.60 2.99
N GLU A 42 -5.74 4.67 2.41
CA GLU A 42 -6.67 3.78 3.12
C GLU A 42 -6.09 2.37 3.31
N CYS A 43 -5.45 1.82 2.27
CA CYS A 43 -4.88 0.47 2.28
C CYS A 43 -3.37 0.48 2.65
N ASP A 44 -2.67 1.57 2.31
CA ASP A 44 -1.20 1.70 2.37
C ASP A 44 -0.44 0.60 1.62
N MET A 45 -0.94 0.24 0.44
CA MET A 45 -0.33 -0.81 -0.41
C MET A 45 0.53 -0.19 -1.50
N ALA A 46 1.60 -0.85 -1.96
CA ALA A 46 2.46 -0.33 -3.03
C ALA A 46 1.80 -0.48 -4.42
N PHE A 47 2.08 0.42 -5.36
CA PHE A 47 1.49 0.43 -6.69
C PHE A 47 2.46 1.07 -7.67
N HIS A 48 3.09 0.25 -8.50
CA HIS A 48 4.02 0.72 -9.56
C HIS A 48 3.42 1.84 -10.40
N LEU A 49 4.19 2.91 -10.61
CA LEU A 49 3.78 4.03 -11.47
C LEU A 49 3.35 3.62 -12.88
N TYR A 50 3.79 2.45 -13.34
CA TYR A 50 3.59 1.92 -14.68
C TYR A 50 2.62 0.72 -14.72
N CYS A 51 2.15 0.26 -13.55
CA CYS A 51 1.07 -0.72 -13.46
C CYS A 51 -0.26 -0.04 -13.08
N LEU A 52 -0.19 0.87 -12.10
CA LEU A 52 -1.30 1.68 -11.58
C LEU A 52 -1.80 2.76 -12.58
N LYS A 53 -0.96 3.19 -13.53
CA LYS A 53 -1.27 4.21 -14.55
C LYS A 53 -0.59 3.95 -15.91
N PRO A 54 -1.32 4.04 -17.04
CA PRO A 54 -0.74 4.09 -18.38
C PRO A 54 -0.06 5.43 -18.78
N PRO A 55 -0.55 6.64 -18.40
CA PRO A 55 -0.06 7.91 -18.96
C PRO A 55 1.39 8.26 -18.64
N LEU A 56 1.66 8.39 -17.35
CA LEU A 56 2.87 8.96 -16.74
C LEU A 56 3.64 7.96 -15.85
N THR A 57 4.89 8.32 -15.52
CA THR A 57 5.87 7.49 -14.79
C THR A 57 6.31 8.14 -13.46
N SER A 58 5.61 9.20 -13.05
CA SER A 58 5.92 10.05 -11.89
C SER A 58 4.72 10.25 -10.95
N VAL A 59 5.01 10.46 -9.66
CA VAL A 59 4.00 10.63 -8.59
C VAL A 59 3.25 11.97 -8.72
N PRO A 60 1.90 11.98 -8.65
CA PRO A 60 1.10 13.19 -8.79
C PRO A 60 1.24 14.16 -7.59
N PRO A 61 1.28 15.49 -7.80
CA PRO A 61 1.40 16.49 -6.74
C PRO A 61 0.05 16.82 -6.09
N GLU A 62 -0.25 16.17 -4.96
CA GLU A 62 -1.45 16.35 -4.13
C GLU A 62 -1.15 15.94 -2.66
N PRO A 63 -2.02 16.24 -1.67
CA PRO A 63 -1.79 15.89 -0.27
C PRO A 63 -2.15 14.44 0.09
N GLU A 64 -3.22 13.87 -0.49
CA GLU A 64 -3.67 12.50 -0.26
C GLU A 64 -3.94 11.76 -1.57
N TRP A 65 -3.62 10.46 -1.60
CA TRP A 65 -3.80 9.60 -2.76
C TRP A 65 -4.23 8.20 -2.28
N TYR A 66 -5.26 7.66 -2.90
CA TYR A 66 -5.78 6.32 -2.67
C TYR A 66 -5.79 5.54 -3.98
N CYS A 67 -5.54 4.22 -3.96
CA CYS A 67 -5.60 3.38 -5.14
C CYS A 67 -6.83 3.56 -6.06
N PRO A 68 -6.75 3.21 -7.35
CA PRO A 68 -7.91 3.26 -8.25
C PRO A 68 -9.15 2.50 -7.74
N SER A 69 -8.99 1.45 -6.93
CA SER A 69 -10.12 0.74 -6.32
C SER A 69 -10.83 1.59 -5.25
N CYS A 70 -10.09 2.22 -4.31
CA CYS A 70 -10.65 3.21 -3.40
C CYS A 70 -11.14 4.46 -4.15
N ARG A 71 -10.35 4.93 -5.12
CA ARG A 71 -10.56 6.24 -5.77
C ARG A 71 -11.78 6.25 -6.70
N THR A 72 -12.07 5.13 -7.36
CA THR A 72 -13.10 5.02 -8.41
C THR A 72 -14.26 4.07 -8.06
N ASP A 73 -14.04 3.04 -7.24
CA ASP A 73 -15.03 1.95 -7.01
C ASP A 73 -15.66 1.96 -5.59
N SER A 74 -15.32 2.97 -4.77
CA SER A 74 -16.00 3.23 -3.49
C SER A 74 -17.37 3.93 -3.68
N ARG A 75 -18.02 4.30 -2.57
CA ARG A 75 -19.34 4.95 -2.50
C ARG A 75 -19.48 6.20 -3.38
N ARG A 76 -18.44 7.03 -3.31
CA ARG A 76 -18.15 8.19 -4.15
C ARG A 76 -16.68 8.25 -4.59
N GLU A 77 -16.37 9.08 -5.57
CA GLU A 77 -14.99 9.37 -5.98
C GLU A 77 -14.25 10.22 -4.94
N VAL A 78 -12.94 10.00 -4.78
CA VAL A 78 -12.11 10.63 -3.73
C VAL A 78 -10.95 11.41 -4.35
N GLN A 79 -10.89 12.72 -4.10
CA GLN A 79 -9.93 13.67 -4.70
C GLN A 79 -9.42 14.69 -3.67
N SER A 80 -8.25 15.29 -3.93
CA SER A 80 -7.70 16.44 -3.20
C SER A 80 -6.89 17.36 -4.12
N ALA A 81 -6.79 18.66 -3.78
CA ALA A 81 -6.24 19.69 -4.69
C ALA A 81 -5.34 20.76 -4.03
N PHE A 82 -5.37 20.92 -2.70
CA PHE A 82 -4.66 21.99 -1.98
C PHE A 82 -3.29 21.53 -1.42
N PRO A 83 -2.23 22.36 -1.44
CA PRO A 83 -0.88 22.00 -0.99
C PRO A 83 -0.73 22.01 0.55
N LYS A 84 -1.58 21.23 1.22
CA LYS A 84 -1.61 21.02 2.69
C LYS A 84 -0.47 20.10 3.17
N ARG A 85 -0.09 19.16 2.31
CA ARG A 85 0.80 18.00 2.54
C ARG A 85 1.26 17.44 1.18
N ARG A 86 2.10 16.40 1.17
CA ARG A 86 2.47 15.59 -0.02
C ARG A 86 2.06 14.12 0.14
N VAL A 87 1.84 13.43 -0.98
CA VAL A 87 1.55 11.99 -1.00
C VAL A 87 2.77 11.10 -0.78
N ARG A 88 2.50 9.82 -0.52
CA ARG A 88 3.46 8.82 -0.04
C ARG A 88 3.86 7.85 -1.16
N THR A 89 5.10 7.36 -1.08
CA THR A 89 5.81 6.62 -2.15
C THR A 89 6.87 5.68 -1.56
N LEU A 90 7.24 4.60 -2.26
CA LEU A 90 8.28 3.66 -1.78
C LEU A 90 9.67 4.30 -1.80
N LEU A 91 9.98 5.12 -2.79
CA LEU A 91 11.17 5.98 -2.83
C LEU A 91 11.34 6.83 -1.55
N SER A 92 10.27 7.06 -0.80
CA SER A 92 10.29 7.62 0.57
C SER A 92 10.24 6.55 1.69
N VAL A 93 9.32 5.57 1.65
CA VAL A 93 9.15 4.54 2.68
C VAL A 93 10.23 3.46 2.60
N LEU A 94 10.39 2.84 1.44
CA LEU A 94 11.29 1.72 1.21
C LEU A 94 12.75 2.14 1.39
N LYS A 95 13.04 3.42 1.14
CA LYS A 95 14.36 4.05 1.36
C LYS A 95 14.69 4.21 2.86
N ASP A 96 13.74 3.96 3.77
CA ASP A 96 13.98 4.01 5.22
C ASP A 96 13.58 2.68 5.90
N PRO A 97 14.47 2.01 6.65
CA PRO A 97 14.14 0.72 7.26
C PRO A 97 12.98 0.81 8.27
N ILE A 98 12.77 1.96 8.92
CA ILE A 98 11.66 2.14 9.86
C ILE A 98 10.34 2.29 9.12
N ALA A 99 10.28 3.12 8.09
CA ALA A 99 9.08 3.33 7.28
C ALA A 99 8.66 2.02 6.57
N LYS A 100 9.64 1.22 6.13
CA LYS A 100 9.44 -0.13 5.60
C LYS A 100 8.74 -1.06 6.60
N MET A 101 9.31 -1.20 7.80
CA MET A 101 8.79 -2.09 8.84
C MET A 101 7.50 -1.55 9.43
N ARG A 102 7.34 -0.22 9.51
CA ARG A 102 6.13 0.44 10.00
C ARG A 102 5.00 0.17 9.03
N ARG A 103 5.17 0.42 7.73
CA ARG A 103 4.12 0.10 6.76
C ARG A 103 3.80 -1.40 6.66
N LEU A 104 4.74 -2.28 6.99
CA LEU A 104 4.54 -3.72 6.89
C LEU A 104 3.99 -4.39 8.14
N VAL A 105 4.29 -3.85 9.32
CA VAL A 105 3.75 -4.33 10.61
C VAL A 105 2.60 -3.46 11.08
N ARG A 106 2.84 -2.15 11.23
CA ARG A 106 1.88 -1.19 11.81
C ARG A 106 0.62 -1.08 10.96
N ILE A 107 0.81 -0.98 9.63
CA ILE A 107 -0.31 -0.86 8.68
C ILE A 107 -1.03 -2.20 8.48
N GLU A 108 -0.28 -3.27 8.25
CA GLU A 108 -0.84 -4.62 8.12
C GLU A 108 -1.70 -5.00 9.34
N GLN A 109 -1.24 -4.75 10.57
CA GLN A 109 -2.01 -5.03 11.80
C GLN A 109 -3.34 -4.25 11.87
N ARG A 110 -3.39 -3.00 11.37
CA ARG A 110 -4.64 -2.21 11.29
C ARG A 110 -5.68 -2.91 10.41
N GLN A 111 -5.33 -3.28 9.18
CA GLN A 111 -6.26 -3.97 8.27
C GLN A 111 -6.55 -5.43 8.67
N LYS A 112 -5.58 -6.12 9.29
CA LYS A 112 -5.79 -7.46 9.84
C LYS A 112 -6.83 -7.47 10.97
N ARG A 113 -6.93 -6.37 11.73
CA ARG A 113 -8.03 -6.15 12.69
C ARG A 113 -9.32 -5.81 11.97
N LEU A 114 -9.29 -4.85 11.04
CA LEU A 114 -10.46 -4.35 10.30
C LEU A 114 -11.22 -5.45 9.52
N GLU A 115 -10.52 -6.48 9.04
CA GLU A 115 -11.14 -7.57 8.26
C GLU A 115 -12.01 -8.53 9.09
N GLY A 116 -11.92 -8.48 10.42
CA GLY A 116 -12.60 -9.43 11.34
C GLY A 116 -13.10 -8.86 12.66
N ASN A 117 -12.78 -7.60 12.99
CA ASN A 117 -13.12 -6.92 14.25
C ASN A 117 -13.39 -5.42 14.00
N GLU A 118 -14.29 -4.82 14.77
CA GLU A 118 -14.64 -3.40 14.67
C GLU A 118 -13.54 -2.54 15.33
N PHE A 119 -12.58 -2.06 14.52
CA PHE A 119 -11.39 -1.35 14.97
C PHE A 119 -10.96 -0.23 13.99
N GLU A 120 -10.57 0.91 14.56
CA GLU A 120 -9.91 2.03 13.88
C GLU A 120 -9.07 2.82 14.91
N ARG A 121 -7.94 3.40 14.49
CA ARG A 121 -7.05 4.21 15.34
C ARG A 121 -7.53 5.64 15.54
N ASP A 122 -7.09 6.29 16.62
CA ASP A 122 -7.28 7.72 16.86
C ASP A 122 -6.35 8.56 15.97
N SER A 123 -6.80 9.74 15.54
CA SER A 123 -6.01 10.69 14.74
C SER A 123 -6.47 12.15 14.95
N GLU A 124 -5.62 13.10 14.57
CA GLU A 124 -5.82 14.56 14.67
C GLU A 124 -5.26 15.37 13.48
N PRO A 125 -4.13 15.01 12.82
CA PRO A 125 -3.54 15.77 11.71
C PRO A 125 -4.28 15.70 10.36
N PHE A 126 -5.61 15.74 10.34
CA PHE A 126 -6.47 15.62 9.15
C PHE A 126 -6.17 16.68 8.07
ZN ZN B . 3.09 -10.96 1.77
ZN ZN C . -6.93 1.72 -1.33
ZN ZN D . 3.57 -3.72 -10.64
N GLY A 1 -5.12 -18.49 -5.10
CA GLY A 1 -5.00 -18.55 -3.61
C GLY A 1 -3.57 -18.86 -3.16
N PRO A 2 -3.28 -18.75 -1.85
CA PRO A 2 -1.95 -19.05 -1.29
C PRO A 2 -1.60 -20.54 -1.35
N LEU A 3 -0.30 -20.84 -1.38
CA LEU A 3 0.25 -22.20 -1.47
C LEU A 3 1.61 -22.41 -0.74
N GLY A 4 2.28 -21.33 -0.33
CA GLY A 4 3.55 -21.39 0.41
C GLY A 4 3.39 -21.74 1.90
N SER A 5 4.50 -22.09 2.54
CA SER A 5 4.60 -22.45 3.96
C SER A 5 5.98 -22.12 4.54
N GLY A 6 6.15 -22.19 5.86
CA GLY A 6 7.37 -21.82 6.59
C GLY A 6 7.43 -20.30 6.87
N PRO A 7 8.42 -19.55 6.36
CA PRO A 7 8.52 -18.10 6.59
C PRO A 7 7.29 -17.36 6.05
N SER A 8 6.59 -16.61 6.91
CA SER A 8 5.28 -16.02 6.62
C SER A 8 5.29 -14.48 6.68
N CYS A 9 4.96 -13.85 5.54
CA CYS A 9 4.84 -12.42 5.37
C CYS A 9 3.52 -11.91 6.01
N ARG A 10 3.52 -10.76 6.70
CA ARG A 10 2.43 -10.40 7.63
C ARG A 10 1.07 -9.89 7.13
N PHE A 11 0.86 -9.86 5.82
CA PHE A 11 -0.48 -9.60 5.23
C PHE A 11 -0.92 -10.62 4.16
N CYS A 12 -0.09 -11.63 3.88
CA CYS A 12 -0.43 -12.73 2.98
C CYS A 12 -0.09 -14.14 3.54
N LYS A 13 0.86 -14.23 4.48
CA LYS A 13 1.41 -15.42 5.14
C LYS A 13 1.71 -16.58 4.17
N ASP A 14 2.31 -16.25 3.02
CA ASP A 14 2.62 -17.18 1.93
C ASP A 14 4.13 -17.48 1.84
N ASP A 15 4.96 -16.47 1.54
CA ASP A 15 6.43 -16.57 1.57
C ASP A 15 7.08 -15.19 1.71
N GLU A 16 8.00 -15.03 2.67
CA GLU A 16 8.72 -13.76 2.86
C GLU A 16 9.75 -13.45 1.77
N ASN A 17 10.24 -14.45 1.03
CA ASN A 17 11.17 -14.22 -0.09
C ASN A 17 10.45 -13.89 -1.41
N LYS A 18 9.12 -14.06 -1.47
CA LYS A 18 8.29 -13.77 -2.66
C LYS A 18 7.60 -12.39 -2.55
N PRO A 19 7.53 -11.59 -3.63
CA PRO A 19 6.69 -10.38 -3.67
C PRO A 19 5.18 -10.72 -3.70
N CYS A 20 4.35 -9.74 -3.33
CA CYS A 20 2.92 -9.90 -3.07
C CYS A 20 2.08 -8.73 -3.66
N ARG A 21 0.75 -8.86 -3.63
CA ARG A 21 -0.18 -7.78 -4.03
C ARG A 21 -0.31 -6.67 -2.98
N LYS A 22 -0.62 -7.00 -1.73
CA LYS A 22 -0.76 -6.01 -0.63
C LYS A 22 0.59 -5.44 -0.19
N CYS A 23 1.63 -6.26 -0.23
CA CYS A 23 2.93 -5.98 0.35
C CYS A 23 3.87 -5.29 -0.67
N ALA A 24 3.86 -5.73 -1.92
CA ALA A 24 4.51 -5.08 -3.07
C ALA A 24 3.45 -4.55 -4.07
N CYS A 25 3.62 -4.71 -5.39
CA CYS A 25 2.66 -4.19 -6.37
C CYS A 25 1.29 -4.88 -6.31
N HIS A 26 0.19 -4.15 -6.04
CA HIS A 26 -1.14 -4.76 -6.07
C HIS A 26 -1.64 -5.18 -7.46
N VAL A 27 -0.98 -4.70 -8.52
CA VAL A 27 -1.32 -5.00 -9.91
C VAL A 27 -0.63 -6.26 -10.43
N CYS A 28 0.70 -6.25 -10.38
CA CYS A 28 1.53 -7.29 -11.02
C CYS A 28 1.95 -8.35 -10.00
N GLY A 29 1.72 -7.99 -8.73
CA GLY A 29 1.99 -8.84 -7.57
C GLY A 29 3.49 -9.09 -7.38
N GLY A 30 4.30 -8.11 -7.79
CA GLY A 30 5.75 -8.20 -7.93
C GLY A 30 6.45 -6.96 -7.39
N ARG A 31 7.78 -7.01 -7.38
CA ARG A 31 8.66 -5.88 -7.05
C ARG A 31 9.82 -5.78 -8.04
N GLU A 32 10.22 -4.56 -8.39
CA GLU A 32 11.34 -4.30 -9.30
C GLU A 32 12.06 -3.00 -8.90
N ALA A 33 11.30 -1.90 -8.91
CA ALA A 33 11.71 -0.58 -8.42
C ALA A 33 11.01 -0.25 -7.08
N PRO A 34 11.66 -0.47 -5.91
CA PRO A 34 11.17 -0.04 -4.59
C PRO A 34 11.33 1.48 -4.37
N GLU A 35 11.22 2.25 -5.45
CA GLU A 35 11.43 3.68 -5.58
C GLU A 35 10.48 4.27 -6.66
N LYS A 36 9.44 3.51 -7.03
CA LYS A 36 8.40 3.85 -8.01
C LYS A 36 7.04 3.22 -7.67
N GLN A 37 6.62 3.13 -6.41
CA GLN A 37 5.28 2.69 -6.05
C GLN A 37 4.58 3.76 -5.20
N LEU A 38 3.29 3.93 -5.47
CA LEU A 38 2.37 4.80 -4.71
C LEU A 38 1.64 4.01 -3.62
N LEU A 39 1.30 4.66 -2.50
CA LEU A 39 0.66 4.04 -1.35
C LEU A 39 -0.70 4.69 -1.13
N CYS A 40 -1.77 3.90 -0.95
CA CYS A 40 -3.02 4.48 -0.48
C CYS A 40 -2.86 5.20 0.88
N ASP A 41 -3.76 6.14 1.14
CA ASP A 41 -3.86 6.89 2.40
C ASP A 41 -4.93 6.32 3.35
N GLU A 42 -5.76 5.38 2.86
CA GLU A 42 -6.68 4.58 3.68
C GLU A 42 -6.16 3.14 3.90
N CYS A 43 -5.54 2.53 2.89
CA CYS A 43 -5.07 1.15 2.93
C CYS A 43 -3.54 1.02 3.17
N ASP A 44 -2.76 2.02 2.71
CA ASP A 44 -1.30 2.00 2.64
C ASP A 44 -0.71 0.82 1.86
N MET A 45 -1.36 0.50 0.74
CA MET A 45 -0.92 -0.58 -0.16
C MET A 45 -0.13 -0.02 -1.36
N ALA A 46 0.93 -0.69 -1.80
CA ALA A 46 1.83 -0.20 -2.87
C ALA A 46 1.33 -0.50 -4.30
N PHE A 47 1.63 0.41 -5.25
CA PHE A 47 1.14 0.37 -6.61
C PHE A 47 2.15 1.06 -7.53
N HIS A 48 2.88 0.29 -8.34
CA HIS A 48 3.84 0.84 -9.32
C HIS A 48 3.29 1.98 -10.16
N LEU A 49 4.08 3.05 -10.32
CA LEU A 49 3.74 4.19 -11.18
C LEU A 49 3.37 3.79 -12.62
N TYR A 50 3.88 2.65 -13.08
CA TYR A 50 3.73 2.13 -14.44
C TYR A 50 2.78 0.93 -14.53
N CYS A 51 2.19 0.50 -13.40
CA CYS A 51 1.16 -0.54 -13.35
C CYS A 51 -0.21 0.06 -13.01
N LEU A 52 -0.22 1.01 -12.06
CA LEU A 52 -1.38 1.76 -11.61
C LEU A 52 -1.83 2.82 -12.64
N LYS A 53 -0.92 3.29 -13.51
CA LYS A 53 -1.17 4.26 -14.58
C LYS A 53 -0.32 3.94 -15.85
N PRO A 54 -0.87 4.04 -17.08
CA PRO A 54 -0.10 3.97 -18.32
C PRO A 54 0.77 5.22 -18.68
N PRO A 55 0.37 6.49 -18.42
CA PRO A 55 1.04 7.67 -18.97
C PRO A 55 2.50 7.90 -18.55
N LEU A 56 2.67 8.06 -17.25
CA LEU A 56 3.88 8.56 -16.56
C LEU A 56 4.56 7.54 -15.62
N THR A 57 5.78 7.88 -15.19
CA THR A 57 6.66 7.07 -14.34
C THR A 57 7.01 7.79 -13.02
N SER A 58 6.39 8.95 -12.77
CA SER A 58 6.60 9.82 -11.61
C SER A 58 5.28 10.15 -10.90
N VAL A 59 5.34 10.44 -9.59
CA VAL A 59 4.15 10.62 -8.73
C VAL A 59 3.46 11.99 -8.92
N PRO A 60 2.13 12.02 -9.13
CA PRO A 60 1.37 13.23 -9.46
C PRO A 60 1.33 14.30 -8.35
N PRO A 61 1.16 15.60 -8.69
CA PRO A 61 1.09 16.70 -7.74
C PRO A 61 -0.30 16.85 -7.10
N GLU A 62 -0.49 16.19 -5.97
CA GLU A 62 -1.68 16.26 -5.11
C GLU A 62 -1.27 16.07 -3.63
N PRO A 63 -2.12 16.42 -2.64
CA PRO A 63 -1.77 16.35 -1.22
C PRO A 63 -1.98 14.95 -0.62
N GLU A 64 -3.02 14.23 -1.06
CA GLU A 64 -3.40 12.88 -0.63
C GLU A 64 -3.73 12.00 -1.83
N TRP A 65 -3.40 10.71 -1.74
CA TRP A 65 -3.72 9.73 -2.77
C TRP A 65 -4.21 8.42 -2.14
N TYR A 66 -5.31 7.90 -2.66
CA TYR A 66 -5.90 6.60 -2.33
C TYR A 66 -6.00 5.74 -3.60
N CYS A 67 -5.92 4.40 -3.55
CA CYS A 67 -6.14 3.54 -4.70
C CYS A 67 -7.38 3.97 -5.56
N PRO A 68 -7.45 3.69 -6.87
CA PRO A 68 -8.47 4.25 -7.77
C PRO A 68 -9.93 4.02 -7.36
N SER A 69 -10.25 2.89 -6.71
CA SER A 69 -11.58 2.64 -6.14
C SER A 69 -11.87 3.54 -4.93
N CYS A 70 -10.92 3.64 -4.00
CA CYS A 70 -10.99 4.51 -2.83
C CYS A 70 -11.07 6.01 -3.23
N ARG A 71 -10.30 6.41 -4.25
CA ARG A 71 -10.31 7.76 -4.85
C ARG A 71 -11.61 8.10 -5.59
N THR A 72 -12.49 7.11 -5.83
CA THR A 72 -13.81 7.30 -6.46
C THR A 72 -14.96 7.21 -5.45
N ASP A 73 -14.90 6.28 -4.48
CA ASP A 73 -16.02 5.98 -3.56
C ASP A 73 -15.79 6.37 -2.10
N SER A 74 -14.54 6.32 -1.61
CA SER A 74 -14.18 6.44 -0.18
C SER A 74 -13.60 7.80 0.22
N ARG A 75 -13.30 8.66 -0.75
CA ARG A 75 -12.78 10.03 -0.58
C ARG A 75 -13.75 10.99 0.14
N ARG A 76 -13.20 12.09 0.65
CA ARG A 76 -13.94 13.17 1.35
C ARG A 76 -13.84 14.54 0.64
N GLU A 77 -13.51 14.51 -0.65
CA GLU A 77 -13.32 15.67 -1.52
C GLU A 77 -13.86 15.42 -2.94
N VAL A 78 -14.12 16.51 -3.67
CA VAL A 78 -14.63 16.51 -5.06
C VAL A 78 -13.52 16.72 -6.09
N GLN A 79 -12.49 17.51 -5.77
CA GLN A 79 -11.36 17.86 -6.65
C GLN A 79 -10.05 18.04 -5.86
N SER A 80 -8.92 17.84 -6.53
CA SER A 80 -7.57 18.14 -6.03
C SER A 80 -6.68 18.66 -7.16
N ALA A 81 -6.05 19.84 -6.99
CA ALA A 81 -5.27 20.50 -8.04
C ALA A 81 -3.98 21.20 -7.54
N PHE A 82 -3.71 21.22 -6.23
CA PHE A 82 -2.55 21.87 -5.61
C PHE A 82 -1.88 20.96 -4.55
N PRO A 83 -0.56 20.72 -4.60
CA PRO A 83 0.16 19.93 -3.60
C PRO A 83 0.37 20.73 -2.29
N LYS A 84 -0.66 20.77 -1.43
CA LYS A 84 -0.59 21.29 -0.05
C LYS A 84 0.27 20.42 0.89
N ARG A 85 0.53 19.20 0.43
CA ARG A 85 1.33 18.10 0.98
C ARG A 85 1.86 17.28 -0.20
N ARG A 86 2.64 16.23 0.05
CA ARG A 86 3.01 15.20 -0.95
C ARG A 86 2.62 13.80 -0.48
N VAL A 87 2.22 12.96 -1.42
CA VAL A 87 1.59 11.66 -1.16
C VAL A 87 2.56 10.58 -0.69
N ARG A 88 1.99 9.51 -0.12
CA ARG A 88 2.74 8.36 0.39
C ARG A 88 3.25 7.49 -0.77
N THR A 89 4.52 7.10 -0.70
CA THR A 89 5.28 6.47 -1.79
C THR A 89 6.37 5.53 -1.24
N LEU A 90 6.82 4.51 -1.99
CA LEU A 90 7.89 3.60 -1.56
C LEU A 90 9.29 4.25 -1.60
N LEU A 91 9.51 5.11 -2.58
CA LEU A 91 10.66 6.03 -2.65
C LEU A 91 10.83 6.87 -1.35
N SER A 92 9.76 7.01 -0.55
CA SER A 92 9.80 7.53 0.82
C SER A 92 9.80 6.43 1.90
N VAL A 93 8.89 5.45 1.87
CA VAL A 93 8.75 4.40 2.89
C VAL A 93 9.83 3.32 2.76
N LEU A 94 9.98 2.71 1.59
CA LEU A 94 10.90 1.60 1.36
C LEU A 94 12.36 2.07 1.43
N LYS A 95 12.58 3.36 1.16
CA LYS A 95 13.84 4.07 1.34
C LYS A 95 14.26 4.16 2.82
N ASP A 96 13.38 3.80 3.76
CA ASP A 96 13.72 3.76 5.19
C ASP A 96 13.39 2.39 5.82
N PRO A 97 14.34 1.73 6.51
CA PRO A 97 14.09 0.41 7.10
C PRO A 97 13.01 0.43 8.19
N ILE A 98 12.75 1.57 8.84
CA ILE A 98 11.67 1.70 9.82
C ILE A 98 10.33 1.88 9.12
N ALA A 99 10.22 2.76 8.12
CA ALA A 99 8.95 3.02 7.43
C ALA A 99 8.43 1.76 6.70
N LYS A 100 9.34 0.92 6.18
CA LYS A 100 9.07 -0.42 5.65
C LYS A 100 8.34 -1.32 6.67
N MET A 101 8.90 -1.44 7.87
CA MET A 101 8.37 -2.30 8.93
C MET A 101 7.14 -1.70 9.59
N ARG A 102 7.09 -0.37 9.74
CA ARG A 102 5.97 0.40 10.27
C ARG A 102 4.77 0.18 9.38
N ARG A 103 4.89 0.33 8.07
CA ARG A 103 3.77 0.09 7.16
C ARG A 103 3.33 -1.38 7.09
N LEU A 104 4.21 -2.34 7.38
CA LEU A 104 3.86 -3.76 7.28
C LEU A 104 3.33 -4.38 8.57
N VAL A 105 3.76 -3.87 9.71
CA VAL A 105 3.31 -4.28 11.04
C VAL A 105 2.21 -3.36 11.55
N ARG A 106 2.48 -2.05 11.60
CA ARG A 106 1.62 -1.05 12.22
C ARG A 106 0.36 -0.79 11.39
N ILE A 107 0.51 -0.60 10.08
CA ILE A 107 -0.63 -0.38 9.18
C ILE A 107 -1.50 -1.63 9.10
N GLU A 108 -0.85 -2.79 8.96
CA GLU A 108 -1.48 -4.10 9.08
C GLU A 108 -2.27 -4.24 10.40
N GLN A 109 -1.68 -3.94 11.58
CA GLN A 109 -2.44 -3.96 12.85
C GLN A 109 -3.61 -2.97 12.86
N ARG A 110 -3.47 -1.78 12.24
CA ARG A 110 -4.54 -0.77 12.18
C ARG A 110 -5.71 -1.27 11.33
N GLN A 111 -5.45 -1.71 10.10
CA GLN A 111 -6.51 -2.16 9.19
C GLN A 111 -7.16 -3.48 9.64
N LYS A 112 -6.41 -4.42 10.24
CA LYS A 112 -7.01 -5.69 10.69
C LYS A 112 -8.03 -5.47 11.80
N ARG A 113 -7.75 -4.50 12.70
CA ARG A 113 -8.69 -4.14 13.78
C ARG A 113 -9.86 -3.31 13.28
N LEU A 114 -9.62 -2.42 12.30
CA LEU A 114 -10.66 -1.62 11.65
C LEU A 114 -11.69 -2.51 10.93
N GLU A 115 -11.22 -3.55 10.23
CA GLU A 115 -12.09 -4.47 9.46
C GLU A 115 -12.80 -5.52 10.32
N GLY A 116 -12.38 -5.67 11.59
CA GLY A 116 -12.78 -6.74 12.50
C GLY A 116 -13.63 -6.30 13.70
N ASN A 117 -13.81 -7.23 14.64
CA ASN A 117 -14.51 -7.00 15.92
C ASN A 117 -13.56 -6.62 17.09
N GLU A 118 -12.28 -6.41 16.82
CA GLU A 118 -11.26 -6.08 17.82
C GLU A 118 -11.40 -4.66 18.37
N PHE A 119 -11.04 -4.46 19.64
CA PHE A 119 -10.90 -3.15 20.29
C PHE A 119 -9.45 -2.62 20.15
N GLU A 120 -9.14 -1.47 20.77
CA GLU A 120 -7.81 -0.83 20.75
C GLU A 120 -7.31 -0.53 19.32
N ARG A 121 -8.06 0.32 18.60
CA ARG A 121 -7.72 0.82 17.26
C ARG A 121 -7.86 2.34 17.19
N ASP A 122 -6.95 3.02 16.49
CA ASP A 122 -6.92 4.49 16.43
C ASP A 122 -8.05 5.06 15.55
N SER A 123 -8.76 6.07 16.07
CA SER A 123 -9.72 6.87 15.27
C SER A 123 -8.97 7.90 14.42
N GLU A 124 -9.44 8.17 13.20
CA GLU A 124 -8.81 9.10 12.27
C GLU A 124 -9.30 10.55 12.49
N PRO A 125 -8.43 11.54 12.79
CA PRO A 125 -8.87 12.92 13.07
C PRO A 125 -9.39 13.69 11.84
N PHE A 126 -8.85 13.35 10.64
CA PHE A 126 -9.06 14.04 9.35
C PHE A 126 -8.90 15.58 9.44
ZN ZN B . 3.27 -10.56 1.63
ZN ZN C . -7.19 2.14 -0.84
ZN ZN D . 3.70 -3.69 -10.78
N GLY A 1 4.67 -20.09 0.48
CA GLY A 1 3.79 -21.25 0.18
C GLY A 1 2.34 -20.89 0.45
N PRO A 2 1.50 -20.70 -0.59
CA PRO A 2 0.09 -20.32 -0.44
C PRO A 2 -0.81 -21.38 0.19
N LEU A 3 -0.36 -22.65 0.21
CA LEU A 3 -1.06 -23.82 0.77
C LEU A 3 -0.22 -24.53 1.85
N GLY A 4 -0.90 -25.32 2.69
CA GLY A 4 -0.28 -26.03 3.83
C GLY A 4 0.24 -25.09 4.93
N SER A 5 1.19 -25.58 5.72
CA SER A 5 1.80 -24.86 6.86
C SER A 5 3.07 -24.05 6.48
N GLY A 6 3.25 -23.74 5.18
CA GLY A 6 4.40 -22.99 4.65
C GLY A 6 4.38 -21.48 4.98
N PRO A 7 5.47 -20.75 4.65
CA PRO A 7 5.59 -19.32 4.93
C PRO A 7 4.57 -18.50 4.12
N SER A 8 3.76 -17.72 4.84
CA SER A 8 2.66 -16.89 4.31
C SER A 8 2.55 -15.58 5.09
N CYS A 9 2.94 -14.47 4.47
CA CYS A 9 2.79 -13.10 4.97
C CYS A 9 1.34 -12.85 5.42
N ARG A 10 1.09 -12.27 6.60
CA ARG A 10 -0.27 -12.26 7.19
C ARG A 10 -1.23 -11.33 6.48
N PHE A 11 -0.70 -10.43 5.65
CA PHE A 11 -1.54 -9.52 4.88
C PHE A 11 -1.80 -9.99 3.43
N CYS A 12 -1.05 -10.99 2.94
CA CYS A 12 -1.06 -11.46 1.54
C CYS A 12 -1.28 -12.99 1.39
N LYS A 13 -0.75 -13.75 2.36
CA LYS A 13 -0.57 -15.21 2.48
C LYS A 13 -0.21 -15.90 1.17
N ASP A 14 1.02 -15.62 0.71
CA ASP A 14 1.56 -16.14 -0.55
C ASP A 14 2.99 -16.69 -0.37
N ASP A 15 3.94 -15.85 0.05
CA ASP A 15 5.34 -16.15 0.34
C ASP A 15 5.91 -15.03 1.21
N GLU A 16 6.79 -15.37 2.15
CA GLU A 16 7.58 -14.40 2.92
C GLU A 16 8.98 -14.18 2.31
N ASN A 17 9.45 -15.18 1.56
CA ASN A 17 10.74 -15.21 0.84
C ASN A 17 10.66 -14.60 -0.58
N LYS A 18 9.48 -14.13 -1.00
CA LYS A 18 9.20 -13.43 -2.28
C LYS A 18 8.35 -12.16 -2.04
N PRO A 19 8.37 -11.19 -2.98
CA PRO A 19 7.42 -10.06 -2.98
C PRO A 19 5.95 -10.54 -2.99
N CYS A 20 5.06 -9.69 -2.47
CA CYS A 20 3.64 -9.94 -2.28
C CYS A 20 2.77 -8.68 -2.52
N ARG A 21 1.47 -8.88 -2.78
CA ARG A 21 0.49 -7.90 -3.28
C ARG A 21 0.29 -6.63 -2.42
N LYS A 22 0.51 -6.68 -1.11
CA LYS A 22 0.29 -5.51 -0.21
C LYS A 22 1.61 -4.80 0.14
N CYS A 23 2.68 -5.58 0.24
CA CYS A 23 4.00 -5.12 0.67
C CYS A 23 4.79 -4.55 -0.53
N ALA A 24 4.66 -5.20 -1.69
CA ALA A 24 5.08 -4.73 -3.00
C ALA A 24 3.83 -4.53 -3.88
N CYS A 25 3.94 -4.66 -5.20
CA CYS A 25 2.88 -4.33 -6.14
C CYS A 25 1.61 -5.18 -5.96
N HIS A 26 0.42 -4.61 -5.84
CA HIS A 26 -0.86 -5.36 -5.89
C HIS A 26 -1.20 -5.95 -7.26
N VAL A 27 -0.64 -5.35 -8.30
CA VAL A 27 -1.03 -5.52 -9.71
C VAL A 27 -0.27 -6.63 -10.42
N CYS A 28 1.03 -6.70 -10.14
CA CYS A 28 1.91 -7.75 -10.63
C CYS A 28 2.39 -8.62 -9.46
N GLY A 29 2.12 -8.19 -8.22
CA GLY A 29 2.44 -9.05 -7.06
C GLY A 29 3.95 -9.22 -6.85
N GLY A 30 4.74 -8.23 -7.24
CA GLY A 30 6.19 -8.27 -7.36
C GLY A 30 6.84 -6.93 -7.05
N ARG A 31 8.17 -6.92 -7.00
CA ARG A 31 9.02 -5.73 -6.82
C ARG A 31 10.18 -5.71 -7.83
N GLU A 32 10.59 -4.52 -8.23
CA GLU A 32 11.76 -4.27 -9.08
C GLU A 32 12.37 -2.90 -8.77
N ALA A 33 11.50 -1.88 -8.75
CA ALA A 33 11.82 -0.51 -8.32
C ALA A 33 11.21 -0.20 -6.94
N PRO A 34 12.02 -0.12 -5.86
CA PRO A 34 11.60 0.38 -4.54
C PRO A 34 11.55 1.92 -4.49
N GLU A 35 11.53 2.57 -5.66
CA GLU A 35 11.51 4.02 -5.85
C GLU A 35 10.59 4.42 -7.01
N LYS A 36 9.57 3.58 -7.32
CA LYS A 36 8.45 3.86 -8.23
C LYS A 36 7.16 3.12 -7.82
N GLN A 37 6.77 3.11 -6.53
CA GLN A 37 5.51 2.55 -6.07
C GLN A 37 4.80 3.61 -5.20
N LEU A 38 3.50 3.70 -5.39
CA LEU A 38 2.61 4.57 -4.60
C LEU A 38 2.08 3.83 -3.38
N LEU A 39 1.91 4.53 -2.26
CA LEU A 39 1.22 4.02 -1.07
C LEU A 39 -0.16 4.69 -0.90
N CYS A 40 -1.21 3.91 -0.61
CA CYS A 40 -2.49 4.49 -0.18
C CYS A 40 -2.35 5.32 1.14
N ASP A 41 -3.34 6.14 1.43
CA ASP A 41 -3.49 6.92 2.67
C ASP A 41 -4.47 6.27 3.68
N GLU A 42 -5.27 5.29 3.25
CA GLU A 42 -6.09 4.45 4.15
C GLU A 42 -5.40 3.10 4.44
N CYS A 43 -4.79 2.48 3.42
CA CYS A 43 -4.20 1.15 3.52
C CYS A 43 -2.66 1.17 3.62
N ASP A 44 -2.02 2.20 3.03
CA ASP A 44 -0.56 2.33 2.86
C ASP A 44 0.08 1.15 2.11
N MET A 45 -0.62 0.68 1.07
CA MET A 45 -0.22 -0.51 0.27
C MET A 45 0.45 -0.10 -1.05
N ALA A 46 1.41 -0.88 -1.56
CA ALA A 46 2.23 -0.47 -2.70
C ALA A 46 1.67 -0.81 -4.10
N PHE A 47 1.94 0.08 -5.07
CA PHE A 47 1.39 0.02 -6.42
C PHE A 47 2.36 0.72 -7.39
N HIS A 48 3.05 -0.05 -8.23
CA HIS A 48 3.97 0.50 -9.25
C HIS A 48 3.36 1.63 -10.08
N LEU A 49 4.11 2.70 -10.30
CA LEU A 49 3.71 3.81 -11.19
C LEU A 49 3.37 3.38 -12.61
N TYR A 50 3.82 2.19 -13.03
CA TYR A 50 3.64 1.62 -14.36
C TYR A 50 2.73 0.39 -14.38
N CYS A 51 2.17 0.01 -13.22
CA CYS A 51 1.15 -1.04 -13.13
C CYS A 51 -0.23 -0.45 -12.75
N LEU A 52 -0.20 0.47 -11.80
CA LEU A 52 -1.35 1.27 -11.33
C LEU A 52 -1.80 2.34 -12.35
N LYS A 53 -0.90 2.79 -13.25
CA LYS A 53 -1.17 3.81 -14.29
C LYS A 53 -0.45 3.49 -15.62
N PRO A 54 -1.12 3.62 -16.78
CA PRO A 54 -0.47 3.60 -18.10
C PRO A 54 0.33 4.86 -18.51
N PRO A 55 -0.08 6.11 -18.17
CA PRO A 55 0.52 7.33 -18.74
C PRO A 55 1.92 7.68 -18.19
N LEU A 56 1.99 8.40 -17.07
CA LEU A 56 3.21 8.82 -16.38
C LEU A 56 3.97 7.66 -15.71
N THR A 57 5.24 7.88 -15.37
CA THR A 57 6.14 6.94 -14.67
C THR A 57 6.57 7.48 -13.29
N SER A 58 5.99 8.63 -12.91
CA SER A 58 6.24 9.38 -11.67
C SER A 58 4.94 9.71 -10.92
N VAL A 59 5.03 10.05 -9.64
CA VAL A 59 3.87 10.33 -8.77
C VAL A 59 3.12 11.59 -9.22
N PRO A 60 1.77 11.53 -9.37
CA PRO A 60 0.96 12.65 -9.83
C PRO A 60 0.84 13.78 -8.77
N PRO A 61 0.66 15.05 -9.18
CA PRO A 61 0.57 16.19 -8.27
C PRO A 61 -0.81 16.30 -7.61
N GLU A 62 -0.93 15.74 -6.40
CA GLU A 62 -2.08 15.88 -5.50
C GLU A 62 -1.64 15.81 -4.02
N PRO A 63 -2.43 16.35 -3.07
CA PRO A 63 -2.07 16.33 -1.65
C PRO A 63 -2.35 14.99 -0.95
N GLU A 64 -3.37 14.24 -1.39
CA GLU A 64 -3.87 13.03 -0.72
C GLU A 64 -4.28 11.95 -1.75
N TRP A 65 -3.89 10.69 -1.52
CA TRP A 65 -4.04 9.60 -2.50
C TRP A 65 -4.41 8.28 -1.81
N TYR A 66 -5.42 7.60 -2.34
CA TYR A 66 -5.87 6.26 -1.92
C TYR A 66 -5.95 5.33 -3.14
N CYS A 67 -5.71 4.01 -3.00
CA CYS A 67 -5.81 3.05 -4.09
C CYS A 67 -7.10 3.25 -4.97
N PRO A 68 -7.09 2.88 -6.26
CA PRO A 68 -8.22 3.19 -7.17
C PRO A 68 -9.58 2.66 -6.71
N SER A 69 -9.61 1.54 -5.94
CA SER A 69 -10.83 1.06 -5.29
C SER A 69 -11.30 1.99 -4.16
N CYS A 70 -10.40 2.40 -3.26
CA CYS A 70 -10.68 3.33 -2.16
C CYS A 70 -11.13 4.72 -2.67
N ARG A 71 -10.44 5.21 -3.71
CA ARG A 71 -10.73 6.48 -4.40
C ARG A 71 -12.04 6.46 -5.21
N THR A 72 -12.66 5.28 -5.40
CA THR A 72 -13.99 5.11 -6.03
C THR A 72 -15.09 4.77 -5.02
N ASP A 73 -14.78 4.03 -3.96
CA ASP A 73 -15.73 3.61 -2.92
C ASP A 73 -16.13 4.76 -1.97
N SER A 74 -15.25 5.74 -1.75
CA SER A 74 -15.54 6.94 -0.95
C SER A 74 -16.32 7.96 -1.78
N ARG A 75 -17.66 7.85 -1.74
CA ARG A 75 -18.60 8.56 -2.63
C ARG A 75 -18.72 10.07 -2.38
N ARG A 76 -18.51 10.48 -1.13
CA ARG A 76 -18.74 11.85 -0.60
C ARG A 76 -17.44 12.62 -0.27
N GLU A 77 -16.34 12.30 -0.96
CA GLU A 77 -15.11 13.10 -0.92
C GLU A 77 -15.26 14.48 -1.57
N VAL A 78 -14.34 15.39 -1.23
CA VAL A 78 -14.13 16.68 -1.89
C VAL A 78 -12.65 16.81 -2.27
N GLN A 79 -12.37 17.22 -3.52
CA GLN A 79 -11.02 17.18 -4.10
C GLN A 79 -10.27 18.51 -3.91
N SER A 80 -8.93 18.43 -3.89
CA SER A 80 -8.01 19.56 -3.66
C SER A 80 -6.79 19.46 -4.58
N ALA A 81 -6.43 20.57 -5.23
CA ALA A 81 -5.22 20.69 -6.08
C ALA A 81 -4.08 21.49 -5.42
N PHE A 82 -4.36 22.16 -4.29
CA PHE A 82 -3.41 22.94 -3.50
C PHE A 82 -2.60 22.06 -2.52
N PRO A 83 -1.38 22.46 -2.12
CA PRO A 83 -0.49 21.67 -1.25
C PRO A 83 -0.94 21.69 0.24
N LYS A 84 -2.08 21.04 0.51
CA LYS A 84 -2.64 20.81 1.86
C LYS A 84 -1.77 19.87 2.71
N ARG A 85 -1.19 18.89 2.02
CA ARG A 85 -0.46 17.71 2.49
C ARG A 85 0.36 17.16 1.31
N ARG A 86 1.06 16.04 1.49
CA ARG A 86 1.69 15.28 0.40
C ARG A 86 1.39 13.78 0.51
N VAL A 87 1.28 13.13 -0.64
CA VAL A 87 1.06 11.69 -0.78
C VAL A 87 2.28 10.87 -0.36
N ARG A 88 2.07 9.57 -0.13
CA ARG A 88 3.10 8.62 0.32
C ARG A 88 3.47 7.64 -0.79
N THR A 89 4.75 7.27 -0.83
CA THR A 89 5.40 6.54 -1.93
C THR A 89 6.64 5.78 -1.42
N LEU A 90 7.08 4.73 -2.12
CA LEU A 90 8.25 3.92 -1.71
C LEU A 90 9.59 4.67 -1.86
N LEU A 91 9.71 5.45 -2.91
CA LEU A 91 10.82 6.41 -3.13
C LEU A 91 11.06 7.32 -1.91
N SER A 92 10.02 7.59 -1.10
CA SER A 92 10.14 8.23 0.21
C SER A 92 10.24 7.24 1.39
N VAL A 93 9.34 6.25 1.48
CA VAL A 93 9.25 5.30 2.60
C VAL A 93 10.35 4.24 2.54
N LEU A 94 10.46 3.51 1.44
CA LEU A 94 11.40 2.41 1.29
C LEU A 94 12.86 2.90 1.32
N LYS A 95 13.06 4.17 0.93
CA LYS A 95 14.36 4.86 1.01
C LYS A 95 14.72 5.29 2.44
N ASP A 96 13.88 4.99 3.44
CA ASP A 96 14.21 5.18 4.87
C ASP A 96 13.94 3.91 5.70
N PRO A 97 14.91 3.37 6.46
CA PRO A 97 14.71 2.12 7.18
C PRO A 97 13.60 2.19 8.25
N ILE A 98 13.32 3.37 8.80
CA ILE A 98 12.23 3.55 9.77
C ILE A 98 10.89 3.55 9.07
N ALA A 99 10.73 4.30 7.99
CA ALA A 99 9.49 4.38 7.22
C ALA A 99 9.13 3.02 6.59
N LYS A 100 10.14 2.23 6.18
CA LYS A 100 10.03 0.83 5.75
C LYS A 100 9.38 -0.06 6.82
N MET A 101 9.96 -0.07 8.02
CA MET A 101 9.53 -0.92 9.13
C MET A 101 8.22 -0.40 9.74
N ARG A 102 8.02 0.92 9.73
CA ARG A 102 6.81 1.56 10.25
C ARG A 102 5.64 1.20 9.37
N ARG A 103 5.74 1.35 8.04
CA ARG A 103 4.65 0.93 7.15
C ARG A 103 4.36 -0.57 7.20
N LEU A 104 5.35 -1.39 7.55
CA LEU A 104 5.18 -2.86 7.57
C LEU A 104 4.72 -3.43 8.90
N VAL A 105 5.10 -2.83 10.02
CA VAL A 105 4.67 -3.24 11.37
C VAL A 105 3.51 -2.37 11.85
N ARG A 106 3.72 -1.05 11.89
CA ARG A 106 2.78 -0.06 12.47
C ARG A 106 1.48 -0.01 11.70
N ILE A 107 1.57 0.01 10.36
CA ILE A 107 0.38 0.04 9.50
C ILE A 107 -0.32 -1.31 9.48
N GLU A 108 0.42 -2.38 9.19
CA GLU A 108 -0.13 -3.73 9.07
C GLU A 108 -0.89 -4.16 10.33
N GLN A 109 -0.32 -3.92 11.53
CA GLN A 109 -0.99 -4.25 12.79
C GLN A 109 -2.31 -3.46 12.97
N ARG A 110 -2.33 -2.17 12.59
CA ARG A 110 -3.53 -1.31 12.66
C ARG A 110 -4.66 -1.86 11.80
N GLN A 111 -4.41 -2.13 10.52
CA GLN A 111 -5.45 -2.69 9.62
C GLN A 111 -5.79 -4.16 9.92
N LYS A 112 -4.84 -4.96 10.42
CA LYS A 112 -5.11 -6.34 10.82
C LYS A 112 -6.09 -6.42 12.00
N ARG A 113 -6.03 -5.47 12.95
CA ARG A 113 -7.05 -5.35 14.01
C ARG A 113 -8.36 -4.72 13.53
N LEU A 114 -8.30 -3.81 12.56
CA LEU A 114 -9.48 -3.19 11.94
C LEU A 114 -10.34 -4.23 11.19
N GLU A 115 -9.69 -5.15 10.47
CA GLU A 115 -10.37 -6.19 9.68
C GLU A 115 -10.92 -7.36 10.51
N GLY A 116 -10.55 -7.42 11.80
CA GLY A 116 -10.89 -8.51 12.72
C GLY A 116 -10.08 -9.80 12.49
N ASN A 117 -10.48 -10.88 13.17
CA ASN A 117 -9.79 -12.17 13.10
C ASN A 117 -10.18 -12.94 11.82
N GLU A 118 -9.20 -13.29 10.98
CA GLU A 118 -9.39 -14.03 9.71
C GLU A 118 -8.40 -15.20 9.49
N PHE A 119 -7.60 -15.54 10.50
CA PHE A 119 -6.64 -16.66 10.45
C PHE A 119 -7.35 -18.00 10.75
N GLU A 120 -7.84 -18.66 9.70
CA GLU A 120 -8.52 -19.96 9.75
C GLU A 120 -8.29 -20.74 8.43
N ARG A 121 -8.28 -22.08 8.48
CA ARG A 121 -7.96 -22.93 7.31
C ARG A 121 -9.01 -22.90 6.21
N ASP A 122 -8.59 -23.16 4.97
CA ASP A 122 -9.47 -23.24 3.79
C ASP A 122 -10.19 -24.60 3.70
N SER A 123 -11.43 -24.59 3.18
CA SER A 123 -12.28 -25.78 3.09
C SER A 123 -11.83 -26.81 2.04
N GLU A 124 -11.18 -26.35 0.96
CA GLU A 124 -10.65 -27.17 -0.14
C GLU A 124 -9.49 -26.48 -0.89
N PRO A 125 -8.63 -27.21 -1.63
CA PRO A 125 -7.58 -26.63 -2.46
C PRO A 125 -8.10 -25.73 -3.59
N PHE A 126 -7.25 -24.80 -4.05
CA PHE A 126 -7.53 -23.81 -5.11
C PHE A 126 -6.32 -23.57 -6.04
ZN ZN B . 2.93 -9.15 2.15
ZN ZN C . -6.54 1.82 -0.12
ZN ZN D . 3.82 -4.09 -10.62
N GLY A 1 4.31 -13.37 -11.69
CA GLY A 1 3.60 -13.26 -10.39
C GLY A 1 4.35 -13.94 -9.25
N PRO A 2 3.82 -13.87 -8.01
CA PRO A 2 4.46 -14.47 -6.83
C PRO A 2 4.39 -16.00 -6.82
N LEU A 3 5.37 -16.63 -6.17
CA LEU A 3 5.55 -18.09 -6.07
C LEU A 3 5.65 -18.53 -4.59
N GLY A 4 4.66 -18.16 -3.78
CA GLY A 4 4.65 -18.38 -2.33
C GLY A 4 4.69 -19.87 -1.92
N SER A 5 5.59 -20.23 -1.01
CA SER A 5 5.81 -21.62 -0.56
C SER A 5 6.44 -21.78 0.84
N GLY A 6 7.10 -20.75 1.36
CA GLY A 6 7.81 -20.73 2.65
C GLY A 6 6.97 -20.16 3.80
N PRO A 7 7.58 -19.52 4.82
CA PRO A 7 6.84 -18.83 5.87
C PRO A 7 6.00 -17.70 5.28
N SER A 8 4.76 -17.56 5.73
CA SER A 8 3.72 -16.71 5.14
C SER A 8 3.44 -15.45 5.96
N CYS A 9 3.19 -14.32 5.28
CA CYS A 9 2.71 -13.08 5.86
C CYS A 9 1.30 -13.25 6.48
N ARG A 10 0.74 -12.20 7.11
CA ARG A 10 -0.56 -12.27 7.81
C ARG A 10 -1.70 -11.47 7.21
N PHE A 11 -1.46 -10.85 6.07
CA PHE A 11 -2.51 -10.24 5.25
C PHE A 11 -2.40 -10.57 3.74
N CYS A 12 -1.28 -11.16 3.32
CA CYS A 12 -0.98 -11.57 1.94
C CYS A 12 -0.71 -13.10 1.85
N LYS A 13 -0.02 -13.62 2.88
CA LYS A 13 0.32 -15.03 3.12
C LYS A 13 0.96 -15.78 1.94
N ASP A 14 1.67 -15.08 1.06
CA ASP A 14 2.39 -15.69 -0.07
C ASP A 14 3.76 -16.18 0.43
N ASP A 15 4.65 -15.26 0.79
CA ASP A 15 5.96 -15.55 1.36
C ASP A 15 6.55 -14.31 2.02
N GLU A 16 7.16 -14.47 3.20
CA GLU A 16 7.89 -13.36 3.83
C GLU A 16 9.22 -13.05 3.13
N ASN A 17 9.81 -14.00 2.39
CA ASN A 17 11.04 -13.81 1.64
C ASN A 17 10.84 -13.42 0.16
N LYS A 18 9.57 -13.27 -0.28
CA LYS A 18 9.18 -12.90 -1.66
C LYS A 18 8.31 -11.63 -1.68
N PRO A 19 8.21 -10.91 -2.82
CA PRO A 19 7.21 -9.85 -3.00
C PRO A 19 5.78 -10.43 -2.98
N CYS A 20 4.82 -9.59 -2.58
CA CYS A 20 3.39 -9.89 -2.57
C CYS A 20 2.58 -8.76 -3.24
N ARG A 21 1.25 -8.93 -3.26
CA ARG A 21 0.25 -7.90 -3.63
C ARG A 21 0.18 -6.78 -2.59
N LYS A 22 0.36 -7.12 -1.30
CA LYS A 22 0.27 -6.18 -0.17
C LYS A 22 1.66 -5.65 0.22
N CYS A 23 2.69 -6.50 0.12
CA CYS A 23 4.08 -6.13 0.42
C CYS A 23 4.69 -5.26 -0.70
N ALA A 24 4.50 -5.68 -1.96
CA ALA A 24 4.93 -4.98 -3.16
C ALA A 24 3.70 -4.65 -4.03
N CYS A 25 3.80 -4.74 -5.36
CA CYS A 25 2.78 -4.27 -6.29
C CYS A 25 1.43 -5.01 -6.14
N HIS A 26 0.34 -4.30 -5.85
CA HIS A 26 -1.00 -4.91 -5.82
C HIS A 26 -1.55 -5.29 -7.21
N VAL A 27 -0.87 -4.87 -8.28
CA VAL A 27 -1.23 -5.23 -9.65
C VAL A 27 -0.58 -6.53 -10.10
N CYS A 28 0.76 -6.55 -10.09
CA CYS A 28 1.56 -7.62 -10.71
C CYS A 28 2.07 -8.61 -9.65
N GLY A 29 1.92 -8.17 -8.41
CA GLY A 29 2.21 -8.97 -7.21
C GLY A 29 3.71 -9.19 -6.99
N GLY A 30 4.52 -8.22 -7.44
CA GLY A 30 5.97 -8.31 -7.55
C GLY A 30 6.65 -6.97 -7.27
N ARG A 31 7.98 -6.98 -7.25
CA ARG A 31 8.84 -5.80 -7.09
C ARG A 31 9.98 -5.79 -8.12
N GLU A 32 10.43 -4.60 -8.51
CA GLU A 32 11.60 -4.37 -9.37
C GLU A 32 12.25 -3.02 -9.05
N ALA A 33 11.41 -1.97 -9.00
CA ALA A 33 11.78 -0.63 -8.57
C ALA A 33 11.20 -0.29 -7.16
N PRO A 34 12.01 -0.37 -6.08
CA PRO A 34 11.64 0.12 -4.74
C PRO A 34 11.73 1.66 -4.63
N GLU A 35 11.52 2.34 -5.75
CA GLU A 35 11.74 3.76 -6.00
C GLU A 35 10.77 4.28 -7.09
N LYS A 36 9.74 3.49 -7.45
CA LYS A 36 8.66 3.85 -8.38
C LYS A 36 7.34 3.15 -8.01
N GLN A 37 6.95 3.13 -6.74
CA GLN A 37 5.67 2.60 -6.30
C GLN A 37 4.97 3.66 -5.44
N LEU A 38 3.68 3.79 -5.67
CA LEU A 38 2.77 4.64 -4.87
C LEU A 38 2.18 3.82 -3.73
N LEU A 39 1.90 4.48 -2.61
CA LEU A 39 1.27 3.86 -1.44
C LEU A 39 -0.09 4.51 -1.23
N CYS A 40 -1.11 3.70 -0.97
CA CYS A 40 -2.39 4.25 -0.52
C CYS A 40 -2.23 4.97 0.85
N ASP A 41 -3.16 5.85 1.17
CA ASP A 41 -3.22 6.59 2.43
C ASP A 41 -4.21 5.96 3.44
N GLU A 42 -5.08 5.06 2.99
CA GLU A 42 -6.00 4.29 3.86
C GLU A 42 -5.46 2.88 4.14
N CYS A 43 -4.96 2.20 3.11
CA CYS A 43 -4.49 0.81 3.22
C CYS A 43 -2.95 0.65 3.09
N ASP A 44 -2.23 1.67 2.62
CA ASP A 44 -0.75 1.75 2.49
C ASP A 44 -0.12 0.62 1.68
N MET A 45 -0.75 0.29 0.57
CA MET A 45 -0.29 -0.81 -0.30
C MET A 45 0.49 -0.26 -1.49
N ALA A 46 1.54 -0.96 -1.95
CA ALA A 46 2.37 -0.47 -3.05
C ALA A 46 1.77 -0.73 -4.44
N PHE A 47 2.03 0.20 -5.37
CA PHE A 47 1.48 0.18 -6.71
C PHE A 47 2.47 0.84 -7.66
N HIS A 48 3.10 0.05 -8.52
CA HIS A 48 4.06 0.58 -9.51
C HIS A 48 3.49 1.73 -10.33
N LEU A 49 4.30 2.78 -10.53
CA LEU A 49 3.95 3.92 -11.39
C LEU A 49 3.60 3.55 -12.85
N TYR A 50 3.94 2.32 -13.26
CA TYR A 50 3.71 1.76 -14.58
C TYR A 50 2.72 0.57 -14.59
N CYS A 51 2.18 0.19 -13.43
CA CYS A 51 1.12 -0.82 -13.32
C CYS A 51 -0.23 -0.16 -12.96
N LEU A 52 -0.19 0.81 -12.04
CA LEU A 52 -1.33 1.56 -11.52
C LEU A 52 -1.87 2.63 -12.50
N LYS A 53 -1.05 3.14 -13.42
CA LYS A 53 -1.40 4.17 -14.41
C LYS A 53 -0.76 3.92 -15.80
N PRO A 54 -1.54 3.97 -16.90
CA PRO A 54 -1.00 4.01 -18.26
C PRO A 54 -0.34 5.35 -18.70
N PRO A 55 -0.82 6.55 -18.30
CA PRO A 55 -0.36 7.82 -18.88
C PRO A 55 1.03 8.26 -18.39
N LEU A 56 1.10 8.95 -17.25
CA LEU A 56 2.34 9.32 -16.55
C LEU A 56 3.06 8.09 -15.94
N THR A 57 4.36 8.24 -15.69
CA THR A 57 5.25 7.24 -15.09
C THR A 57 5.89 7.75 -13.78
N SER A 58 5.35 8.86 -13.25
CA SER A 58 5.84 9.60 -12.09
C SER A 58 4.69 9.95 -11.13
N VAL A 59 5.00 10.15 -9.85
CA VAL A 59 4.01 10.46 -8.80
C VAL A 59 3.37 11.84 -9.04
N PRO A 60 2.02 11.94 -8.99
CA PRO A 60 1.31 13.18 -9.31
C PRO A 60 1.47 14.27 -8.22
N PRO A 61 1.40 15.57 -8.60
CA PRO A 61 1.35 16.68 -7.64
C PRO A 61 -0.02 16.70 -6.94
N GLU A 62 -0.06 16.18 -5.72
CA GLU A 62 -1.28 15.89 -4.96
C GLU A 62 -0.97 15.92 -3.44
N PRO A 63 -1.88 16.39 -2.56
CA PRO A 63 -1.67 16.34 -1.12
C PRO A 63 -1.91 14.94 -0.51
N GLU A 64 -2.88 14.18 -1.02
CA GLU A 64 -3.31 12.87 -0.49
C GLU A 64 -3.82 11.94 -1.60
N TRP A 65 -3.55 10.64 -1.47
CA TRP A 65 -3.77 9.65 -2.54
C TRP A 65 -4.19 8.29 -1.96
N TYR A 66 -5.23 7.71 -2.53
CA TYR A 66 -5.71 6.36 -2.23
C TYR A 66 -5.84 5.55 -3.52
N CYS A 67 -5.49 4.26 -3.48
CA CYS A 67 -5.57 3.34 -4.60
C CYS A 67 -6.90 3.35 -5.37
N PRO A 68 -6.96 2.88 -6.64
CA PRO A 68 -8.21 2.71 -7.38
C PRO A 68 -9.31 1.93 -6.63
N SER A 69 -8.97 1.01 -5.72
CA SER A 69 -9.96 0.29 -4.90
C SER A 69 -10.57 1.17 -3.79
N CYS A 70 -9.76 1.84 -2.95
CA CYS A 70 -10.25 2.79 -1.94
C CYS A 70 -10.87 4.03 -2.62
N ARG A 71 -10.31 4.47 -3.75
CA ARG A 71 -10.82 5.59 -4.55
C ARG A 71 -12.27 5.36 -4.98
N THR A 72 -12.62 4.12 -5.34
CA THR A 72 -13.97 3.73 -5.79
C THR A 72 -14.89 3.30 -4.65
N ASP A 73 -14.33 2.81 -3.53
CA ASP A 73 -15.11 2.44 -2.34
C ASP A 73 -15.66 3.65 -1.57
N SER A 74 -14.92 4.77 -1.55
CA SER A 74 -15.39 6.07 -1.05
C SER A 74 -16.16 6.83 -2.14
N ARG A 75 -17.29 7.46 -1.79
CA ARG A 75 -18.11 8.26 -2.71
C ARG A 75 -17.52 9.65 -2.97
N ARG A 76 -17.71 10.12 -4.21
CA ARG A 76 -17.16 11.34 -4.84
C ARG A 76 -15.61 11.39 -4.91
N GLU A 77 -15.09 12.03 -5.95
CA GLU A 77 -13.67 12.40 -6.07
C GLU A 77 -13.33 13.65 -5.22
N VAL A 78 -12.05 13.82 -4.87
CA VAL A 78 -11.52 14.95 -4.09
C VAL A 78 -10.19 15.42 -4.71
N GLN A 79 -10.01 16.74 -4.86
CA GLN A 79 -8.81 17.39 -5.43
C GLN A 79 -8.48 18.70 -4.68
N SER A 80 -7.24 19.18 -4.82
CA SER A 80 -6.79 20.49 -4.31
C SER A 80 -5.77 21.15 -5.26
N ALA A 81 -5.70 22.48 -5.22
CA ALA A 81 -4.84 23.29 -6.09
C ALA A 81 -3.45 23.64 -5.49
N PHE A 82 -3.23 23.41 -4.19
CA PHE A 82 -2.04 23.82 -3.45
C PHE A 82 -1.45 22.71 -2.54
N PRO A 83 -0.13 22.70 -2.29
CA PRO A 83 0.56 21.64 -1.55
C PRO A 83 0.36 21.76 -0.03
N LYS A 84 -0.84 21.45 0.46
CA LYS A 84 -1.21 21.44 1.89
C LYS A 84 -0.59 20.24 2.64
N ARG A 85 -0.29 19.16 1.92
CA ARG A 85 0.29 17.88 2.37
C ARG A 85 1.05 17.26 1.17
N ARG A 86 1.59 16.04 1.30
CA ARG A 86 2.18 15.27 0.18
C ARG A 86 1.89 13.77 0.29
N VAL A 87 1.65 13.12 -0.85
CA VAL A 87 1.35 11.68 -1.00
C VAL A 87 2.52 10.76 -0.61
N ARG A 88 2.22 9.45 -0.50
CA ARG A 88 3.15 8.42 -0.03
C ARG A 88 3.68 7.56 -1.19
N THR A 89 4.96 7.23 -1.14
CA THR A 89 5.73 6.58 -2.22
C THR A 89 6.85 5.70 -1.64
N LEU A 90 7.32 4.65 -2.33
CA LEU A 90 8.40 3.78 -1.81
C LEU A 90 9.75 4.50 -1.77
N LEU A 91 10.02 5.32 -2.76
CA LEU A 91 11.13 6.28 -2.76
C LEU A 91 11.15 7.19 -1.50
N SER A 92 10.02 7.31 -0.79
CA SER A 92 9.89 7.91 0.55
C SER A 92 9.88 6.90 1.71
N VAL A 93 9.03 5.86 1.67
CA VAL A 93 8.88 4.84 2.73
C VAL A 93 10.04 3.86 2.73
N LEU A 94 10.32 3.22 1.60
CA LEU A 94 11.33 2.19 1.48
C LEU A 94 12.74 2.74 1.73
N LYS A 95 12.93 4.03 1.43
CA LYS A 95 14.16 4.79 1.71
C LYS A 95 14.37 5.05 3.21
N ASP A 96 13.39 4.73 4.07
CA ASP A 96 13.55 4.85 5.53
C ASP A 96 13.28 3.50 6.23
N PRO A 97 14.21 2.99 7.06
CA PRO A 97 14.02 1.69 7.71
C PRO A 97 12.80 1.66 8.65
N ILE A 98 12.40 2.81 9.22
CA ILE A 98 11.23 2.89 10.09
C ILE A 98 9.94 2.91 9.29
N ALA A 99 9.85 3.71 8.22
CA ALA A 99 8.66 3.79 7.37
C ALA A 99 8.37 2.44 6.69
N LYS A 100 9.42 1.69 6.34
CA LYS A 100 9.35 0.30 5.86
C LYS A 100 8.68 -0.63 6.87
N MET A 101 9.21 -0.67 8.08
CA MET A 101 8.73 -1.57 9.13
C MET A 101 7.39 -1.11 9.69
N ARG A 102 7.12 0.19 9.70
CA ARG A 102 5.87 0.79 10.14
C ARG A 102 4.78 0.40 9.16
N ARG A 103 4.97 0.62 7.86
CA ARG A 103 3.96 0.20 6.87
C ARG A 103 3.75 -1.32 6.83
N LEU A 104 4.75 -2.11 7.20
CA LEU A 104 4.63 -3.56 7.15
C LEU A 104 4.08 -4.22 8.40
N VAL A 105 4.35 -3.66 9.58
CA VAL A 105 3.83 -4.13 10.86
C VAL A 105 2.61 -3.32 11.29
N ARG A 106 2.74 -2.01 11.39
CA ARG A 106 1.70 -1.09 11.90
C ARG A 106 0.47 -1.10 11.01
N ILE A 107 0.67 -1.05 9.69
CA ILE A 107 -0.46 -1.09 8.74
C ILE A 107 -1.08 -2.48 8.65
N GLU A 108 -0.27 -3.52 8.44
CA GLU A 108 -0.76 -4.90 8.31
C GLU A 108 -1.59 -5.31 9.54
N GLN A 109 -1.12 -5.01 10.75
CA GLN A 109 -1.83 -5.31 12.00
C GLN A 109 -3.16 -4.55 12.12
N ARG A 110 -3.27 -3.33 11.56
CA ARG A 110 -4.55 -2.59 11.51
C ARG A 110 -5.55 -3.29 10.59
N GLN A 111 -5.18 -3.54 9.33
CA GLN A 111 -6.12 -4.12 8.37
C GLN A 111 -6.48 -5.58 8.64
N LYS A 112 -5.57 -6.39 9.21
CA LYS A 112 -5.95 -7.73 9.63
C LYS A 112 -6.99 -7.72 10.76
N ARG A 113 -6.91 -6.72 11.65
CA ARG A 113 -7.87 -6.55 12.76
C ARG A 113 -9.20 -6.00 12.27
N LEU A 114 -9.21 -5.05 11.34
CA LEU A 114 -10.43 -4.46 10.77
C LEU A 114 -11.38 -5.50 10.13
N GLU A 115 -10.86 -6.65 9.71
CA GLU A 115 -11.66 -7.78 9.20
C GLU A 115 -12.59 -8.44 10.25
N GLY A 116 -12.36 -8.27 11.56
CA GLY A 116 -13.18 -8.94 12.61
C GLY A 116 -12.90 -8.60 14.09
N ASN A 117 -12.15 -7.54 14.37
CA ASN A 117 -11.71 -7.11 15.70
C ASN A 117 -11.76 -5.57 15.83
N GLU A 118 -11.84 -5.05 17.07
CA GLU A 118 -11.92 -3.62 17.35
C GLU A 118 -10.60 -2.85 17.06
N PHE A 119 -10.72 -1.62 16.59
CA PHE A 119 -9.62 -0.68 16.34
C PHE A 119 -10.12 0.78 16.44
N GLU A 120 -9.22 1.74 16.68
CA GLU A 120 -9.52 3.18 16.66
C GLU A 120 -8.39 4.03 16.04
N ARG A 121 -8.77 5.05 15.26
CA ARG A 121 -7.87 6.03 14.62
C ARG A 121 -8.55 7.39 14.42
N ASP A 122 -7.75 8.44 14.21
CA ASP A 122 -8.20 9.83 14.05
C ASP A 122 -7.39 10.58 12.97
N SER A 123 -8.00 11.61 12.37
CA SER A 123 -7.36 12.55 11.44
C SER A 123 -6.56 13.65 12.15
N GLU A 124 -5.65 14.31 11.42
CA GLU A 124 -4.82 15.43 11.90
C GLU A 124 -4.88 16.63 10.93
N PRO A 125 -4.78 17.88 11.41
CA PRO A 125 -4.91 19.09 10.59
C PRO A 125 -3.61 19.53 9.86
N PHE A 126 -2.48 18.85 10.09
CA PHE A 126 -1.12 19.20 9.65
C PHE A 126 -1.00 19.56 8.16
ZN ZN B . 3.60 -10.24 2.16
ZN ZN C . -6.24 1.66 -0.57
ZN ZN D . 3.62 -3.98 -10.74
N GLY A 1 -9.26 -24.91 9.57
CA GLY A 1 -8.14 -24.24 8.87
C GLY A 1 -6.89 -25.11 8.80
N PRO A 2 -5.94 -24.81 7.91
CA PRO A 2 -4.68 -25.55 7.75
C PRO A 2 -3.70 -25.34 8.92
N LEU A 3 -2.67 -26.18 9.00
CA LEU A 3 -1.60 -26.14 10.01
C LEU A 3 -0.20 -26.19 9.36
N GLY A 4 0.77 -25.51 9.98
CA GLY A 4 2.17 -25.42 9.54
C GLY A 4 2.90 -24.22 10.14
N SER A 5 4.22 -24.13 9.91
CA SER A 5 5.10 -23.08 10.43
C SER A 5 6.19 -22.68 9.42
N GLY A 6 6.33 -21.40 9.13
CA GLY A 6 7.32 -20.85 8.19
C GLY A 6 7.40 -19.31 8.22
N PRO A 7 8.26 -18.70 7.37
CA PRO A 7 8.42 -17.25 7.29
C PRO A 7 7.23 -16.61 6.54
N SER A 8 6.23 -16.16 7.30
CA SER A 8 4.92 -15.74 6.79
C SER A 8 4.58 -14.29 7.17
N CYS A 9 4.41 -13.43 6.15
CA CYS A 9 3.85 -12.08 6.30
C CYS A 9 2.38 -12.22 6.77
N ARG A 10 1.94 -11.44 7.75
CA ARG A 10 0.64 -11.72 8.42
C ARG A 10 -0.56 -11.36 7.59
N PHE A 11 -0.37 -10.56 6.54
CA PHE A 11 -1.50 -10.11 5.75
C PHE A 11 -1.82 -11.10 4.60
N CYS A 12 -0.92 -12.04 4.29
CA CYS A 12 -1.04 -12.99 3.18
C CYS A 12 -0.68 -14.44 3.60
N LYS A 13 0.39 -14.58 4.39
CA LYS A 13 1.09 -15.82 4.77
C LYS A 13 1.45 -16.66 3.54
N ASP A 14 2.24 -16.08 2.64
CA ASP A 14 2.84 -16.76 1.49
C ASP A 14 4.34 -17.02 1.73
N ASP A 15 5.16 -15.97 1.68
CA ASP A 15 6.59 -15.98 2.05
C ASP A 15 7.12 -14.56 2.25
N GLU A 16 7.78 -14.27 3.37
CA GLU A 16 8.34 -12.93 3.65
C GLU A 16 9.43 -12.50 2.67
N ASN A 17 10.14 -13.43 2.01
CA ASN A 17 11.15 -13.08 1.00
C ASN A 17 10.54 -12.91 -0.42
N LYS A 18 9.26 -13.25 -0.62
CA LYS A 18 8.55 -13.14 -1.91
C LYS A 18 7.69 -11.86 -1.96
N PRO A 19 7.65 -11.12 -3.09
CA PRO A 19 6.71 -10.02 -3.28
C PRO A 19 5.25 -10.52 -3.37
N CYS A 20 4.32 -9.70 -2.87
CA CYS A 20 2.88 -9.96 -2.87
C CYS A 20 2.10 -8.79 -3.53
N ARG A 21 0.77 -8.92 -3.59
CA ARG A 21 -0.13 -7.82 -3.98
C ARG A 21 -0.24 -6.73 -2.88
N LYS A 22 -0.16 -7.12 -1.60
CA LYS A 22 -0.22 -6.18 -0.46
C LYS A 22 1.17 -5.70 -0.03
N CYS A 23 2.16 -6.59 -0.08
CA CYS A 23 3.52 -6.30 0.34
C CYS A 23 4.31 -5.52 -0.75
N ALA A 24 4.13 -5.90 -2.02
CA ALA A 24 4.63 -5.20 -3.21
C ALA A 24 3.46 -4.73 -4.10
N CYS A 25 3.64 -4.70 -5.43
CA CYS A 25 2.65 -4.16 -6.37
C CYS A 25 1.31 -4.92 -6.32
N HIS A 26 0.20 -4.24 -6.09
CA HIS A 26 -1.16 -4.84 -6.08
C HIS A 26 -1.69 -5.17 -7.48
N VAL A 27 -1.00 -4.69 -8.51
CA VAL A 27 -1.45 -4.70 -9.91
C VAL A 27 -0.68 -5.69 -10.80
N CYS A 28 0.59 -5.98 -10.49
CA CYS A 28 1.36 -7.06 -11.13
C CYS A 28 1.75 -8.18 -10.13
N GLY A 29 1.62 -7.92 -8.82
CA GLY A 29 1.87 -8.90 -7.77
C GLY A 29 3.34 -9.22 -7.57
N GLY A 30 4.20 -8.21 -7.72
CA GLY A 30 5.65 -8.34 -7.79
C GLY A 30 6.37 -7.03 -7.42
N ARG A 31 7.70 -7.07 -7.43
CA ARG A 31 8.57 -5.88 -7.27
C ARG A 31 9.62 -5.81 -8.38
N GLU A 32 10.03 -4.60 -8.75
CA GLU A 32 11.02 -4.34 -9.82
C GLU A 32 11.79 -3.04 -9.58
N ALA A 33 11.05 -1.94 -9.39
CA ALA A 33 11.58 -0.65 -8.96
C ALA A 33 10.92 -0.18 -7.64
N PRO A 34 11.51 -0.51 -6.47
CA PRO A 34 11.03 -0.09 -5.14
C PRO A 34 11.30 1.40 -4.80
N GLU A 35 11.39 2.23 -5.83
CA GLU A 35 11.46 3.70 -5.78
C GLU A 35 10.61 4.29 -6.93
N LYS A 36 9.57 3.56 -7.35
CA LYS A 36 8.50 3.97 -8.27
C LYS A 36 7.18 3.22 -7.96
N GLN A 37 6.76 3.11 -6.69
CA GLN A 37 5.48 2.54 -6.31
C GLN A 37 4.76 3.53 -5.41
N LEU A 38 3.46 3.70 -5.64
CA LEU A 38 2.57 4.54 -4.84
C LEU A 38 1.96 3.76 -3.70
N LEU A 39 1.74 4.39 -2.54
CA LEU A 39 0.99 3.80 -1.42
C LEU A 39 -0.40 4.45 -1.32
N CYS A 40 -1.47 3.65 -1.15
CA CYS A 40 -2.77 4.22 -0.75
C CYS A 40 -2.66 4.98 0.61
N ASP A 41 -3.71 5.73 0.96
CA ASP A 41 -3.86 6.44 2.24
C ASP A 41 -4.92 5.80 3.15
N GLU A 42 -5.71 4.85 2.64
CA GLU A 42 -6.60 4.00 3.46
C GLU A 42 -5.99 2.60 3.66
N CYS A 43 -5.35 2.04 2.63
CA CYS A 43 -4.78 0.70 2.65
C CYS A 43 -3.24 0.70 2.84
N ASP A 44 -2.56 1.74 2.32
CA ASP A 44 -1.09 1.85 2.18
C ASP A 44 -0.43 0.67 1.46
N MET A 45 -1.07 0.25 0.37
CA MET A 45 -0.57 -0.86 -0.48
C MET A 45 0.20 -0.31 -1.68
N ALA A 46 1.23 -1.01 -2.15
CA ALA A 46 2.08 -0.52 -3.25
C ALA A 46 1.50 -0.73 -4.65
N PHE A 47 1.81 0.20 -5.56
CA PHE A 47 1.29 0.23 -6.93
C PHE A 47 2.31 0.95 -7.81
N HIS A 48 3.02 0.20 -8.65
CA HIS A 48 3.99 0.77 -9.62
C HIS A 48 3.40 1.91 -10.43
N LEU A 49 4.17 3.01 -10.56
CA LEU A 49 3.79 4.18 -11.37
C LEU A 49 3.41 3.84 -12.82
N TYR A 50 3.85 2.68 -13.31
CA TYR A 50 3.69 2.22 -14.69
C TYR A 50 2.81 0.97 -14.83
N CYS A 51 2.32 0.43 -13.70
CA CYS A 51 1.29 -0.61 -13.71
C CYS A 51 -0.10 -0.01 -13.38
N LEU A 52 -0.13 0.85 -12.35
CA LEU A 52 -1.30 1.58 -11.87
C LEU A 52 -1.81 2.65 -12.86
N LYS A 53 -0.93 3.21 -13.70
CA LYS A 53 -1.23 4.24 -14.70
C LYS A 53 -0.44 4.04 -16.01
N PRO A 54 -1.05 4.17 -17.21
CA PRO A 54 -0.33 4.22 -18.49
C PRO A 54 0.48 5.51 -18.80
N PRO A 55 0.04 6.75 -18.43
CA PRO A 55 0.66 7.99 -18.91
C PRO A 55 2.05 8.30 -18.33
N LEU A 56 2.08 8.98 -17.17
CA LEU A 56 3.31 9.39 -16.46
C LEU A 56 4.05 8.22 -15.78
N THR A 57 5.30 8.46 -15.42
CA THR A 57 6.21 7.52 -14.72
C THR A 57 6.65 8.06 -13.35
N SER A 58 6.08 9.19 -12.92
CA SER A 58 6.39 9.94 -11.71
C SER A 58 5.12 10.29 -10.91
N VAL A 59 5.25 10.52 -9.60
CA VAL A 59 4.14 10.74 -8.67
C VAL A 59 3.56 12.18 -8.75
N PRO A 60 2.22 12.34 -8.83
CA PRO A 60 1.53 13.62 -8.79
C PRO A 60 1.80 14.47 -7.53
N PRO A 61 1.84 15.81 -7.63
CA PRO A 61 1.86 16.72 -6.47
C PRO A 61 0.46 16.79 -5.83
N GLU A 62 0.27 16.10 -4.71
CA GLU A 62 -1.03 15.86 -4.07
C GLU A 62 -0.86 15.67 -2.54
N PRO A 63 -1.79 16.10 -1.68
CA PRO A 63 -1.74 15.82 -0.23
C PRO A 63 -2.20 14.43 0.21
N GLU A 64 -3.13 13.79 -0.50
CA GLU A 64 -3.61 12.42 -0.23
C GLU A 64 -3.96 11.67 -1.52
N TRP A 65 -3.68 10.36 -1.57
CA TRP A 65 -3.90 9.47 -2.70
C TRP A 65 -4.33 8.09 -2.20
N TYR A 66 -5.39 7.55 -2.80
CA TYR A 66 -5.92 6.21 -2.51
C TYR A 66 -5.98 5.37 -3.78
N CYS A 67 -5.82 4.04 -3.73
CA CYS A 67 -5.88 3.15 -4.91
C CYS A 67 -7.08 3.48 -5.86
N PRO A 68 -7.00 3.16 -7.17
CA PRO A 68 -8.02 3.57 -8.14
C PRO A 68 -9.47 3.17 -7.80
N SER A 69 -9.67 2.06 -7.09
CA SER A 69 -10.99 1.69 -6.54
C SER A 69 -11.44 2.61 -5.39
N CYS A 70 -10.57 2.86 -4.41
CA CYS A 70 -10.81 3.76 -3.29
C CYS A 70 -11.04 5.22 -3.75
N ARG A 71 -10.28 5.66 -4.75
CA ARG A 71 -10.40 6.95 -5.45
C ARG A 71 -11.76 7.12 -6.13
N THR A 72 -12.36 6.03 -6.61
CA THR A 72 -13.67 6.04 -7.29
C THR A 72 -14.83 5.87 -6.29
N ASP A 73 -14.60 5.21 -5.16
CA ASP A 73 -15.61 5.00 -4.11
C ASP A 73 -15.80 6.22 -3.17
N SER A 74 -14.74 7.00 -2.93
CA SER A 74 -14.74 8.21 -2.10
C SER A 74 -14.44 9.47 -2.91
N ARG A 75 -15.29 10.50 -2.79
CA ARG A 75 -15.18 11.77 -3.53
C ARG A 75 -14.08 12.69 -2.97
N ARG A 76 -13.59 13.60 -3.82
CA ARG A 76 -12.52 14.58 -3.54
C ARG A 76 -12.74 15.87 -4.36
N GLU A 77 -12.20 16.99 -3.89
CA GLU A 77 -12.24 18.29 -4.59
C GLU A 77 -11.44 18.26 -5.92
N VAL A 78 -11.83 19.13 -6.87
CA VAL A 78 -11.34 19.07 -8.26
C VAL A 78 -9.87 19.49 -8.46
N GLN A 79 -9.40 20.51 -7.72
CA GLN A 79 -8.05 21.08 -7.89
C GLN A 79 -7.60 21.87 -6.63
N SER A 80 -6.29 21.89 -6.37
CA SER A 80 -5.64 22.76 -5.38
C SER A 80 -4.31 23.30 -5.91
N ALA A 81 -4.00 24.55 -5.59
CA ALA A 81 -2.77 25.23 -6.03
C ALA A 81 -1.59 25.10 -5.04
N PHE A 82 -1.87 24.77 -3.77
CA PHE A 82 -0.89 24.73 -2.68
C PHE A 82 -1.05 23.44 -1.84
N PRO A 83 -0.29 22.36 -2.14
CA PRO A 83 -0.35 21.11 -1.37
C PRO A 83 0.03 21.27 0.11
N LYS A 84 -0.79 20.69 1.00
CA LYS A 84 -0.56 20.60 2.45
C LYS A 84 0.56 19.62 2.81
N ARG A 85 0.82 18.64 1.94
CA ARG A 85 1.85 17.58 2.05
C ARG A 85 2.09 16.94 0.67
N ARG A 86 3.00 15.96 0.59
CA ARG A 86 3.16 15.06 -0.57
C ARG A 86 2.58 13.68 -0.24
N VAL A 87 2.12 12.94 -1.24
CA VAL A 87 1.59 11.58 -1.06
C VAL A 87 2.67 10.55 -0.75
N ARG A 88 2.21 9.44 -0.16
CA ARG A 88 3.02 8.33 0.33
C ARG A 88 3.40 7.39 -0.82
N THR A 89 4.64 6.96 -0.84
CA THR A 89 5.31 6.26 -1.97
C THR A 89 6.48 5.42 -1.46
N LEU A 90 6.92 4.41 -2.20
CA LEU A 90 8.08 3.58 -1.82
C LEU A 90 9.42 4.31 -1.89
N LEU A 91 9.60 5.15 -2.90
CA LEU A 91 10.72 6.09 -2.99
C LEU A 91 10.88 6.94 -1.71
N SER A 92 9.80 7.17 -0.96
CA SER A 92 9.84 7.74 0.39
C SER A 92 9.92 6.68 1.52
N VAL A 93 9.04 5.68 1.53
CA VAL A 93 8.92 4.66 2.59
C VAL A 93 10.02 3.60 2.51
N LEU A 94 10.16 2.95 1.36
CA LEU A 94 11.12 1.87 1.15
C LEU A 94 12.56 2.34 1.32
N LYS A 95 12.79 3.64 1.07
CA LYS A 95 14.08 4.32 1.26
C LYS A 95 14.37 4.63 2.74
N ASP A 96 13.50 4.22 3.68
CA ASP A 96 13.74 4.36 5.13
C ASP A 96 13.47 3.06 5.92
N PRO A 97 14.38 2.59 6.79
CA PRO A 97 14.17 1.36 7.54
C PRO A 97 13.02 1.44 8.56
N ILE A 98 12.69 2.63 9.08
CA ILE A 98 11.52 2.81 9.95
C ILE A 98 10.24 2.74 9.12
N ALA A 99 10.16 3.48 8.01
CA ALA A 99 8.95 3.60 7.19
C ALA A 99 8.53 2.28 6.55
N LYS A 100 9.50 1.43 6.15
CA LYS A 100 9.27 0.04 5.72
C LYS A 100 8.55 -0.78 6.80
N MET A 101 9.08 -0.79 8.02
CA MET A 101 8.52 -1.58 9.12
C MET A 101 7.22 -0.97 9.64
N ARG A 102 7.08 0.36 9.61
CA ARG A 102 5.88 1.10 10.00
C ARG A 102 4.74 0.74 9.06
N ARG A 103 4.94 0.83 7.75
CA ARG A 103 3.89 0.46 6.78
C ARG A 103 3.54 -1.04 6.82
N LEU A 104 4.47 -1.90 7.22
CA LEU A 104 4.24 -3.34 7.23
C LEU A 104 3.68 -3.89 8.52
N VAL A 105 4.00 -3.29 9.67
CA VAL A 105 3.47 -3.67 10.99
C VAL A 105 2.30 -2.78 11.37
N ARG A 106 2.50 -1.46 11.38
CA ARG A 106 1.54 -0.48 11.88
C ARG A 106 0.30 -0.44 11.01
N ILE A 107 0.50 -0.38 9.69
CA ILE A 107 -0.62 -0.32 8.73
C ILE A 107 -1.37 -1.64 8.66
N GLU A 108 -0.64 -2.75 8.55
CA GLU A 108 -1.19 -4.10 8.56
C GLU A 108 -2.04 -4.33 9.83
N GLN A 109 -1.53 -4.00 11.02
CA GLN A 109 -2.31 -4.09 12.27
C GLN A 109 -3.57 -3.19 12.23
N ARG A 110 -3.49 -1.96 11.70
CA ARG A 110 -4.64 -1.05 11.57
C ARG A 110 -5.75 -1.67 10.70
N GLN A 111 -5.42 -2.09 9.48
CA GLN A 111 -6.44 -2.65 8.57
C GLN A 111 -6.96 -4.02 9.02
N LYS A 112 -6.12 -4.86 9.65
CA LYS A 112 -6.57 -6.16 10.15
C LYS A 112 -7.48 -6.00 11.38
N ARG A 113 -7.28 -4.98 12.22
CA ARG A 113 -8.21 -4.60 13.30
C ARG A 113 -9.53 -4.04 12.77
N LEU A 114 -9.47 -3.27 11.68
CA LEU A 114 -10.65 -2.67 11.03
C LEU A 114 -11.60 -3.74 10.44
N GLU A 115 -11.06 -4.83 9.90
CA GLU A 115 -11.85 -5.92 9.29
C GLU A 115 -12.36 -6.98 10.30
N GLY A 116 -11.94 -6.86 11.56
CA GLY A 116 -12.17 -7.85 12.63
C GLY A 116 -11.11 -8.94 12.70
N ASN A 117 -11.07 -9.69 13.80
CA ASN A 117 -9.96 -10.63 14.11
C ASN A 117 -9.97 -11.94 13.29
N GLU A 118 -11.02 -12.22 12.52
CA GLU A 118 -11.17 -13.44 11.71
C GLU A 118 -10.22 -13.45 10.49
N PHE A 119 -9.65 -14.60 10.16
CA PHE A 119 -8.83 -14.81 8.95
C PHE A 119 -8.89 -16.28 8.45
N GLU A 120 -8.53 -17.24 9.32
CA GLU A 120 -8.64 -18.70 9.11
C GLU A 120 -8.08 -19.24 7.77
N ARG A 121 -7.00 -18.63 7.26
CA ARG A 121 -6.41 -18.90 5.94
C ARG A 121 -4.89 -18.69 5.92
N ASP A 122 -4.20 -19.42 5.06
CA ASP A 122 -2.79 -19.24 4.71
C ASP A 122 -2.61 -19.46 3.19
N SER A 123 -1.84 -18.63 2.50
CA SER A 123 -1.50 -18.86 1.07
C SER A 123 -0.51 -20.00 0.90
N GLU A 124 0.43 -20.16 1.85
CA GLU A 124 1.32 -21.30 1.99
C GLU A 124 1.59 -21.54 3.50
N PRO A 125 0.90 -22.49 4.16
CA PRO A 125 1.09 -22.78 5.59
C PRO A 125 2.47 -23.41 5.90
N PHE A 126 3.15 -23.97 4.90
CA PHE A 126 4.48 -24.62 4.96
C PHE A 126 4.55 -25.85 5.91
ZN ZN B . 2.67 -10.63 1.85
ZN ZN C . -6.91 1.71 -1.07
ZN ZN D . 3.75 -3.64 -10.86
N GLY A 1 -0.42 -18.11 -5.25
CA GLY A 1 0.70 -18.43 -6.16
C GLY A 1 1.47 -19.66 -5.67
N PRO A 2 2.80 -19.75 -5.92
CA PRO A 2 3.64 -20.87 -5.50
C PRO A 2 3.89 -20.83 -3.98
N LEU A 3 2.99 -21.48 -3.22
CA LEU A 3 2.91 -21.44 -1.75
C LEU A 3 4.20 -21.90 -1.05
N GLY A 4 4.66 -21.13 -0.06
CA GLY A 4 5.82 -21.44 0.77
C GLY A 4 5.57 -22.57 1.78
N SER A 5 6.65 -23.28 2.14
CA SER A 5 6.60 -24.50 2.98
C SER A 5 6.67 -24.22 4.50
N GLY A 6 6.43 -22.98 4.94
CA GLY A 6 6.55 -22.56 6.34
C GLY A 6 6.45 -21.04 6.52
N PRO A 7 7.30 -20.23 5.83
CA PRO A 7 7.22 -18.78 5.87
C PRO A 7 5.95 -18.27 5.18
N SER A 8 5.12 -17.51 5.92
CA SER A 8 3.83 -16.97 5.46
C SER A 8 3.60 -15.56 6.02
N CYS A 9 3.71 -14.54 5.15
CA CYS A 9 3.51 -13.13 5.46
C CYS A 9 2.08 -12.93 6.01
N ARG A 10 1.87 -12.25 7.14
CA ARG A 10 0.57 -12.33 7.87
C ARG A 10 -0.60 -11.66 7.18
N PHE A 11 -0.35 -10.79 6.20
CA PHE A 11 -1.42 -10.14 5.45
C PHE A 11 -1.70 -10.80 4.08
N CYS A 12 -0.86 -11.77 3.68
CA CYS A 12 -0.81 -12.36 2.33
C CYS A 12 -0.84 -13.92 2.35
N LYS A 13 -0.09 -14.50 3.29
CA LYS A 13 0.28 -15.91 3.52
C LYS A 13 0.53 -16.71 2.23
N ASP A 14 1.35 -16.15 1.32
CA ASP A 14 1.85 -16.84 0.13
C ASP A 14 3.29 -17.34 0.34
N ASP A 15 4.24 -16.42 0.59
CA ASP A 15 5.63 -16.69 0.98
C ASP A 15 6.24 -15.39 1.52
N GLU A 16 7.14 -15.46 2.50
CA GLU A 16 7.93 -14.32 2.97
C GLU A 16 9.16 -14.03 2.10
N ASN A 17 9.71 -15.05 1.42
CA ASN A 17 10.85 -14.87 0.51
C ASN A 17 10.44 -14.48 -0.93
N LYS A 18 9.12 -14.47 -1.23
CA LYS A 18 8.55 -13.99 -2.51
C LYS A 18 7.87 -12.62 -2.32
N PRO A 19 7.83 -11.75 -3.35
CA PRO A 19 7.00 -10.54 -3.33
C PRO A 19 5.50 -10.89 -3.28
N CYS A 20 4.72 -9.99 -2.68
CA CYS A 20 3.30 -10.15 -2.40
C CYS A 20 2.52 -8.82 -2.64
N ARG A 21 1.21 -8.91 -2.95
CA ARG A 21 0.36 -7.79 -3.39
C ARG A 21 0.12 -6.71 -2.32
N LYS A 22 0.21 -7.02 -1.04
CA LYS A 22 -0.03 -6.03 0.02
C LYS A 22 1.27 -5.27 0.37
N CYS A 23 2.42 -5.95 0.23
CA CYS A 23 3.71 -5.45 0.64
C CYS A 23 4.50 -4.81 -0.53
N ALA A 24 4.52 -5.47 -1.68
CA ALA A 24 4.98 -4.93 -2.95
C ALA A 24 3.75 -4.57 -3.82
N CYS A 25 3.89 -4.63 -5.15
CA CYS A 25 2.87 -4.15 -6.07
C CYS A 25 1.54 -4.92 -5.93
N HIS A 26 0.44 -4.23 -5.63
CA HIS A 26 -0.90 -4.84 -5.55
C HIS A 26 -1.46 -5.32 -6.89
N VAL A 27 -0.87 -4.83 -7.98
CA VAL A 27 -1.36 -4.96 -9.36
C VAL A 27 -0.64 -6.06 -10.15
N CYS A 28 0.67 -6.27 -9.92
CA CYS A 28 1.44 -7.35 -10.53
C CYS A 28 1.89 -8.41 -9.50
N GLY A 29 1.84 -8.06 -8.21
CA GLY A 29 2.22 -8.94 -7.10
C GLY A 29 3.73 -9.17 -7.03
N GLY A 30 4.52 -8.14 -7.38
CA GLY A 30 5.96 -8.22 -7.59
C GLY A 30 6.70 -6.97 -7.14
N ARG A 31 8.03 -7.04 -7.10
CA ARG A 31 8.93 -5.94 -6.75
C ARG A 31 10.10 -5.84 -7.73
N GLU A 32 10.52 -4.62 -8.07
CA GLU A 32 11.69 -4.37 -8.93
C GLU A 32 12.33 -3.01 -8.63
N ALA A 33 11.52 -1.95 -8.65
CA ALA A 33 11.91 -0.58 -8.31
C ALA A 33 11.27 -0.12 -6.98
N PRO A 34 11.96 -0.22 -5.83
CA PRO A 34 11.50 0.29 -4.53
C PRO A 34 11.58 1.82 -4.42
N GLU A 35 11.54 2.51 -5.56
CA GLU A 35 11.58 3.97 -5.71
C GLU A 35 10.70 4.41 -6.91
N LYS A 36 9.67 3.61 -7.24
CA LYS A 36 8.58 3.93 -8.18
C LYS A 36 7.28 3.18 -7.82
N GLN A 37 6.87 3.15 -6.55
CA GLN A 37 5.61 2.56 -6.12
C GLN A 37 4.88 3.59 -5.25
N LEU A 38 3.58 3.72 -5.50
CA LEU A 38 2.68 4.60 -4.74
C LEU A 38 2.08 3.86 -3.55
N LEU A 39 1.91 4.54 -2.41
CA LEU A 39 1.19 3.99 -1.26
C LEU A 39 -0.24 4.57 -1.19
N CYS A 40 -1.26 3.72 -0.98
CA CYS A 40 -2.61 4.24 -0.70
C CYS A 40 -2.66 5.09 0.61
N ASP A 41 -3.67 5.94 0.73
CA ASP A 41 -3.93 6.82 1.87
C ASP A 41 -4.90 6.20 2.90
N GLU A 42 -5.58 5.11 2.54
CA GLU A 42 -6.43 4.29 3.44
C GLU A 42 -5.85 2.89 3.64
N CYS A 43 -5.27 2.27 2.59
CA CYS A 43 -4.71 0.92 2.66
C CYS A 43 -3.19 0.95 3.00
N ASP A 44 -2.48 1.99 2.54
CA ASP A 44 -1.01 2.10 2.56
C ASP A 44 -0.27 0.96 1.83
N MET A 45 -0.88 0.48 0.73
CA MET A 45 -0.33 -0.64 -0.07
C MET A 45 0.44 -0.13 -1.28
N ALA A 46 1.46 -0.84 -1.76
CA ALA A 46 2.30 -0.41 -2.88
C ALA A 46 1.71 -0.70 -4.27
N PHE A 47 1.99 0.20 -5.22
CA PHE A 47 1.44 0.15 -6.57
C PHE A 47 2.43 0.84 -7.52
N HIS A 48 3.14 0.07 -8.34
CA HIS A 48 4.08 0.61 -9.34
C HIS A 48 3.49 1.73 -10.19
N LEU A 49 4.24 2.82 -10.36
CA LEU A 49 3.83 3.94 -11.21
C LEU A 49 3.45 3.54 -12.65
N TYR A 50 3.93 2.38 -13.11
CA TYR A 50 3.79 1.87 -14.47
C TYR A 50 2.89 0.64 -14.56
N CYS A 51 2.39 0.13 -13.43
CA CYS A 51 1.36 -0.90 -13.41
C CYS A 51 -0.03 -0.30 -13.06
N LEU A 52 -0.05 0.59 -12.06
CA LEU A 52 -1.24 1.25 -11.52
C LEU A 52 -1.90 2.26 -12.49
N LYS A 53 -1.13 2.90 -13.38
CA LYS A 53 -1.58 3.95 -14.32
C LYS A 53 -0.86 3.84 -15.68
N PRO A 54 -1.56 4.01 -16.83
CA PRO A 54 -0.92 4.13 -18.15
C PRO A 54 -0.17 5.46 -18.45
N PRO A 55 -0.62 6.66 -18.01
CA PRO A 55 -0.05 7.94 -18.46
C PRO A 55 1.35 8.28 -17.93
N LEU A 56 1.43 8.90 -16.75
CA LEU A 56 2.67 9.30 -16.08
C LEU A 56 3.47 8.11 -15.50
N THR A 57 4.77 8.34 -15.25
CA THR A 57 5.74 7.38 -14.70
C THR A 57 6.34 7.86 -13.36
N SER A 58 5.82 8.97 -12.83
CA SER A 58 6.24 9.63 -11.60
C SER A 58 5.01 10.02 -10.75
N VAL A 59 5.17 10.15 -9.42
CA VAL A 59 4.08 10.45 -8.48
C VAL A 59 3.53 11.87 -8.70
N PRO A 60 2.20 12.03 -8.86
CA PRO A 60 1.58 13.30 -9.22
C PRO A 60 1.56 14.31 -8.06
N PRO A 61 1.56 15.63 -8.32
CA PRO A 61 1.30 16.66 -7.30
C PRO A 61 -0.14 16.50 -6.78
N GLU A 62 -0.27 15.99 -5.55
CA GLU A 62 -1.53 15.55 -4.96
C GLU A 62 -1.39 15.59 -3.42
N PRO A 63 -2.38 16.10 -2.66
CA PRO A 63 -2.30 16.15 -1.20
C PRO A 63 -2.62 14.81 -0.51
N GLU A 64 -3.50 14.01 -1.09
CA GLU A 64 -3.89 12.65 -0.65
C GLU A 64 -4.14 11.73 -1.86
N TRP A 65 -3.62 10.49 -1.82
CA TRP A 65 -3.71 9.54 -2.92
C TRP A 65 -4.02 8.15 -2.39
N TYR A 66 -5.19 7.68 -2.77
CA TYR A 66 -5.73 6.34 -2.53
C TYR A 66 -5.76 5.55 -3.83
N CYS A 67 -5.54 4.22 -3.78
CA CYS A 67 -5.77 3.36 -4.92
C CYS A 67 -7.09 3.61 -5.68
N PRO A 68 -7.21 3.33 -6.99
CA PRO A 68 -8.46 3.53 -7.73
C PRO A 68 -9.66 2.77 -7.13
N SER A 69 -9.44 1.62 -6.48
CA SER A 69 -10.51 0.90 -5.79
C SER A 69 -11.08 1.68 -4.59
N CYS A 70 -10.25 2.39 -3.83
CA CYS A 70 -10.72 3.35 -2.84
C CYS A 70 -11.22 4.64 -3.51
N ARG A 71 -10.48 5.15 -4.49
CA ARG A 71 -10.70 6.49 -5.05
C ARG A 71 -12.02 6.64 -5.83
N THR A 72 -12.45 5.59 -6.54
CA THR A 72 -13.66 5.64 -7.39
C THR A 72 -14.63 4.46 -7.22
N ASP A 73 -14.24 3.36 -6.55
CA ASP A 73 -15.10 2.15 -6.39
C ASP A 73 -15.58 1.91 -4.94
N SER A 74 -15.21 2.80 -4.00
CA SER A 74 -15.69 2.80 -2.61
C SER A 74 -17.10 3.40 -2.47
N ARG A 75 -17.64 3.37 -1.25
CA ARG A 75 -18.98 3.87 -0.90
C ARG A 75 -19.12 5.39 -0.94
N ARG A 76 -17.98 6.09 -0.83
CA ARG A 76 -17.82 7.55 -0.98
C ARG A 76 -16.56 7.87 -1.79
N GLU A 77 -16.66 8.83 -2.71
CA GLU A 77 -15.57 9.31 -3.57
C GLU A 77 -14.74 10.44 -2.92
N VAL A 78 -13.62 10.80 -3.54
CA VAL A 78 -12.70 11.86 -3.08
C VAL A 78 -12.18 12.72 -4.24
N GLN A 79 -12.00 14.02 -3.98
CA GLN A 79 -11.52 15.03 -4.93
C GLN A 79 -10.49 15.97 -4.27
N SER A 80 -9.58 16.53 -5.07
CA SER A 80 -8.55 17.50 -4.64
C SER A 80 -8.30 18.56 -5.72
N ALA A 81 -8.20 19.82 -5.33
CA ALA A 81 -8.04 20.97 -6.25
C ALA A 81 -6.63 21.59 -6.26
N PHE A 82 -5.87 21.46 -5.15
CA PHE A 82 -4.56 22.10 -4.94
C PHE A 82 -3.53 21.13 -4.34
N PRO A 83 -2.25 21.19 -4.75
CA PRO A 83 -1.17 20.40 -4.15
C PRO A 83 -0.73 20.98 -2.78
N LYS A 84 -1.61 20.88 -1.78
CA LYS A 84 -1.40 21.38 -0.40
C LYS A 84 -0.36 20.56 0.40
N ARG A 85 -0.07 19.37 -0.11
CA ARG A 85 0.83 18.33 0.42
C ARG A 85 1.36 17.49 -0.77
N ARG A 86 2.26 16.55 -0.50
CA ARG A 86 2.70 15.50 -1.44
C ARG A 86 2.52 14.12 -0.81
N VAL A 87 2.03 13.17 -1.60
CA VAL A 87 1.60 11.83 -1.15
C VAL A 87 2.72 10.83 -0.89
N ARG A 88 2.37 9.75 -0.19
CA ARG A 88 3.26 8.67 0.27
C ARG A 88 3.57 7.68 -0.86
N THR A 89 4.81 7.23 -0.89
CA THR A 89 5.45 6.48 -1.98
C THR A 89 6.65 5.70 -1.45
N LEU A 90 7.13 4.65 -2.14
CA LEU A 90 8.30 3.87 -1.70
C LEU A 90 9.63 4.63 -1.81
N LEU A 91 9.77 5.43 -2.85
CA LEU A 91 10.86 6.41 -3.01
C LEU A 91 11.00 7.35 -1.78
N SER A 92 9.92 7.56 -1.02
CA SER A 92 9.95 8.23 0.28
C SER A 92 10.03 7.26 1.48
N VAL A 93 9.16 6.26 1.55
CA VAL A 93 9.04 5.30 2.65
C VAL A 93 10.15 4.26 2.64
N LEU A 94 10.32 3.53 1.54
CA LEU A 94 11.30 2.46 1.44
C LEU A 94 12.74 2.99 1.50
N LYS A 95 12.92 4.28 1.13
CA LYS A 95 14.20 5.00 1.27
C LYS A 95 14.46 5.43 2.72
N ASP A 96 13.61 5.07 3.68
CA ASP A 96 13.88 5.23 5.12
C ASP A 96 13.61 3.92 5.90
N PRO A 97 14.56 3.40 6.69
CA PRO A 97 14.37 2.12 7.37
C PRO A 97 13.22 2.15 8.38
N ILE A 98 12.88 3.31 8.95
CA ILE A 98 11.76 3.44 9.88
C ILE A 98 10.43 3.47 9.13
N ALA A 99 10.31 4.24 8.06
CA ALA A 99 9.09 4.35 7.26
C ALA A 99 8.75 3.00 6.59
N LYS A 100 9.77 2.21 6.21
CA LYS A 100 9.66 0.82 5.77
C LYS A 100 8.99 -0.08 6.83
N MET A 101 9.58 -0.13 8.03
CA MET A 101 9.11 -1.00 9.11
C MET A 101 7.80 -0.50 9.70
N ARG A 102 7.55 0.82 9.66
CA ARG A 102 6.32 1.44 10.13
C ARG A 102 5.18 1.09 9.19
N ARG A 103 5.33 1.29 7.87
CA ARG A 103 4.28 0.91 6.91
C ARG A 103 4.02 -0.60 6.88
N LEU A 104 5.01 -1.41 7.25
CA LEU A 104 4.79 -2.83 7.45
C LEU A 104 4.07 -2.99 8.79
N VAL A 105 4.76 -2.98 9.91
CA VAL A 105 4.27 -3.36 11.24
C VAL A 105 3.12 -2.48 11.72
N ARG A 106 3.30 -1.16 11.70
CA ARG A 106 2.33 -0.18 12.22
C ARG A 106 1.05 -0.21 11.41
N ILE A 107 1.17 -0.29 10.09
CA ILE A 107 -0.01 -0.33 9.19
C ILE A 107 -0.67 -1.70 9.17
N GLU A 108 0.08 -2.77 8.92
CA GLU A 108 -0.45 -4.15 8.89
C GLU A 108 -1.19 -4.49 10.19
N GLN A 109 -0.65 -4.17 11.37
CA GLN A 109 -1.32 -4.45 12.65
C GLN A 109 -2.63 -3.68 12.81
N ARG A 110 -2.77 -2.48 12.26
CA ARG A 110 -4.05 -1.73 12.28
C ARG A 110 -5.13 -2.45 11.46
N GLN A 111 -4.86 -2.75 10.19
CA GLN A 111 -5.83 -3.46 9.34
C GLN A 111 -6.08 -4.90 9.77
N LYS A 112 -5.06 -5.60 10.30
CA LYS A 112 -5.20 -6.96 10.84
C LYS A 112 -6.12 -7.00 12.08
N ARG A 113 -6.04 -6.00 12.95
CA ARG A 113 -6.95 -5.87 14.10
C ARG A 113 -8.35 -5.42 13.70
N LEU A 114 -8.46 -4.54 12.70
CA LEU A 114 -9.77 -4.12 12.18
C LEU A 114 -10.52 -5.27 11.51
N GLU A 115 -9.83 -6.13 10.76
CA GLU A 115 -10.47 -7.29 10.11
C GLU A 115 -10.86 -8.41 11.10
N GLY A 116 -10.28 -8.39 12.29
CA GLY A 116 -10.68 -9.23 13.43
C GLY A 116 -11.91 -8.69 14.19
N ASN A 117 -12.30 -7.43 13.94
CA ASN A 117 -13.46 -6.77 14.54
C ASN A 117 -14.65 -6.70 13.56
N GLU A 118 -14.42 -6.29 12.31
CA GLU A 118 -15.43 -6.20 11.26
C GLU A 118 -14.81 -6.35 9.85
N PHE A 119 -15.42 -7.19 8.99
CA PHE A 119 -14.90 -7.49 7.65
C PHE A 119 -14.98 -6.29 6.67
N GLU A 120 -15.76 -5.26 7.02
CA GLU A 120 -15.82 -3.98 6.30
C GLU A 120 -14.48 -3.21 6.31
N ARG A 121 -13.61 -3.47 7.30
CA ARG A 121 -12.24 -2.91 7.48
C ARG A 121 -12.10 -1.38 7.58
N ASP A 122 -13.14 -0.61 7.28
CA ASP A 122 -13.20 0.83 7.53
C ASP A 122 -13.26 1.12 9.05
N SER A 123 -12.41 2.03 9.54
CA SER A 123 -12.30 2.32 10.98
C SER A 123 -13.39 3.26 11.51
N GLU A 124 -13.87 4.20 10.68
CA GLU A 124 -14.95 5.15 10.99
C GLU A 124 -15.82 5.44 9.74
N PRO A 125 -17.09 5.87 9.89
CA PRO A 125 -17.96 6.23 8.75
C PRO A 125 -17.54 7.51 8.01
N PHE A 126 -16.74 8.38 8.66
CA PHE A 126 -16.40 9.74 8.21
C PHE A 126 -14.90 9.92 7.93
ZN ZN B . 3.03 -9.57 2.28
ZN ZN C . -6.88 1.84 -0.97
ZN ZN D . 3.87 -3.85 -10.56
N GLY A 1 -0.80 -25.73 0.27
CA GLY A 1 -0.66 -24.37 0.85
C GLY A 1 0.26 -23.51 -0.01
N PRO A 2 1.27 -22.83 0.57
CA PRO A 2 2.24 -22.02 -0.18
C PRO A 2 3.18 -22.88 -1.04
N LEU A 3 3.87 -22.26 -1.99
CA LEU A 3 4.77 -22.93 -2.94
C LEU A 3 6.09 -23.44 -2.30
N GLY A 4 6.45 -22.91 -1.13
CA GLY A 4 7.61 -23.34 -0.33
C GLY A 4 7.56 -22.83 1.11
N SER A 5 8.45 -23.35 1.96
CA SER A 5 8.58 -22.99 3.39
C SER A 5 9.51 -21.80 3.63
N GLY A 6 9.30 -21.09 4.74
CA GLY A 6 10.07 -19.89 5.14
C GLY A 6 9.31 -18.99 6.11
N PRO A 7 9.84 -17.79 6.44
CA PRO A 7 9.11 -16.77 7.20
C PRO A 7 7.89 -16.29 6.42
N SER A 8 6.77 -16.04 7.11
CA SER A 8 5.43 -15.80 6.53
C SER A 8 4.86 -14.42 6.95
N CYS A 9 4.50 -13.61 5.95
CA CYS A 9 3.95 -12.27 6.11
C CYS A 9 2.50 -12.33 6.60
N ARG A 10 2.11 -11.58 7.64
CA ARG A 10 0.81 -11.83 8.32
C ARG A 10 -0.41 -11.45 7.52
N PHE A 11 -0.22 -10.67 6.46
CA PHE A 11 -1.34 -10.23 5.65
C PHE A 11 -1.68 -11.25 4.52
N CYS A 12 -0.78 -12.21 4.22
CA CYS A 12 -0.90 -13.15 3.10
C CYS A 12 -0.38 -14.60 3.41
N LYS A 13 0.70 -14.69 4.22
CA LYS A 13 1.48 -15.86 4.63
C LYS A 13 1.93 -16.76 3.48
N ASP A 14 2.38 -16.15 2.39
CA ASP A 14 3.04 -16.84 1.28
C ASP A 14 4.52 -17.05 1.71
N ASP A 15 5.33 -15.99 1.67
CA ASP A 15 6.65 -15.86 2.28
C ASP A 15 7.16 -14.42 2.26
N GLU A 16 7.87 -14.00 3.30
CA GLU A 16 8.34 -12.61 3.48
C GLU A 16 9.44 -12.24 2.47
N ASN A 17 10.10 -13.24 1.89
CA ASN A 17 11.08 -13.04 0.83
C ASN A 17 10.41 -12.81 -0.54
N LYS A 18 9.13 -13.19 -0.68
CA LYS A 18 8.37 -13.11 -1.93
C LYS A 18 7.51 -11.83 -2.00
N PRO A 19 7.46 -11.12 -3.15
CA PRO A 19 6.50 -10.04 -3.37
C PRO A 19 5.05 -10.55 -3.49
N CYS A 20 4.12 -9.77 -2.95
CA CYS A 20 2.68 -10.01 -2.98
C CYS A 20 1.93 -8.77 -3.54
N ARG A 21 0.60 -8.85 -3.63
CA ARG A 21 -0.25 -7.67 -3.90
C ARG A 21 -0.27 -6.67 -2.73
N LYS A 22 -0.29 -7.17 -1.50
CA LYS A 22 -0.32 -6.35 -0.28
C LYS A 22 1.08 -5.87 0.14
N CYS A 23 2.09 -6.72 -0.06
CA CYS A 23 3.47 -6.44 0.31
C CYS A 23 4.21 -5.58 -0.74
N ALA A 24 4.05 -5.92 -2.04
CA ALA A 24 4.58 -5.17 -3.18
C ALA A 24 3.43 -4.61 -4.04
N CYS A 25 3.56 -4.59 -5.38
CA CYS A 25 2.59 -4.00 -6.29
C CYS A 25 1.21 -4.69 -6.18
N HIS A 26 0.16 -3.97 -5.82
CA HIS A 26 -1.21 -4.51 -5.71
C HIS A 26 -1.88 -4.79 -7.06
N VAL A 27 -1.21 -4.43 -8.16
CA VAL A 27 -1.73 -4.44 -9.53
C VAL A 27 -1.05 -5.49 -10.44
N CYS A 28 0.24 -5.80 -10.24
CA CYS A 28 0.95 -6.90 -10.91
C CYS A 28 1.35 -8.04 -9.94
N GLY A 29 1.35 -7.76 -8.63
CA GLY A 29 1.66 -8.73 -7.59
C GLY A 29 3.15 -9.08 -7.49
N GLY A 30 4.01 -8.09 -7.70
CA GLY A 30 5.46 -8.25 -7.85
C GLY A 30 6.24 -6.99 -7.47
N ARG A 31 7.55 -7.09 -7.48
CA ARG A 31 8.49 -5.96 -7.29
C ARG A 31 9.61 -5.96 -8.34
N GLU A 32 10.05 -4.79 -8.74
CA GLU A 32 11.22 -4.58 -9.62
C GLU A 32 11.91 -3.25 -9.29
N ALA A 33 11.12 -2.16 -9.32
CA ALA A 33 11.53 -0.83 -8.89
C ALA A 33 11.00 -0.49 -7.47
N PRO A 34 11.86 -0.40 -6.43
CA PRO A 34 11.49 0.12 -5.10
C PRO A 34 11.47 1.66 -5.03
N GLU A 35 11.56 2.32 -6.18
CA GLU A 35 11.63 3.77 -6.36
C GLU A 35 10.67 4.23 -7.48
N LYS A 36 9.56 3.50 -7.66
CA LYS A 36 8.52 3.80 -8.66
C LYS A 36 7.14 3.28 -8.26
N GLN A 37 6.80 3.25 -6.97
CA GLN A 37 5.53 2.75 -6.45
C GLN A 37 4.90 3.79 -5.51
N LEU A 38 3.58 3.90 -5.60
CA LEU A 38 2.72 4.75 -4.76
C LEU A 38 2.06 3.94 -3.65
N LEU A 39 1.65 4.61 -2.58
CA LEU A 39 0.94 3.99 -1.47
C LEU A 39 -0.49 4.55 -1.38
N CYS A 40 -1.48 3.66 -1.27
CA CYS A 40 -2.82 4.13 -0.93
C CYS A 40 -2.83 4.76 0.49
N ASP A 41 -3.70 5.73 0.72
CA ASP A 41 -3.91 6.36 2.04
C ASP A 41 -5.01 5.66 2.89
N GLU A 42 -5.81 4.77 2.30
CA GLU A 42 -6.75 3.90 3.03
C GLU A 42 -6.19 2.49 3.23
N CYS A 43 -5.46 1.95 2.24
CA CYS A 43 -4.92 0.59 2.29
C CYS A 43 -3.42 0.56 2.72
N ASP A 44 -2.66 1.61 2.39
CA ASP A 44 -1.18 1.67 2.49
C ASP A 44 -0.46 0.57 1.72
N MET A 45 -1.00 0.26 0.54
CA MET A 45 -0.44 -0.80 -0.33
C MET A 45 0.37 -0.20 -1.49
N ALA A 46 1.43 -0.86 -1.96
CA ALA A 46 2.29 -0.34 -3.04
C ALA A 46 1.65 -0.49 -4.44
N PHE A 47 1.96 0.44 -5.37
CA PHE A 47 1.38 0.44 -6.71
C PHE A 47 2.33 1.13 -7.68
N HIS A 48 2.98 0.34 -8.54
CA HIS A 48 3.89 0.85 -9.59
C HIS A 48 3.29 1.98 -10.41
N LEU A 49 4.06 3.05 -10.66
CA LEU A 49 3.58 4.17 -11.49
C LEU A 49 3.15 3.73 -12.90
N TYR A 50 3.66 2.60 -13.37
CA TYR A 50 3.48 2.08 -14.73
C TYR A 50 2.51 0.90 -14.80
N CYS A 51 2.06 0.40 -13.65
CA CYS A 51 1.01 -0.60 -13.57
C CYS A 51 -0.35 0.02 -13.16
N LEU A 52 -0.33 0.91 -12.16
CA LEU A 52 -1.51 1.46 -11.49
C LEU A 52 -2.35 2.39 -12.39
N LYS A 53 -1.69 3.10 -13.30
CA LYS A 53 -2.26 4.06 -14.28
C LYS A 53 -1.44 4.07 -15.59
N PRO A 54 -1.97 4.57 -16.72
CA PRO A 54 -1.28 4.59 -18.01
C PRO A 54 -0.07 5.55 -18.16
N PRO A 55 -0.09 6.81 -17.65
CA PRO A 55 0.97 7.80 -17.88
C PRO A 55 2.16 7.64 -16.92
N LEU A 56 3.06 8.63 -17.01
CA LEU A 56 4.21 9.03 -16.16
C LEU A 56 5.14 7.96 -15.53
N THR A 57 6.26 8.44 -14.98
CA THR A 57 7.33 7.65 -14.32
C THR A 57 7.56 8.10 -12.86
N SER A 58 6.88 9.17 -12.43
CA SER A 58 7.01 9.79 -11.10
C SER A 58 5.65 10.15 -10.51
N VAL A 59 5.57 10.27 -9.18
CA VAL A 59 4.33 10.53 -8.45
C VAL A 59 3.73 11.92 -8.74
N PRO A 60 2.42 12.00 -9.03
CA PRO A 60 1.75 13.28 -9.32
C PRO A 60 1.65 14.19 -8.06
N PRO A 61 1.81 15.52 -8.20
CA PRO A 61 1.77 16.46 -7.07
C PRO A 61 0.33 16.79 -6.64
N GLU A 62 -0.08 16.28 -5.49
CA GLU A 62 -1.38 16.52 -4.85
C GLU A 62 -1.30 16.27 -3.32
N PRO A 63 -2.26 16.74 -2.49
CA PRO A 63 -2.21 16.53 -1.03
C PRO A 63 -2.48 15.08 -0.59
N GLU A 64 -3.35 14.34 -1.29
CA GLU A 64 -3.86 13.03 -0.86
C GLU A 64 -4.10 12.07 -2.03
N TRP A 65 -3.87 10.76 -1.83
CA TRP A 65 -3.94 9.75 -2.88
C TRP A 65 -4.37 8.38 -2.31
N TYR A 66 -5.38 7.79 -2.95
CA TYR A 66 -5.86 6.42 -2.72
C TYR A 66 -5.78 5.62 -4.02
N CYS A 67 -5.49 4.32 -3.96
CA CYS A 67 -5.48 3.46 -5.13
C CYS A 67 -6.65 3.61 -6.12
N PRO A 68 -6.50 3.23 -7.40
CA PRO A 68 -7.60 3.20 -8.36
C PRO A 68 -8.83 2.41 -7.88
N SER A 69 -8.66 1.38 -7.05
CA SER A 69 -9.79 0.61 -6.48
C SER A 69 -10.59 1.41 -5.44
N CYS A 70 -9.92 2.06 -4.48
CA CYS A 70 -10.54 3.04 -3.57
C CYS A 70 -11.11 4.23 -4.36
N ARG A 71 -10.32 4.77 -5.30
CA ARG A 71 -10.62 6.04 -5.99
C ARG A 71 -11.83 5.94 -6.92
N THR A 72 -12.18 4.72 -7.37
CA THR A 72 -13.37 4.41 -8.18
C THR A 72 -14.61 4.12 -7.32
N ASP A 73 -14.44 3.89 -6.01
CA ASP A 73 -15.54 3.75 -5.04
C ASP A 73 -15.90 5.11 -4.38
N SER A 74 -14.93 6.00 -4.18
CA SER A 74 -15.08 7.35 -3.65
C SER A 74 -15.13 8.43 -4.75
N ARG A 75 -15.27 9.72 -4.38
CA ARG A 75 -15.17 10.86 -5.29
C ARG A 75 -13.74 11.04 -5.82
N ARG A 76 -13.62 11.61 -7.02
CA ARG A 76 -12.36 11.71 -7.81
C ARG A 76 -12.17 13.00 -8.60
N GLU A 77 -12.87 14.06 -8.19
CA GLU A 77 -12.79 15.41 -8.76
C GLU A 77 -12.28 16.41 -7.71
N VAL A 78 -11.40 17.33 -8.13
CA VAL A 78 -10.75 18.32 -7.24
C VAL A 78 -10.35 19.60 -8.01
N GLN A 79 -10.39 20.74 -7.32
CA GLN A 79 -9.85 22.03 -7.77
C GLN A 79 -9.07 22.68 -6.63
N SER A 80 -8.07 23.51 -6.97
CA SER A 80 -7.15 24.18 -6.04
C SER A 80 -6.51 23.20 -5.04
N ALA A 81 -5.81 22.21 -5.60
CA ALA A 81 -5.17 21.08 -4.93
C ALA A 81 -3.89 21.45 -4.16
N PHE A 82 -4.01 22.37 -3.20
CA PHE A 82 -2.93 22.87 -2.35
C PHE A 82 -2.35 21.75 -1.46
N PRO A 83 -1.02 21.63 -1.29
CA PRO A 83 -0.38 20.60 -0.47
C PRO A 83 -0.55 20.85 1.04
N LYS A 84 -1.75 20.56 1.56
CA LYS A 84 -2.08 20.53 3.00
C LYS A 84 -1.32 19.41 3.74
N ARG A 85 -0.99 18.35 3.00
CA ARG A 85 -0.07 17.24 3.31
C ARG A 85 0.59 16.82 1.98
N ARG A 86 1.32 15.69 1.91
CA ARG A 86 1.79 15.12 0.64
C ARG A 86 1.57 13.61 0.54
N VAL A 87 1.44 13.13 -0.70
CA VAL A 87 1.19 11.71 -1.00
C VAL A 87 2.41 10.82 -0.76
N ARG A 88 2.14 9.53 -0.51
CA ARG A 88 3.13 8.57 -0.04
C ARG A 88 3.61 7.62 -1.15
N THR A 89 4.88 7.20 -1.07
CA THR A 89 5.62 6.47 -2.12
C THR A 89 6.71 5.55 -1.53
N LEU A 90 7.08 4.48 -2.24
CA LEU A 90 8.12 3.55 -1.76
C LEU A 90 9.52 4.19 -1.78
N LEU A 91 9.82 5.02 -2.78
CA LEU A 91 11.01 5.89 -2.81
C LEU A 91 11.17 6.73 -1.53
N SER A 92 10.07 6.98 -0.81
CA SER A 92 10.08 7.53 0.56
C SER A 92 10.10 6.46 1.66
N VAL A 93 9.20 5.46 1.63
CA VAL A 93 9.06 4.42 2.67
C VAL A 93 10.15 3.35 2.59
N LEU A 94 10.27 2.72 1.43
CA LEU A 94 11.16 1.61 1.17
C LEU A 94 12.62 2.04 1.37
N LYS A 95 12.92 3.32 1.12
CA LYS A 95 14.25 3.92 1.34
C LYS A 95 14.60 4.10 2.82
N ASP A 96 13.70 3.77 3.74
CA ASP A 96 13.95 3.85 5.20
C ASP A 96 13.57 2.55 5.95
N PRO A 97 14.43 1.99 6.81
CA PRO A 97 14.12 0.74 7.51
C PRO A 97 12.96 0.89 8.51
N ILE A 98 12.75 2.06 9.10
CA ILE A 98 11.61 2.30 10.00
C ILE A 98 10.32 2.37 9.20
N ALA A 99 10.29 3.13 8.10
CA ALA A 99 9.11 3.30 7.27
C ALA A 99 8.66 1.98 6.60
N LYS A 100 9.63 1.16 6.16
CA LYS A 100 9.40 -0.24 5.72
C LYS A 100 8.68 -1.06 6.78
N MET A 101 9.27 -1.17 7.98
CA MET A 101 8.73 -2.01 9.05
C MET A 101 7.45 -1.43 9.64
N ARG A 102 7.27 -0.10 9.60
CA ARG A 102 6.08 0.58 10.06
C ARG A 102 4.93 0.30 9.10
N ARG A 103 5.08 0.57 7.81
CA ARG A 103 4.03 0.26 6.83
C ARG A 103 3.68 -1.22 6.76
N LEU A 104 4.62 -2.10 7.13
CA LEU A 104 4.30 -3.50 7.35
C LEU A 104 3.55 -3.60 8.67
N VAL A 105 4.24 -3.66 9.81
CA VAL A 105 3.69 -4.01 11.13
C VAL A 105 2.62 -3.06 11.62
N ARG A 106 2.89 -1.75 11.61
CA ARG A 106 1.95 -0.72 12.09
C ARG A 106 0.68 -0.74 11.27
N ILE A 107 0.83 -0.79 9.95
CA ILE A 107 -0.33 -0.70 9.03
C ILE A 107 -1.11 -2.02 8.97
N GLU A 108 -0.44 -3.15 8.75
CA GLU A 108 -1.06 -4.48 8.73
C GLU A 108 -1.84 -4.77 10.02
N GLN A 109 -1.29 -4.47 11.20
CA GLN A 109 -2.01 -4.62 12.47
C GLN A 109 -3.18 -3.63 12.61
N ARG A 110 -3.06 -2.40 12.09
CA ARG A 110 -4.16 -1.43 12.09
C ARG A 110 -5.32 -1.89 11.21
N GLN A 111 -5.06 -2.25 9.95
CA GLN A 111 -6.13 -2.67 9.02
C GLN A 111 -6.77 -4.01 9.40
N LYS A 112 -6.01 -4.98 9.94
CA LYS A 112 -6.61 -6.26 10.33
C LYS A 112 -7.60 -6.13 11.50
N ARG A 113 -7.34 -5.18 12.40
CA ARG A 113 -8.25 -4.87 13.52
C ARG A 113 -9.47 -4.06 13.07
N LEU A 114 -9.26 -3.11 12.14
CA LEU A 114 -10.32 -2.25 11.58
C LEU A 114 -11.31 -3.00 10.68
N GLU A 115 -10.91 -4.09 10.02
CA GLU A 115 -11.81 -4.89 9.18
C GLU A 115 -12.75 -5.82 9.96
N GLY A 116 -12.47 -6.03 11.25
CA GLY A 116 -13.30 -6.80 12.17
C GLY A 116 -14.52 -6.03 12.71
N ASN A 117 -15.51 -6.75 13.23
CA ASN A 117 -16.73 -6.20 13.83
C ASN A 117 -16.55 -5.67 15.28
N GLU A 118 -15.32 -5.74 15.81
CA GLU A 118 -14.96 -5.29 17.17
C GLU A 118 -14.92 -3.75 17.35
N PHE A 119 -14.93 -2.98 16.26
CA PHE A 119 -14.85 -1.52 16.23
C PHE A 119 -15.90 -0.92 15.28
N GLU A 120 -16.45 0.25 15.64
CA GLU A 120 -17.60 0.85 14.95
C GLU A 120 -17.21 1.70 13.72
N ARG A 121 -16.00 2.28 13.71
CA ARG A 121 -15.49 3.20 12.67
C ARG A 121 -16.45 4.38 12.38
N ASP A 122 -17.09 4.88 13.44
CA ASP A 122 -17.96 6.07 13.41
C ASP A 122 -17.19 7.42 13.38
N SER A 123 -15.86 7.36 13.33
CA SER A 123 -14.92 8.49 13.32
C SER A 123 -14.84 9.26 11.98
N GLU A 124 -15.63 8.88 10.97
CA GLU A 124 -15.76 9.58 9.68
C GLU A 124 -17.22 10.04 9.45
N PRO A 125 -17.47 11.30 9.03
CA PRO A 125 -18.83 11.83 8.86
C PRO A 125 -19.54 11.39 7.56
N PHE A 126 -18.83 10.73 6.64
CA PHE A 126 -19.34 10.24 5.34
C PHE A 126 -19.02 8.75 5.11
ZN ZN B . 2.70 -10.81 1.71
ZN ZN C . -6.95 1.76 -1.35
ZN ZN D . 3.55 -3.58 -10.79
N GLY A 1 -1.05 -16.74 -4.09
CA GLY A 1 -0.24 -17.26 -5.20
C GLY A 1 -0.22 -18.78 -5.22
N PRO A 2 0.86 -19.41 -5.74
CA PRO A 2 0.99 -20.86 -5.83
C PRO A 2 1.17 -21.53 -4.45
N LEU A 3 0.82 -22.82 -4.36
CA LEU A 3 0.90 -23.60 -3.11
C LEU A 3 2.35 -23.96 -2.73
N GLY A 4 2.61 -24.04 -1.43
CA GLY A 4 3.93 -24.35 -0.85
C GLY A 4 3.99 -24.12 0.67
N SER A 5 5.20 -24.23 1.24
CA SER A 5 5.48 -24.05 2.68
C SER A 5 6.68 -23.13 2.91
N GLY A 6 6.62 -22.30 3.95
CA GLY A 6 7.66 -21.32 4.32
C GLY A 6 7.19 -20.29 5.36
N PRO A 7 8.03 -19.31 5.73
CA PRO A 7 7.67 -18.24 6.66
C PRO A 7 6.56 -17.35 6.07
N SER A 8 5.49 -17.11 6.84
CA SER A 8 4.24 -16.48 6.38
C SER A 8 4.06 -15.02 6.81
N CYS A 9 3.85 -14.14 5.82
CA CYS A 9 3.43 -12.75 6.05
C CYS A 9 1.96 -12.74 6.52
N ARG A 10 1.59 -11.91 7.51
CA ARG A 10 0.30 -12.06 8.21
C ARG A 10 -0.95 -11.68 7.44
N PHE A 11 -0.81 -10.93 6.36
CA PHE A 11 -1.96 -10.44 5.58
C PHE A 11 -2.08 -11.08 4.18
N CYS A 12 -1.21 -12.05 3.87
CA CYS A 12 -1.29 -12.91 2.67
C CYS A 12 -1.02 -14.41 2.97
N LYS A 13 -0.05 -14.68 3.86
CA LYS A 13 0.55 -16.00 4.16
C LYS A 13 1.04 -16.75 2.90
N ASP A 14 1.66 -16.02 1.97
CA ASP A 14 2.35 -16.60 0.81
C ASP A 14 3.80 -16.95 1.18
N ASP A 15 4.69 -15.96 1.26
CA ASP A 15 6.06 -16.09 1.78
C ASP A 15 6.66 -14.73 2.12
N GLU A 16 7.26 -14.57 3.31
CA GLU A 16 7.88 -13.30 3.73
C GLU A 16 9.05 -12.85 2.84
N ASN A 17 9.73 -13.78 2.15
CA ASN A 17 10.82 -13.43 1.22
C ASN A 17 10.33 -13.15 -0.21
N LYS A 18 9.04 -13.38 -0.50
CA LYS A 18 8.44 -13.20 -1.84
C LYS A 18 7.56 -11.92 -1.90
N PRO A 19 7.54 -11.17 -3.01
CA PRO A 19 6.61 -10.06 -3.20
C PRO A 19 5.15 -10.56 -3.35
N CYS A 20 4.21 -9.73 -2.89
CA CYS A 20 2.78 -9.95 -2.95
C CYS A 20 2.03 -8.69 -3.47
N ARG A 21 0.70 -8.77 -3.54
CA ARG A 21 -0.16 -7.59 -3.78
C ARG A 21 -0.19 -6.62 -2.60
N LYS A 22 -0.09 -7.13 -1.37
CA LYS A 22 -0.11 -6.31 -0.14
C LYS A 22 1.30 -5.87 0.28
N CYS A 23 2.27 -6.77 0.11
CA CYS A 23 3.67 -6.55 0.47
C CYS A 23 4.41 -5.66 -0.58
N ALA A 24 4.13 -5.87 -1.86
CA ALA A 24 4.65 -5.10 -2.99
C ALA A 24 3.51 -4.55 -3.87
N CYS A 25 3.67 -4.50 -5.20
CA CYS A 25 2.69 -3.92 -6.12
C CYS A 25 1.33 -4.62 -6.04
N HIS A 26 0.24 -3.91 -5.74
CA HIS A 26 -1.11 -4.51 -5.67
C HIS A 26 -1.72 -4.82 -7.05
N VAL A 27 -1.03 -4.41 -8.11
CA VAL A 27 -1.52 -4.41 -9.50
C VAL A 27 -0.81 -5.43 -10.41
N CYS A 28 0.47 -5.74 -10.16
CA CYS A 28 1.19 -6.85 -10.80
C CYS A 28 1.58 -7.97 -9.80
N GLY A 29 1.53 -7.68 -8.50
CA GLY A 29 1.80 -8.65 -7.44
C GLY A 29 3.30 -8.98 -7.30
N GLY A 30 4.15 -7.98 -7.51
CA GLY A 30 5.61 -8.14 -7.64
C GLY A 30 6.38 -6.87 -7.25
N ARG A 31 7.71 -6.98 -7.21
CA ARG A 31 8.64 -5.86 -6.98
C ARG A 31 9.78 -5.86 -8.00
N GLU A 32 10.28 -4.67 -8.35
CA GLU A 32 11.41 -4.48 -9.27
C GLU A 32 12.20 -3.22 -8.89
N ALA A 33 11.53 -2.07 -8.94
CA ALA A 33 12.04 -0.76 -8.54
C ALA A 33 11.39 -0.28 -7.22
N PRO A 34 12.15 -0.17 -6.11
CA PRO A 34 11.66 0.35 -4.82
C PRO A 34 11.63 1.89 -4.76
N GLU A 35 11.65 2.55 -5.91
CA GLU A 35 11.65 4.01 -6.06
C GLU A 35 10.79 4.46 -7.27
N LYS A 36 9.73 3.70 -7.58
CA LYS A 36 8.65 4.08 -8.51
C LYS A 36 7.31 3.40 -8.18
N GLN A 37 6.96 3.36 -6.89
CA GLN A 37 5.70 2.83 -6.38
C GLN A 37 5.05 3.86 -5.44
N LEU A 38 3.72 3.94 -5.53
CA LEU A 38 2.84 4.78 -4.71
C LEU A 38 2.23 3.98 -3.57
N LEU A 39 1.83 4.66 -2.50
CA LEU A 39 1.15 4.03 -1.36
C LEU A 39 -0.26 4.57 -1.24
N CYS A 40 -1.23 3.68 -1.04
CA CYS A 40 -2.55 4.14 -0.64
C CYS A 40 -2.48 4.79 0.78
N ASP A 41 -3.40 5.68 1.08
CA ASP A 41 -3.52 6.35 2.39
C ASP A 41 -4.56 5.70 3.34
N GLU A 42 -5.39 4.78 2.84
CA GLU A 42 -6.33 4.00 3.66
C GLU A 42 -5.82 2.58 3.93
N CYS A 43 -5.19 1.94 2.92
CA CYS A 43 -4.69 0.57 3.02
C CYS A 43 -3.14 0.44 2.98
N ASP A 44 -2.42 1.51 2.59
CA ASP A 44 -0.94 1.62 2.63
C ASP A 44 -0.21 0.52 1.83
N MET A 45 -0.73 0.24 0.64
CA MET A 45 -0.18 -0.81 -0.25
C MET A 45 0.61 -0.19 -1.40
N ALA A 46 1.67 -0.84 -1.90
CA ALA A 46 2.49 -0.30 -2.98
C ALA A 46 1.81 -0.43 -4.37
N PHE A 47 2.10 0.48 -5.31
CA PHE A 47 1.50 0.51 -6.64
C PHE A 47 2.45 1.20 -7.61
N HIS A 48 3.13 0.42 -8.44
CA HIS A 48 4.04 0.92 -9.49
C HIS A 48 3.44 2.05 -10.31
N LEU A 49 4.20 3.13 -10.53
CA LEU A 49 3.80 4.25 -11.39
C LEU A 49 3.43 3.82 -12.82
N TYR A 50 3.89 2.64 -13.25
CA TYR A 50 3.71 2.11 -14.59
C TYR A 50 2.74 0.92 -14.66
N CYS A 51 2.20 0.50 -13.51
CA CYS A 51 1.15 -0.51 -13.44
C CYS A 51 -0.21 0.13 -13.05
N LEU A 52 -0.16 1.00 -12.04
CA LEU A 52 -1.29 1.80 -11.52
C LEU A 52 -1.73 2.89 -12.52
N LYS A 53 -0.86 3.31 -13.44
CA LYS A 53 -1.11 4.28 -14.52
C LYS A 53 -0.38 3.88 -15.82
N PRO A 54 -1.04 3.91 -16.99
CA PRO A 54 -0.36 3.77 -18.29
C PRO A 54 0.53 4.97 -18.73
N PRO A 55 0.18 6.26 -18.47
CA PRO A 55 0.87 7.42 -19.07
C PRO A 55 2.25 7.75 -18.45
N LEU A 56 2.27 8.56 -17.40
CA LEU A 56 3.47 9.05 -16.71
C LEU A 56 4.22 7.96 -15.91
N THR A 57 5.46 8.28 -15.53
CA THR A 57 6.37 7.44 -14.71
C THR A 57 6.74 8.10 -13.38
N SER A 58 6.12 9.25 -13.08
CA SER A 58 6.36 10.10 -11.91
C SER A 58 5.04 10.40 -11.17
N VAL A 59 5.12 10.71 -9.87
CA VAL A 59 3.96 10.88 -9.00
C VAL A 59 3.21 12.21 -9.22
N PRO A 60 1.87 12.19 -9.37
CA PRO A 60 1.02 13.37 -9.55
C PRO A 60 1.15 14.48 -8.47
N PRO A 61 0.92 15.76 -8.81
CA PRO A 61 0.80 16.86 -7.85
C PRO A 61 -0.61 16.90 -7.23
N GLU A 62 -0.74 16.38 -6.00
CA GLU A 62 -1.98 16.36 -5.21
C GLU A 62 -1.68 16.21 -3.70
N PRO A 63 -2.59 16.59 -2.78
CA PRO A 63 -2.33 16.52 -1.35
C PRO A 63 -2.44 15.11 -0.75
N GLU A 64 -3.35 14.26 -1.25
CA GLU A 64 -3.66 12.94 -0.68
C GLU A 64 -4.00 11.92 -1.78
N TRP A 65 -3.71 10.63 -1.55
CA TRP A 65 -3.82 9.60 -2.58
C TRP A 65 -4.24 8.25 -1.98
N TYR A 66 -5.26 7.64 -2.58
CA TYR A 66 -5.75 6.29 -2.30
C TYR A 66 -5.83 5.50 -3.60
N CYS A 67 -5.49 4.19 -3.57
CA CYS A 67 -5.59 3.33 -4.73
C CYS A 67 -6.92 3.38 -5.51
N PRO A 68 -6.95 2.98 -6.81
CA PRO A 68 -8.20 2.87 -7.58
C PRO A 68 -9.32 2.07 -6.89
N SER A 69 -9.01 1.08 -6.03
CA SER A 69 -10.02 0.32 -5.29
C SER A 69 -10.65 1.12 -4.13
N CYS A 70 -9.86 1.75 -3.26
CA CYS A 70 -10.35 2.67 -2.22
C CYS A 70 -10.98 3.93 -2.86
N ARG A 71 -10.37 4.43 -3.95
CA ARG A 71 -10.83 5.63 -4.68
C ARG A 71 -12.26 5.49 -5.19
N THR A 72 -12.62 4.30 -5.69
CA THR A 72 -13.93 4.04 -6.34
C THR A 72 -14.99 3.60 -5.31
N ASP A 73 -14.58 3.11 -4.14
CA ASP A 73 -15.49 2.69 -3.06
C ASP A 73 -16.09 3.87 -2.27
N SER A 74 -15.37 4.99 -2.15
CA SER A 74 -15.80 6.19 -1.40
C SER A 74 -16.73 7.12 -2.19
N ARG A 75 -17.46 7.99 -1.47
CA ARG A 75 -18.35 9.02 -2.02
C ARG A 75 -17.58 10.24 -2.57
N ARG A 76 -18.22 11.05 -3.42
CA ARG A 76 -17.64 12.23 -4.06
C ARG A 76 -17.34 13.36 -3.07
N GLU A 77 -16.25 14.07 -3.35
CA GLU A 77 -15.76 15.26 -2.64
C GLU A 77 -15.13 16.27 -3.62
N VAL A 78 -15.00 17.53 -3.20
CA VAL A 78 -14.31 18.59 -3.95
C VAL A 78 -12.81 18.30 -4.06
N GLN A 79 -12.24 18.56 -5.24
CA GLN A 79 -10.85 18.21 -5.61
C GLN A 79 -9.95 19.44 -5.78
N SER A 80 -8.66 19.29 -5.49
CA SER A 80 -7.61 20.30 -5.72
C SER A 80 -6.23 19.66 -5.89
N ALA A 81 -5.36 20.31 -6.67
CA ALA A 81 -3.95 19.95 -6.83
C ALA A 81 -3.03 20.60 -5.75
N PHE A 82 -3.57 21.48 -4.91
CA PHE A 82 -2.80 22.27 -3.94
C PHE A 82 -2.25 21.39 -2.78
N PRO A 83 -0.96 21.50 -2.42
CA PRO A 83 -0.32 20.67 -1.39
C PRO A 83 -0.68 21.11 0.05
N LYS A 84 -1.94 20.89 0.44
CA LYS A 84 -2.44 21.04 1.83
C LYS A 84 -1.86 19.95 2.76
N ARG A 85 -1.46 18.83 2.16
CA ARG A 85 -0.69 17.70 2.68
C ARG A 85 0.17 17.15 1.52
N ARG A 86 0.80 15.97 1.65
CA ARG A 86 1.43 15.28 0.49
C ARG A 86 1.26 13.76 0.54
N VAL A 87 1.12 13.16 -0.65
CA VAL A 87 1.01 11.71 -0.88
C VAL A 87 2.26 10.94 -0.44
N ARG A 88 2.14 9.60 -0.40
CA ARG A 88 3.15 8.68 0.11
C ARG A 88 3.64 7.74 -1.01
N THR A 89 4.92 7.38 -0.96
CA THR A 89 5.69 6.70 -2.03
C THR A 89 6.79 5.79 -1.48
N LEU A 90 7.18 4.73 -2.19
CA LEU A 90 8.22 3.79 -1.74
C LEU A 90 9.62 4.44 -1.78
N LEU A 91 9.86 5.28 -2.78
CA LEU A 91 11.04 6.19 -2.84
C LEU A 91 11.20 7.02 -1.56
N SER A 92 10.12 7.21 -0.79
CA SER A 92 10.14 7.76 0.57
C SER A 92 10.19 6.70 1.68
N VAL A 93 9.30 5.68 1.66
CA VAL A 93 9.22 4.64 2.70
C VAL A 93 10.34 3.60 2.56
N LEU A 94 10.43 2.97 1.40
CA LEU A 94 11.34 1.87 1.13
C LEU A 94 12.80 2.32 1.15
N LYS A 95 13.02 3.61 0.86
CA LYS A 95 14.34 4.25 0.94
C LYS A 95 14.72 4.64 2.39
N ASP A 96 13.91 4.24 3.38
CA ASP A 96 14.24 4.33 4.81
C ASP A 96 14.05 2.97 5.51
N PRO A 97 15.05 2.43 6.24
CA PRO A 97 14.91 1.12 6.87
C PRO A 97 13.80 1.06 7.92
N ILE A 98 13.43 2.19 8.54
CA ILE A 98 12.35 2.25 9.53
C ILE A 98 10.99 2.27 8.87
N ALA A 99 10.77 3.13 7.88
CA ALA A 99 9.49 3.30 7.19
C ALA A 99 9.08 2.02 6.46
N LYS A 100 10.06 1.28 5.93
CA LYS A 100 9.91 -0.08 5.38
C LYS A 100 9.27 -1.05 6.40
N MET A 101 9.84 -1.14 7.59
CA MET A 101 9.41 -2.06 8.64
C MET A 101 8.12 -1.59 9.30
N ARG A 102 7.93 -0.28 9.43
CA ARG A 102 6.72 0.35 9.95
C ARG A 102 5.55 0.03 9.03
N ARG A 103 5.68 0.25 7.72
CA ARG A 103 4.59 -0.07 6.79
C ARG A 103 4.31 -1.57 6.67
N LEU A 104 5.30 -2.43 6.91
CA LEU A 104 5.13 -3.87 6.74
C LEU A 104 4.69 -4.60 8.00
N VAL A 105 5.05 -4.10 9.18
CA VAL A 105 4.62 -4.64 10.48
C VAL A 105 3.42 -3.87 11.00
N ARG A 106 3.57 -2.56 11.19
CA ARG A 106 2.57 -1.69 11.83
C ARG A 106 1.30 -1.61 11.02
N ILE A 107 1.42 -1.34 9.72
CA ILE A 107 0.26 -1.21 8.83
C ILE A 107 -0.43 -2.56 8.63
N GLU A 108 0.35 -3.59 8.31
CA GLU A 108 -0.16 -4.94 8.08
C GLU A 108 -0.91 -5.46 9.33
N GLN A 109 -0.33 -5.32 10.54
CA GLN A 109 -1.01 -5.69 11.78
C GLN A 109 -2.28 -4.86 12.02
N ARG A 110 -2.29 -3.55 11.70
CA ARG A 110 -3.48 -2.69 11.83
C ARG A 110 -4.64 -3.22 11.01
N GLN A 111 -4.44 -3.48 9.73
CA GLN A 111 -5.51 -4.02 8.86
C GLN A 111 -5.86 -5.48 9.16
N LYS A 112 -4.89 -6.31 9.56
CA LYS A 112 -5.16 -7.70 9.96
C LYS A 112 -5.98 -7.79 11.25
N ARG A 113 -5.80 -6.84 12.19
CA ARG A 113 -6.65 -6.68 13.38
C ARG A 113 -8.04 -6.14 13.02
N LEU A 114 -8.12 -5.20 12.07
CA LEU A 114 -9.37 -4.60 11.58
C LEU A 114 -10.35 -5.61 10.96
N GLU A 115 -9.84 -6.76 10.50
CA GLU A 115 -10.68 -7.90 10.07
C GLU A 115 -11.66 -8.40 11.15
N GLY A 116 -11.33 -8.20 12.43
CA GLY A 116 -12.12 -8.63 13.60
C GLY A 116 -12.69 -7.46 14.42
N ASN A 117 -13.13 -7.77 15.65
CA ASN A 117 -13.68 -6.80 16.60
C ASN A 117 -12.57 -6.01 17.33
N GLU A 118 -11.79 -5.24 16.56
CA GLU A 118 -10.59 -4.51 17.00
C GLU A 118 -10.47 -3.14 16.30
N PHE A 119 -9.75 -2.20 16.92
CA PHE A 119 -9.53 -0.84 16.43
C PHE A 119 -8.13 -0.33 16.81
N GLU A 120 -7.56 0.57 16.00
CA GLU A 120 -6.24 1.19 16.20
C GLU A 120 -6.17 2.61 15.60
N ARG A 121 -5.33 3.47 16.16
CA ARG A 121 -5.11 4.87 15.75
C ARG A 121 -3.68 5.12 15.25
N ASP A 122 -3.43 6.27 14.65
CA ASP A 122 -2.12 6.72 14.14
C ASP A 122 -1.98 8.24 14.22
N SER A 123 -0.76 8.79 14.00
CA SER A 123 -0.45 10.22 14.14
C SER A 123 -0.88 11.11 12.96
N GLU A 124 -1.16 10.53 11.78
CA GLU A 124 -1.46 11.29 10.54
C GLU A 124 -2.71 12.20 10.58
N PRO A 125 -3.80 11.93 11.33
CA PRO A 125 -4.99 12.79 11.35
C PRO A 125 -4.80 14.21 11.94
N PHE A 126 -3.65 14.51 12.56
CA PHE A 126 -3.32 15.84 13.12
C PHE A 126 -2.87 16.85 12.04
ZN ZN B . 2.65 -10.89 1.67
ZN ZN C . -6.35 1.48 -0.81
ZN ZN D . 3.68 -3.50 -10.65
N GLY A 1 -1.71 -17.98 -2.89
CA GLY A 1 -1.64 -18.30 -1.45
C GLY A 1 -0.26 -18.82 -1.05
N PRO A 2 -0.17 -19.59 0.06
CA PRO A 2 1.10 -20.15 0.57
C PRO A 2 1.79 -21.12 -0.41
N LEU A 3 3.13 -21.11 -0.40
CA LEU A 3 3.99 -22.08 -1.10
C LEU A 3 5.30 -22.28 -0.32
N GLY A 4 5.66 -23.53 -0.04
CA GLY A 4 6.82 -23.88 0.79
C GLY A 4 6.67 -23.48 2.27
N SER A 5 7.79 -23.28 2.96
CA SER A 5 7.86 -22.88 4.38
C SER A 5 8.87 -21.76 4.60
N GLY A 6 8.54 -20.81 5.50
CA GLY A 6 9.33 -19.62 5.81
C GLY A 6 8.54 -18.55 6.57
N PRO A 7 9.09 -17.35 6.79
CA PRO A 7 8.38 -16.24 7.44
C PRO A 7 7.18 -15.78 6.60
N SER A 8 6.00 -15.67 7.20
CA SER A 8 4.71 -15.46 6.53
C SER A 8 4.06 -14.12 6.91
N CYS A 9 3.97 -13.19 5.95
CA CYS A 9 3.19 -11.96 6.06
C CYS A 9 1.70 -12.31 6.26
N ARG A 10 1.02 -11.80 7.29
CA ARG A 10 -0.31 -12.30 7.68
C ARG A 10 -1.45 -11.85 6.77
N PHE A 11 -1.14 -10.99 5.80
CA PHE A 11 -2.09 -10.57 4.77
C PHE A 11 -2.02 -11.45 3.50
N CYS A 12 -0.99 -12.32 3.36
CA CYS A 12 -0.80 -13.19 2.18
C CYS A 12 -0.38 -14.65 2.55
N LYS A 13 0.54 -14.75 3.52
CA LYS A 13 1.28 -15.92 4.02
C LYS A 13 2.03 -16.73 2.94
N ASP A 14 2.55 -16.05 1.92
CA ASP A 14 3.45 -16.67 0.94
C ASP A 14 4.89 -16.69 1.48
N ASP A 15 5.59 -15.55 1.45
CA ASP A 15 6.89 -15.36 2.13
C ASP A 15 7.23 -13.87 2.25
N GLU A 16 7.69 -13.42 3.44
CA GLU A 16 8.05 -12.01 3.66
C GLU A 16 9.26 -11.54 2.85
N ASN A 17 10.13 -12.45 2.38
CA ASN A 17 11.24 -12.10 1.50
C ASN A 17 10.86 -12.11 -0.01
N LYS A 18 9.67 -12.62 -0.37
CA LYS A 18 9.12 -12.61 -1.74
C LYS A 18 8.11 -11.45 -1.94
N PRO A 19 7.93 -10.97 -3.19
CA PRO A 19 6.88 -10.01 -3.53
C PRO A 19 5.49 -10.67 -3.58
N CYS A 20 4.48 -9.87 -3.24
CA CYS A 20 3.07 -10.22 -3.15
C CYS A 20 2.20 -8.93 -3.31
N ARG A 21 0.90 -9.07 -3.56
CA ARG A 21 -0.01 -7.94 -3.86
C ARG A 21 -0.15 -6.92 -2.73
N LYS A 22 -0.01 -7.32 -1.47
CA LYS A 22 -0.21 -6.40 -0.33
C LYS A 22 1.10 -5.75 0.12
N CYS A 23 2.21 -6.47 -0.03
CA CYS A 23 3.53 -6.04 0.42
C CYS A 23 4.32 -5.31 -0.69
N ALA A 24 4.23 -5.79 -1.93
CA ALA A 24 4.68 -5.15 -3.16
C ALA A 24 3.48 -4.70 -4.01
N CYS A 25 3.59 -4.70 -5.35
CA CYS A 25 2.59 -4.14 -6.25
C CYS A 25 1.24 -4.88 -6.15
N HIS A 26 0.13 -4.21 -5.83
CA HIS A 26 -1.21 -4.83 -5.82
C HIS A 26 -1.75 -5.15 -7.23
N VAL A 27 -1.12 -4.62 -8.26
CA VAL A 27 -1.60 -4.61 -9.64
C VAL A 27 -0.89 -5.61 -10.57
N CYS A 28 0.39 -5.94 -10.31
CA CYS A 28 1.11 -7.04 -10.96
C CYS A 28 1.51 -8.16 -9.97
N GLY A 29 1.44 -7.88 -8.67
CA GLY A 29 1.77 -8.84 -7.62
C GLY A 29 3.27 -9.13 -7.53
N GLY A 30 4.10 -8.12 -7.79
CA GLY A 30 5.55 -8.24 -7.98
C GLY A 30 6.32 -7.00 -7.57
N ARG A 31 7.65 -7.08 -7.65
CA ARG A 31 8.57 -5.95 -7.44
C ARG A 31 9.67 -5.90 -8.52
N GLU A 32 10.18 -4.71 -8.79
CA GLU A 32 11.35 -4.48 -9.64
C GLU A 32 12.05 -3.17 -9.23
N ALA A 33 11.28 -2.08 -9.17
CA ALA A 33 11.71 -0.78 -8.68
C ALA A 33 11.12 -0.46 -7.29
N PRO A 34 11.94 -0.34 -6.22
CA PRO A 34 11.51 0.19 -4.91
C PRO A 34 11.48 1.73 -4.89
N GLU A 35 11.53 2.36 -6.08
CA GLU A 35 11.70 3.79 -6.31
C GLU A 35 10.71 4.30 -7.38
N LYS A 36 9.65 3.52 -7.68
CA LYS A 36 8.52 3.87 -8.57
C LYS A 36 7.22 3.16 -8.14
N GLN A 37 6.88 3.19 -6.84
CA GLN A 37 5.62 2.65 -6.30
C GLN A 37 4.98 3.69 -5.36
N LEU A 38 3.65 3.77 -5.46
CA LEU A 38 2.78 4.64 -4.63
C LEU A 38 2.15 3.87 -3.49
N LEU A 39 1.78 4.56 -2.42
CA LEU A 39 1.06 3.97 -1.29
C LEU A 39 -0.34 4.54 -1.19
N CYS A 40 -1.35 3.67 -1.05
CA CYS A 40 -2.66 4.17 -0.68
C CYS A 40 -2.63 4.86 0.72
N ASP A 41 -3.60 5.71 1.00
CA ASP A 41 -3.77 6.43 2.27
C ASP A 41 -4.88 5.83 3.16
N GLU A 42 -5.68 4.90 2.63
CA GLU A 42 -6.68 4.13 3.41
C GLU A 42 -6.25 2.68 3.64
N CYS A 43 -5.60 2.04 2.65
CA CYS A 43 -5.11 0.65 2.75
C CYS A 43 -3.57 0.52 2.78
N ASP A 44 -2.81 1.56 2.43
CA ASP A 44 -1.34 1.64 2.53
C ASP A 44 -0.58 0.54 1.78
N MET A 45 -1.06 0.21 0.58
CA MET A 45 -0.47 -0.84 -0.26
C MET A 45 0.40 -0.24 -1.37
N ALA A 46 1.45 -0.93 -1.84
CA ALA A 46 2.33 -0.43 -2.91
C ALA A 46 1.70 -0.58 -4.32
N PHE A 47 1.99 0.35 -5.23
CA PHE A 47 1.40 0.37 -6.57
C PHE A 47 2.37 1.04 -7.55
N HIS A 48 2.99 0.23 -8.40
CA HIS A 48 3.91 0.74 -9.45
C HIS A 48 3.31 1.87 -10.27
N LEU A 49 4.07 2.96 -10.46
CA LEU A 49 3.64 4.10 -11.30
C LEU A 49 3.25 3.70 -12.73
N TYR A 50 3.76 2.56 -13.21
CA TYR A 50 3.60 2.08 -14.58
C TYR A 50 2.64 0.89 -14.69
N CYS A 51 2.16 0.37 -13.55
CA CYS A 51 1.10 -0.64 -13.52
C CYS A 51 -0.26 -0.02 -13.09
N LEU A 52 -0.24 0.84 -12.06
CA LEU A 52 -1.42 1.42 -11.41
C LEU A 52 -2.21 2.36 -12.34
N LYS A 53 -1.51 3.01 -13.29
CA LYS A 53 -2.03 3.96 -14.29
C LYS A 53 -1.19 3.90 -15.59
N PRO A 54 -1.76 4.11 -16.79
CA PRO A 54 -0.99 4.15 -18.05
C PRO A 54 -0.11 5.40 -18.31
N PRO A 55 -0.51 6.66 -17.97
CA PRO A 55 0.18 7.87 -18.42
C PRO A 55 1.60 8.10 -17.85
N LEU A 56 1.64 8.48 -16.58
CA LEU A 56 2.82 8.96 -15.85
C LEU A 56 3.82 7.86 -15.43
N THR A 57 5.03 8.29 -15.06
CA THR A 57 6.16 7.44 -14.58
C THR A 57 6.62 7.83 -13.16
N SER A 58 6.14 8.96 -12.63
CA SER A 58 6.50 9.52 -11.32
C SER A 58 5.27 10.00 -10.55
N VAL A 59 5.40 10.18 -9.22
CA VAL A 59 4.31 10.52 -8.30
C VAL A 59 3.71 11.91 -8.61
N PRO A 60 2.37 12.04 -8.69
CA PRO A 60 1.69 13.30 -9.01
C PRO A 60 1.76 14.33 -7.86
N PRO A 61 1.72 15.65 -8.17
CA PRO A 61 1.65 16.72 -7.17
C PRO A 61 0.23 16.80 -6.57
N GLU A 62 0.03 16.14 -5.44
CA GLU A 62 -1.23 15.97 -4.72
C GLU A 62 -0.93 15.75 -3.22
N PRO A 63 -1.75 16.25 -2.26
CA PRO A 63 -1.55 16.02 -0.83
C PRO A 63 -2.00 14.65 -0.30
N GLU A 64 -3.01 14.02 -0.91
CA GLU A 64 -3.67 12.79 -0.45
C GLU A 64 -4.00 11.86 -1.63
N TRP A 65 -3.62 10.58 -1.55
CA TRP A 65 -3.73 9.61 -2.65
C TRP A 65 -4.20 8.27 -2.11
N TYR A 66 -5.22 7.73 -2.77
CA TYR A 66 -5.74 6.38 -2.53
C TYR A 66 -5.75 5.62 -3.87
N CYS A 67 -5.49 4.31 -3.85
CA CYS A 67 -5.65 3.47 -5.02
C CYS A 67 -6.97 3.67 -5.80
N PRO A 68 -7.04 3.37 -7.11
CA PRO A 68 -8.28 3.50 -7.88
C PRO A 68 -9.49 2.77 -7.28
N SER A 69 -9.27 1.67 -6.54
CA SER A 69 -10.36 0.94 -5.85
C SER A 69 -10.93 1.70 -4.65
N CYS A 70 -10.08 2.23 -3.74
CA CYS A 70 -10.52 3.12 -2.67
C CYS A 70 -11.01 4.48 -3.25
N ARG A 71 -10.31 5.01 -4.27
CA ARG A 71 -10.59 6.34 -4.86
C ARG A 71 -11.95 6.42 -5.57
N THR A 72 -12.48 5.29 -6.05
CA THR A 72 -13.82 5.19 -6.65
C THR A 72 -14.91 4.96 -5.59
N ASP A 73 -14.55 4.45 -4.41
CA ASP A 73 -15.48 4.14 -3.32
C ASP A 73 -15.69 5.30 -2.32
N SER A 74 -14.68 6.15 -2.11
CA SER A 74 -14.73 7.32 -1.21
C SER A 74 -15.60 8.47 -1.75
N ARG A 75 -16.07 9.33 -0.85
CA ARG A 75 -16.97 10.47 -1.13
C ARG A 75 -16.53 11.79 -0.47
N ARG A 76 -16.27 11.74 0.84
CA ARG A 76 -15.93 12.89 1.70
C ARG A 76 -14.91 12.55 2.81
N GLU A 77 -14.11 11.52 2.57
CA GLU A 77 -13.04 11.07 3.49
C GLU A 77 -11.79 11.95 3.33
N VAL A 78 -11.22 12.38 4.46
CA VAL A 78 -10.11 13.35 4.55
C VAL A 78 -9.16 12.95 5.68
N GLN A 79 -7.84 13.01 5.42
CA GLN A 79 -6.79 12.79 6.41
C GLN A 79 -6.46 14.08 7.18
N SER A 80 -6.25 15.17 6.44
CA SER A 80 -6.01 16.51 6.97
C SER A 80 -6.39 17.62 5.98
N ALA A 81 -6.64 18.84 6.48
CA ALA A 81 -6.96 20.02 5.68
C ALA A 81 -5.72 20.80 5.18
N PHE A 82 -4.51 20.28 5.43
CA PHE A 82 -3.23 20.95 5.14
C PHE A 82 -2.77 20.76 3.67
N PRO A 83 -2.25 21.81 2.99
CA PRO A 83 -1.68 21.70 1.64
C PRO A 83 -0.33 20.97 1.65
N LYS A 84 -0.38 19.63 1.72
CA LYS A 84 0.81 18.76 1.89
C LYS A 84 1.63 18.58 0.60
N ARG A 85 1.02 18.85 -0.57
CA ARG A 85 1.58 18.89 -1.95
C ARG A 85 2.23 17.60 -2.50
N ARG A 86 2.64 16.68 -1.64
CA ARG A 86 3.22 15.36 -1.99
C ARG A 86 2.58 14.23 -1.18
N VAL A 87 2.26 13.13 -1.87
CA VAL A 87 1.75 11.87 -1.32
C VAL A 87 2.85 10.89 -0.91
N ARG A 88 2.44 9.76 -0.31
CA ARG A 88 3.31 8.69 0.18
C ARG A 88 3.74 7.73 -0.94
N THR A 89 4.99 7.26 -0.88
CA THR A 89 5.70 6.53 -1.95
C THR A 89 6.80 5.61 -1.40
N LEU A 90 7.14 4.51 -2.09
CA LEU A 90 8.17 3.56 -1.62
C LEU A 90 9.58 4.18 -1.63
N LEU A 91 9.87 5.02 -2.60
CA LEU A 91 11.08 5.87 -2.64
C LEU A 91 11.27 6.71 -1.35
N SER A 92 10.19 6.93 -0.59
CA SER A 92 10.19 7.49 0.76
C SER A 92 10.11 6.43 1.88
N VAL A 93 9.17 5.47 1.83
CA VAL A 93 8.98 4.44 2.86
C VAL A 93 10.05 3.35 2.79
N LEU A 94 10.22 2.73 1.63
CA LEU A 94 11.10 1.60 1.42
C LEU A 94 12.57 1.99 1.61
N LYS A 95 12.87 3.27 1.36
CA LYS A 95 14.19 3.88 1.58
C LYS A 95 14.48 4.16 3.06
N ASP A 96 13.52 3.91 3.96
CA ASP A 96 13.74 4.03 5.42
C ASP A 96 13.38 2.73 6.16
N PRO A 97 14.29 2.12 6.95
CA PRO A 97 14.01 0.85 7.59
C PRO A 97 12.83 0.91 8.57
N ILE A 98 12.56 2.07 9.19
CA ILE A 98 11.42 2.22 10.10
C ILE A 98 10.11 2.31 9.33
N ALA A 99 10.04 3.13 8.28
CA ALA A 99 8.85 3.30 7.46
C ALA A 99 8.45 1.99 6.77
N LYS A 100 9.45 1.20 6.33
CA LYS A 100 9.30 -0.16 5.80
C LYS A 100 8.60 -1.09 6.80
N MET A 101 9.17 -1.21 8.00
CA MET A 101 8.67 -2.11 9.03
C MET A 101 7.37 -1.60 9.64
N ARG A 102 7.16 -0.29 9.70
CA ARG A 102 5.95 0.35 10.19
C ARG A 102 4.81 0.07 9.23
N ARG A 103 4.95 0.38 7.94
CA ARG A 103 3.90 0.06 6.96
C ARG A 103 3.62 -1.45 6.86
N LEU A 104 4.59 -2.31 7.14
CA LEU A 104 4.41 -3.75 7.01
C LEU A 104 3.89 -4.44 8.27
N VAL A 105 4.21 -3.95 9.46
CA VAL A 105 3.69 -4.47 10.74
C VAL A 105 2.53 -3.64 11.25
N ARG A 106 2.73 -2.32 11.42
CA ARG A 106 1.76 -1.39 12.01
C ARG A 106 0.48 -1.31 11.20
N ILE A 107 0.62 -1.18 9.87
CA ILE A 107 -0.53 -1.09 8.96
C ILE A 107 -1.22 -2.44 8.78
N GLU A 108 -0.45 -3.48 8.48
CA GLU A 108 -0.95 -4.84 8.31
C GLU A 108 -1.76 -5.32 9.53
N GLN A 109 -1.25 -5.13 10.76
CA GLN A 109 -1.96 -5.51 11.99
C GLN A 109 -3.27 -4.73 12.16
N ARG A 110 -3.35 -3.46 11.75
CA ARG A 110 -4.58 -2.65 11.84
C ARG A 110 -5.69 -3.20 10.95
N GLN A 111 -5.40 -3.50 9.68
CA GLN A 111 -6.39 -4.14 8.78
C GLN A 111 -6.68 -5.60 9.13
N LYS A 112 -5.70 -6.34 9.66
CA LYS A 112 -5.91 -7.72 10.13
C LYS A 112 -6.87 -7.77 11.33
N ARG A 113 -6.82 -6.77 12.22
CA ARG A 113 -7.78 -6.60 13.33
C ARG A 113 -9.15 -6.13 12.85
N LEU A 114 -9.19 -5.25 11.84
CA LEU A 114 -10.43 -4.79 11.22
C LEU A 114 -11.22 -5.92 10.56
N GLU A 115 -10.52 -6.86 9.94
CA GLU A 115 -11.16 -8.05 9.33
C GLU A 115 -11.52 -9.15 10.35
N GLY A 116 -10.97 -9.05 11.57
CA GLY A 116 -11.08 -10.06 12.62
C GLY A 116 -12.09 -9.74 13.73
N ASN A 117 -12.60 -8.51 13.80
CA ASN A 117 -13.55 -8.04 14.82
C ASN A 117 -14.63 -7.12 14.22
N GLU A 118 -15.80 -7.04 14.86
CA GLU A 118 -16.95 -6.23 14.42
C GLU A 118 -16.95 -4.81 15.02
N PHE A 119 -17.71 -3.91 14.39
CA PHE A 119 -17.89 -2.51 14.78
C PHE A 119 -19.36 -2.08 14.64
N GLU A 120 -19.81 -1.10 15.43
CA GLU A 120 -21.21 -0.67 15.49
C GLU A 120 -21.65 0.22 14.31
N ARG A 121 -20.71 0.98 13.71
CA ARG A 121 -20.92 1.81 12.50
C ARG A 121 -19.70 1.75 11.59
N ASP A 122 -19.94 1.76 10.28
CA ASP A 122 -18.91 1.64 9.23
C ASP A 122 -18.22 2.97 8.85
N SER A 123 -18.63 4.08 9.47
CA SER A 123 -18.15 5.45 9.17
C SER A 123 -16.73 5.77 9.65
N GLU A 124 -16.11 4.91 10.46
CA GLU A 124 -14.75 5.08 10.98
C GLU A 124 -13.97 3.74 10.96
N PRO A 125 -13.23 3.43 9.88
CA PRO A 125 -12.47 2.18 9.73
C PRO A 125 -11.06 2.23 10.36
N PHE A 126 -10.57 3.44 10.72
CA PHE A 126 -9.22 3.69 11.22
C PHE A 126 -9.02 3.33 12.70
ZN ZN B . 2.72 -10.31 1.57
ZN ZN C . -6.58 1.64 -1.14
ZN ZN D . 3.59 -3.67 -10.76
N GLY A 1 -3.85 -26.79 -1.97
CA GLY A 1 -3.35 -25.51 -1.43
C GLY A 1 -2.44 -24.78 -2.42
N PRO A 2 -1.94 -23.58 -2.06
CA PRO A 2 -1.04 -22.78 -2.90
C PRO A 2 0.37 -23.39 -3.02
N LEU A 3 1.13 -22.95 -4.03
CA LEU A 3 2.49 -23.43 -4.30
C LEU A 3 3.52 -22.87 -3.29
N GLY A 4 3.27 -21.67 -2.72
CA GLY A 4 4.10 -21.09 -1.65
C GLY A 4 3.91 -21.81 -0.31
N SER A 5 5.00 -22.24 0.31
CA SER A 5 5.02 -23.08 1.53
C SER A 5 6.16 -22.78 2.51
N GLY A 6 6.92 -21.70 2.27
CA GLY A 6 8.00 -21.22 3.14
C GLY A 6 7.52 -20.39 4.34
N PRO A 7 8.37 -19.53 4.93
CA PRO A 7 7.97 -18.60 5.99
C PRO A 7 6.88 -17.64 5.46
N SER A 8 5.83 -17.40 6.25
CA SER A 8 4.60 -16.73 5.84
C SER A 8 4.37 -15.34 6.47
N CYS A 9 3.81 -14.42 5.67
CA CYS A 9 3.26 -13.14 6.08
C CYS A 9 1.97 -13.38 6.92
N ARG A 10 1.26 -12.31 7.29
CA ARG A 10 -0.01 -12.39 8.06
C ARG A 10 -1.21 -12.00 7.24
N PHE A 11 -1.00 -11.08 6.29
CA PHE A 11 -2.09 -10.55 5.48
C PHE A 11 -2.17 -11.20 4.07
N CYS A 12 -1.14 -11.97 3.71
CA CYS A 12 -0.93 -12.63 2.40
C CYS A 12 -0.50 -14.12 2.55
N LYS A 13 0.34 -14.40 3.56
CA LYS A 13 0.80 -15.71 4.07
C LYS A 13 1.34 -16.70 3.02
N ASP A 14 1.98 -16.23 1.96
CA ASP A 14 2.44 -17.08 0.84
C ASP A 14 3.95 -17.35 0.96
N ASP A 15 4.76 -16.29 0.97
CA ASP A 15 6.21 -16.34 1.16
C ASP A 15 6.75 -14.96 1.57
N GLU A 16 7.48 -14.85 2.70
CA GLU A 16 8.11 -13.60 3.13
C GLU A 16 9.33 -13.24 2.27
N ASN A 17 9.99 -14.26 1.71
CA ASN A 17 11.10 -14.16 0.76
C ASN A 17 10.66 -13.86 -0.69
N LYS A 18 9.35 -13.67 -0.93
CA LYS A 18 8.74 -13.35 -2.24
C LYS A 18 7.92 -12.04 -2.16
N PRO A 19 7.87 -11.21 -3.22
CA PRO A 19 6.93 -10.09 -3.28
C PRO A 19 5.46 -10.57 -3.32
N CYS A 20 4.56 -9.77 -2.75
CA CYS A 20 3.11 -9.99 -2.73
C CYS A 20 2.36 -8.76 -3.28
N ARG A 21 1.02 -8.85 -3.34
CA ARG A 21 0.12 -7.72 -3.62
C ARG A 21 -0.03 -6.75 -2.43
N LYS A 22 0.19 -7.22 -1.20
CA LYS A 22 0.21 -6.38 0.03
C LYS A 22 1.62 -5.86 0.34
N CYS A 23 2.63 -6.70 0.09
CA CYS A 23 4.03 -6.38 0.38
C CYS A 23 4.64 -5.45 -0.68
N ALA A 24 4.40 -5.75 -1.96
CA ALA A 24 4.81 -4.97 -3.13
C ALA A 24 3.58 -4.56 -3.97
N CYS A 25 3.71 -4.52 -5.30
CA CYS A 25 2.68 -4.02 -6.21
C CYS A 25 1.35 -4.79 -6.07
N HIS A 26 0.25 -4.13 -5.75
CA HIS A 26 -1.08 -4.77 -5.67
C HIS A 26 -1.61 -5.24 -7.03
N VAL A 27 -1.05 -4.70 -8.11
CA VAL A 27 -1.54 -4.83 -9.49
C VAL A 27 -0.81 -5.92 -10.28
N CYS A 28 0.50 -6.11 -10.08
CA CYS A 28 1.28 -7.17 -10.71
C CYS A 28 1.76 -8.24 -9.69
N GLY A 29 1.68 -7.91 -8.39
CA GLY A 29 2.04 -8.80 -7.30
C GLY A 29 3.56 -9.04 -7.19
N GLY A 30 4.36 -8.01 -7.50
CA GLY A 30 5.81 -8.11 -7.66
C GLY A 30 6.53 -6.81 -7.32
N ARG A 31 7.87 -6.86 -7.27
CA ARG A 31 8.75 -5.71 -7.00
C ARG A 31 9.90 -5.62 -8.01
N GLU A 32 10.34 -4.39 -8.30
CA GLU A 32 11.52 -4.09 -9.12
C GLU A 32 12.14 -2.74 -8.72
N ALA A 33 11.30 -1.70 -8.72
CA ALA A 33 11.67 -0.34 -8.31
C ALA A 33 11.07 0.03 -6.93
N PRO A 34 11.90 0.17 -5.86
CA PRO A 34 11.48 0.70 -4.56
C PRO A 34 11.40 2.24 -4.52
N GLU A 35 11.45 2.89 -5.70
CA GLU A 35 11.45 4.34 -5.88
C GLU A 35 10.47 4.75 -7.01
N LYS A 36 9.47 3.88 -7.33
CA LYS A 36 8.38 4.14 -8.27
C LYS A 36 7.09 3.38 -7.89
N GLN A 37 6.70 3.33 -6.62
CA GLN A 37 5.43 2.76 -6.19
C GLN A 37 4.69 3.77 -5.31
N LEU A 38 3.40 3.89 -5.54
CA LEU A 38 2.48 4.72 -4.72
C LEU A 38 1.93 3.91 -3.55
N LEU A 39 1.68 4.55 -2.41
CA LEU A 39 0.97 3.94 -1.28
C LEU A 39 -0.40 4.59 -1.08
N CYS A 40 -1.47 3.80 -0.92
CA CYS A 40 -2.74 4.36 -0.46
C CYS A 40 -2.60 5.06 0.93
N ASP A 41 -3.53 5.96 1.21
CA ASP A 41 -3.66 6.67 2.50
C ASP A 41 -4.67 6.00 3.45
N GLU A 42 -5.48 5.05 2.97
CA GLU A 42 -6.34 4.19 3.81
C GLU A 42 -5.72 2.79 4.01
N CYS A 43 -5.09 2.23 2.97
CA CYS A 43 -4.57 0.85 2.97
C CYS A 43 -3.03 0.79 3.11
N ASP A 44 -2.31 1.83 2.66
CA ASP A 44 -0.86 1.87 2.48
C ASP A 44 -0.29 0.70 1.67
N MET A 45 -0.99 0.38 0.59
CA MET A 45 -0.59 -0.71 -0.33
C MET A 45 0.19 -0.16 -1.51
N ALA A 46 1.24 -0.86 -1.96
CA ALA A 46 2.10 -0.37 -3.04
C ALA A 46 1.53 -0.61 -4.43
N PHE A 47 1.82 0.31 -5.36
CA PHE A 47 1.31 0.29 -6.72
C PHE A 47 2.32 1.00 -7.63
N HIS A 48 3.00 0.22 -8.46
CA HIS A 48 3.94 0.78 -9.45
C HIS A 48 3.33 1.91 -10.26
N LEU A 49 4.07 3.02 -10.42
CA LEU A 49 3.64 4.15 -11.25
C LEU A 49 3.27 3.77 -12.69
N TYR A 50 3.74 2.62 -13.16
CA TYR A 50 3.60 2.11 -14.52
C TYR A 50 2.73 0.85 -14.61
N CYS A 51 2.20 0.36 -13.49
CA CYS A 51 1.21 -0.70 -13.48
C CYS A 51 -0.19 -0.15 -13.12
N LEU A 52 -0.23 0.73 -12.11
CA LEU A 52 -1.40 1.46 -11.64
C LEU A 52 -1.92 2.49 -12.67
N LYS A 53 -1.03 3.00 -13.55
CA LYS A 53 -1.34 3.93 -14.65
C LYS A 53 -0.53 3.58 -15.91
N PRO A 54 -1.13 3.56 -17.12
CA PRO A 54 -0.39 3.45 -18.39
C PRO A 54 0.45 4.68 -18.82
N PRO A 55 0.02 5.95 -18.60
CA PRO A 55 0.68 7.12 -19.21
C PRO A 55 2.06 7.47 -18.63
N LEU A 56 2.09 8.21 -17.51
CA LEU A 56 3.28 8.65 -16.79
C LEU A 56 4.02 7.52 -16.06
N THR A 57 5.27 7.80 -15.66
CA THR A 57 6.16 6.91 -14.89
C THR A 57 6.58 7.54 -13.53
N SER A 58 5.99 8.69 -13.20
CA SER A 58 6.28 9.54 -12.04
C SER A 58 5.00 9.98 -11.32
N VAL A 59 5.11 10.39 -10.05
CA VAL A 59 3.97 10.68 -9.17
C VAL A 59 3.42 12.10 -9.35
N PRO A 60 2.08 12.27 -9.50
CA PRO A 60 1.41 13.57 -9.56
C PRO A 60 1.68 14.49 -8.35
N PRO A 61 1.74 15.83 -8.53
CA PRO A 61 1.79 16.77 -7.42
C PRO A 61 0.41 16.85 -6.74
N GLU A 62 0.31 16.32 -5.52
CA GLU A 62 -0.93 16.13 -4.77
C GLU A 62 -0.60 15.99 -3.26
N PRO A 63 -1.43 16.50 -2.33
CA PRO A 63 -1.23 16.28 -0.90
C PRO A 63 -1.64 14.88 -0.41
N GLU A 64 -2.70 14.26 -0.95
CA GLU A 64 -3.24 12.95 -0.52
C GLU A 64 -3.67 12.05 -1.68
N TRP A 65 -3.52 10.72 -1.51
CA TRP A 65 -3.86 9.74 -2.54
C TRP A 65 -4.29 8.39 -1.93
N TYR A 66 -5.36 7.80 -2.46
CA TYR A 66 -5.84 6.45 -2.16
C TYR A 66 -5.91 5.59 -3.43
N CYS A 67 -5.80 4.25 -3.36
CA CYS A 67 -5.96 3.36 -4.52
C CYS A 67 -7.18 3.73 -5.42
N PRO A 68 -7.18 3.43 -6.73
CA PRO A 68 -8.21 3.92 -7.67
C PRO A 68 -9.64 3.51 -7.30
N SER A 69 -9.83 2.35 -6.65
CA SER A 69 -11.11 1.95 -6.07
C SER A 69 -11.52 2.77 -4.85
N CYS A 70 -10.62 2.98 -3.89
CA CYS A 70 -10.82 3.83 -2.71
C CYS A 70 -11.16 5.29 -3.13
N ARG A 71 -10.42 5.82 -4.11
CA ARG A 71 -10.59 7.17 -4.68
C ARG A 71 -11.92 7.34 -5.43
N THR A 72 -12.54 6.25 -5.88
CA THR A 72 -13.83 6.27 -6.58
C THR A 72 -15.02 6.06 -5.63
N ASP A 73 -14.85 5.29 -4.55
CA ASP A 73 -15.95 4.94 -3.62
C ASP A 73 -16.01 5.82 -2.34
N SER A 74 -15.01 6.67 -2.10
CA SER A 74 -15.01 7.72 -1.07
C SER A 74 -15.97 8.88 -1.42
N ARG A 75 -16.09 9.88 -0.52
CA ARG A 75 -16.86 11.11 -0.76
C ARG A 75 -16.42 11.87 -2.03
N ARG A 76 -17.30 12.74 -2.54
CA ARG A 76 -17.00 13.69 -3.62
C ARG A 76 -16.18 14.86 -3.10
N GLU A 77 -15.10 15.20 -3.80
CA GLU A 77 -14.07 16.15 -3.41
C GLU A 77 -13.48 16.94 -4.61
N VAL A 78 -12.44 17.73 -4.38
CA VAL A 78 -11.62 18.39 -5.41
C VAL A 78 -10.12 18.15 -5.14
N GLN A 79 -9.36 17.89 -6.21
CA GLN A 79 -7.91 17.65 -6.16
C GLN A 79 -7.10 18.96 -6.17
N SER A 80 -5.90 18.93 -5.59
CA SER A 80 -5.03 20.12 -5.41
C SER A 80 -3.72 19.96 -6.18
N ALA A 81 -3.54 20.77 -7.23
CA ALA A 81 -2.36 20.75 -8.10
C ALA A 81 -1.09 21.30 -7.41
N PHE A 82 -1.24 22.09 -6.33
CA PHE A 82 -0.15 22.51 -5.47
C PHE A 82 0.11 21.46 -4.37
N PRO A 83 1.34 20.91 -4.23
CA PRO A 83 1.67 19.93 -3.20
C PRO A 83 1.95 20.63 -1.86
N LYS A 84 0.88 20.91 -1.09
CA LYS A 84 0.96 21.43 0.31
C LYS A 84 1.63 20.41 1.25
N ARG A 85 1.56 19.14 0.87
CA ARG A 85 2.28 17.96 1.39
C ARG A 85 2.60 17.04 0.20
N ARG A 86 3.33 15.95 0.43
CA ARG A 86 3.50 14.87 -0.56
C ARG A 86 2.59 13.68 -0.24
N VAL A 87 2.15 12.98 -1.27
CA VAL A 87 1.47 11.68 -1.12
C VAL A 87 2.44 10.61 -0.61
N ARG A 88 1.88 9.53 -0.05
CA ARG A 88 2.67 8.39 0.44
C ARG A 88 3.12 7.53 -0.75
N THR A 89 4.39 7.16 -0.75
CA THR A 89 5.11 6.52 -1.87
C THR A 89 6.31 5.72 -1.34
N LEU A 90 6.84 4.76 -2.10
CA LEU A 90 8.01 3.96 -1.68
C LEU A 90 9.33 4.76 -1.72
N LEU A 91 9.45 5.63 -2.72
CA LEU A 91 10.49 6.66 -2.80
C LEU A 91 10.54 7.56 -1.54
N SER A 92 9.47 7.58 -0.74
CA SER A 92 9.42 8.17 0.62
C SER A 92 9.56 7.13 1.74
N VAL A 93 8.76 6.06 1.74
CA VAL A 93 8.71 5.02 2.78
C VAL A 93 9.87 4.04 2.67
N LEU A 94 10.06 3.41 1.53
CA LEU A 94 11.11 2.41 1.31
C LEU A 94 12.51 3.03 1.38
N LYS A 95 12.58 4.35 1.12
CA LYS A 95 13.77 5.20 1.29
C LYS A 95 14.12 5.42 2.78
N ASP A 96 13.31 4.90 3.73
CA ASP A 96 13.62 4.94 5.17
C ASP A 96 13.44 3.55 5.83
N PRO A 97 14.43 3.05 6.59
CA PRO A 97 14.32 1.73 7.21
C PRO A 97 13.20 1.62 8.24
N ILE A 98 12.78 2.73 8.86
CA ILE A 98 11.65 2.74 9.79
C ILE A 98 10.33 2.72 9.04
N ALA A 99 10.14 3.56 8.03
CA ALA A 99 8.89 3.69 7.27
C ALA A 99 8.56 2.39 6.52
N LYS A 100 9.59 1.67 6.07
CA LYS A 100 9.50 0.30 5.53
C LYS A 100 8.83 -0.68 6.50
N MET A 101 9.34 -0.74 7.73
CA MET A 101 8.88 -1.68 8.75
C MET A 101 7.56 -1.25 9.36
N ARG A 102 7.32 0.06 9.49
CA ARG A 102 6.09 0.67 9.97
C ARG A 102 4.96 0.32 9.02
N ARG A 103 5.13 0.52 7.71
CA ARG A 103 4.07 0.18 6.75
C ARG A 103 3.81 -1.33 6.65
N LEU A 104 4.78 -2.17 6.97
CA LEU A 104 4.65 -3.63 6.83
C LEU A 104 4.19 -4.35 8.09
N VAL A 105 4.51 -3.83 9.26
CA VAL A 105 4.06 -4.36 10.56
C VAL A 105 2.84 -3.59 11.05
N ARG A 106 2.98 -2.27 11.21
CA ARG A 106 1.97 -1.40 11.83
C ARG A 106 0.71 -1.36 10.98
N ILE A 107 0.87 -1.10 9.67
CA ILE A 107 -0.28 -1.00 8.77
C ILE A 107 -0.92 -2.36 8.57
N GLU A 108 -0.12 -3.38 8.29
CA GLU A 108 -0.63 -4.71 7.98
C GLU A 108 -1.39 -5.33 9.17
N GLN A 109 -0.89 -5.17 10.41
CA GLN A 109 -1.66 -5.52 11.61
C GLN A 109 -2.92 -4.66 11.76
N ARG A 110 -2.83 -3.34 11.56
CA ARG A 110 -3.98 -2.43 11.77
C ARG A 110 -5.12 -2.70 10.80
N GLN A 111 -4.84 -2.95 9.52
CA GLN A 111 -5.88 -3.28 8.54
C GLN A 111 -6.46 -4.69 8.74
N LYS A 112 -5.66 -5.67 9.14
CA LYS A 112 -6.19 -7.01 9.43
C LYS A 112 -7.15 -6.99 10.64
N ARG A 113 -6.91 -6.09 11.61
CA ARG A 113 -7.84 -5.78 12.73
C ARG A 113 -9.08 -4.98 12.27
N LEU A 114 -8.92 -4.07 11.31
CA LEU A 114 -9.99 -3.24 10.73
C LEU A 114 -11.09 -4.07 10.06
N GLU A 115 -10.72 -5.22 9.50
CA GLU A 115 -11.62 -6.21 8.86
C GLU A 115 -12.77 -6.74 9.76
N GLY A 116 -12.73 -6.48 11.07
CA GLY A 116 -13.79 -6.82 12.02
C GLY A 116 -15.04 -5.93 11.96
N ASN A 117 -15.82 -5.91 13.04
CA ASN A 117 -17.07 -5.13 13.16
C ASN A 117 -16.86 -3.60 13.04
N GLU A 118 -15.63 -3.13 13.27
CA GLU A 118 -15.21 -1.72 13.15
C GLU A 118 -14.99 -1.22 11.70
N PHE A 119 -15.20 -2.07 10.68
CA PHE A 119 -14.86 -1.78 9.28
C PHE A 119 -15.52 -0.51 8.71
N GLU A 120 -14.69 0.34 8.10
CA GLU A 120 -15.09 1.50 7.26
C GLU A 120 -13.92 1.87 6.31
N ARG A 121 -14.25 2.38 5.12
CA ARG A 121 -13.30 2.67 4.01
C ARG A 121 -13.23 4.15 3.59
N ASP A 122 -13.91 5.02 4.32
CA ASP A 122 -13.98 6.47 4.06
C ASP A 122 -13.60 7.26 5.34
N SER A 123 -12.76 8.30 5.18
CA SER A 123 -12.25 9.14 6.26
C SER A 123 -11.93 10.56 5.76
N GLU A 124 -11.77 11.51 6.69
CA GLU A 124 -11.53 12.93 6.39
C GLU A 124 -10.52 13.53 7.40
N PRO A 125 -9.29 13.87 6.97
CA PRO A 125 -8.24 14.39 7.86
C PRO A 125 -8.38 15.88 8.17
N PHE A 126 -7.81 16.30 9.31
CA PHE A 126 -7.75 17.68 9.81
C PHE A 126 -6.37 18.01 10.41
ZN ZN B . 3.44 -10.72 1.93
ZN ZN C . -6.86 1.87 -0.67
ZN ZN D . 3.72 -3.66 -10.69
N GLY A 1 -1.78 -15.17 -2.85
CA GLY A 1 -1.07 -14.43 -3.91
C GLY A 1 -0.05 -15.33 -4.60
N PRO A 2 1.16 -14.82 -4.91
CA PRO A 2 2.24 -15.62 -5.50
C PRO A 2 2.66 -16.82 -4.64
N LEU A 3 3.15 -17.89 -5.26
CA LEU A 3 3.52 -19.14 -4.57
C LEU A 3 4.66 -18.91 -3.56
N GLY A 4 4.45 -19.30 -2.30
CA GLY A 4 5.43 -19.20 -1.21
C GLY A 4 5.24 -20.29 -0.14
N SER A 5 6.25 -20.49 0.72
CA SER A 5 6.30 -21.54 1.75
C SER A 5 7.21 -21.23 2.96
N GLY A 6 7.96 -20.12 2.94
CA GLY A 6 8.88 -19.71 4.02
C GLY A 6 8.20 -18.88 5.13
N PRO A 7 8.90 -17.91 5.76
CA PRO A 7 8.33 -16.99 6.74
C PRO A 7 7.10 -16.28 6.18
N SER A 8 5.95 -16.34 6.86
CA SER A 8 4.64 -15.90 6.35
C SER A 8 4.14 -14.58 6.94
N CYS A 9 3.56 -13.74 6.07
CA CYS A 9 2.77 -12.56 6.40
C CYS A 9 1.42 -12.99 7.07
N ARG A 10 0.50 -12.06 7.34
CA ARG A 10 -0.85 -12.36 7.89
C ARG A 10 -1.99 -11.77 7.07
N PHE A 11 -1.70 -10.81 6.19
CA PHE A 11 -2.64 -10.31 5.19
C PHE A 11 -2.54 -11.06 3.84
N CYS A 12 -1.46 -11.83 3.60
CA CYS A 12 -1.29 -12.67 2.40
C CYS A 12 -0.62 -14.05 2.68
N LYS A 13 0.22 -14.14 3.70
CA LYS A 13 0.84 -15.35 4.28
C LYS A 13 1.61 -16.27 3.31
N ASP A 14 2.15 -15.73 2.22
CA ASP A 14 2.87 -16.52 1.20
C ASP A 14 4.37 -16.58 1.52
N ASP A 15 5.04 -15.42 1.49
CA ASP A 15 6.43 -15.25 1.93
C ASP A 15 6.70 -13.77 2.24
N GLU A 16 7.37 -13.47 3.36
CA GLU A 16 7.71 -12.09 3.76
C GLU A 16 8.94 -11.57 2.98
N ASN A 17 9.86 -12.47 2.65
CA ASN A 17 11.04 -12.22 1.81
C ASN A 17 10.75 -12.27 0.29
N LYS A 18 9.49 -12.50 -0.13
CA LYS A 18 9.02 -12.51 -1.53
C LYS A 18 7.95 -11.41 -1.73
N PRO A 19 7.86 -10.76 -2.91
CA PRO A 19 6.81 -9.78 -3.18
C PRO A 19 5.42 -10.44 -3.26
N CYS A 20 4.40 -9.70 -2.79
CA CYS A 20 2.98 -10.00 -2.92
C CYS A 20 2.23 -8.79 -3.54
N ARG A 21 0.89 -8.86 -3.60
CA ARG A 21 0.03 -7.70 -3.93
C ARG A 21 -0.08 -6.68 -2.80
N LYS A 22 0.13 -7.07 -1.54
CA LYS A 22 0.09 -6.16 -0.38
C LYS A 22 1.47 -5.88 0.20
N CYS A 23 2.43 -6.80 0.00
CA CYS A 23 3.83 -6.59 0.33
C CYS A 23 4.58 -5.76 -0.75
N ALA A 24 4.20 -5.89 -2.02
CA ALA A 24 4.68 -5.10 -3.17
C ALA A 24 3.49 -4.63 -4.05
N CYS A 25 3.65 -4.57 -5.38
CA CYS A 25 2.67 -4.00 -6.31
C CYS A 25 1.30 -4.72 -6.23
N HIS A 26 0.20 -4.02 -5.92
CA HIS A 26 -1.14 -4.66 -5.87
C HIS A 26 -1.68 -5.08 -7.25
N VAL A 27 -1.06 -4.56 -8.30
CA VAL A 27 -1.53 -4.63 -9.68
C VAL A 27 -0.81 -5.71 -10.51
N CYS A 28 0.49 -5.92 -10.30
CA CYS A 28 1.25 -7.02 -10.93
C CYS A 28 1.67 -8.12 -9.93
N GLY A 29 1.61 -7.80 -8.63
CA GLY A 29 1.90 -8.73 -7.54
C GLY A 29 3.39 -9.04 -7.38
N GLY A 30 4.24 -8.04 -7.63
CA GLY A 30 5.69 -8.17 -7.73
C GLY A 30 6.43 -6.88 -7.40
N ARG A 31 7.76 -6.94 -7.39
CA ARG A 31 8.65 -5.79 -7.22
C ARG A 31 9.78 -5.79 -8.26
N GLU A 32 10.24 -4.59 -8.63
CA GLU A 32 11.39 -4.39 -9.52
C GLU A 32 12.09 -3.07 -9.16
N ALA A 33 11.33 -1.97 -9.18
CA ALA A 33 11.74 -0.65 -8.73
C ALA A 33 11.14 -0.29 -7.35
N PRO A 34 11.91 -0.33 -6.24
CA PRO A 34 11.49 0.18 -4.93
C PRO A 34 11.57 1.73 -4.84
N GLU A 35 11.43 2.39 -6.00
CA GLU A 35 11.66 3.81 -6.22
C GLU A 35 10.70 4.39 -7.29
N LYS A 36 9.66 3.62 -7.66
CA LYS A 36 8.57 3.99 -8.60
C LYS A 36 7.25 3.31 -8.20
N GLN A 37 6.89 3.31 -6.91
CA GLN A 37 5.63 2.78 -6.38
C GLN A 37 4.97 3.80 -5.45
N LEU A 38 3.66 3.88 -5.55
CA LEU A 38 2.76 4.73 -4.74
C LEU A 38 2.12 3.94 -3.60
N LEU A 39 1.67 4.62 -2.54
CA LEU A 39 1.00 3.99 -1.39
C LEU A 39 -0.42 4.54 -1.23
N CYS A 40 -1.40 3.65 -1.07
CA CYS A 40 -2.73 4.09 -0.62
C CYS A 40 -2.66 4.79 0.76
N ASP A 41 -3.67 5.59 1.08
CA ASP A 41 -3.82 6.31 2.35
C ASP A 41 -4.86 5.64 3.27
N GLU A 42 -5.62 4.65 2.77
CA GLU A 42 -6.49 3.78 3.59
C GLU A 42 -5.87 2.38 3.79
N CYS A 43 -5.18 1.85 2.76
CA CYS A 43 -4.60 0.50 2.77
C CYS A 43 -3.07 0.50 2.97
N ASP A 44 -2.38 1.58 2.54
CA ASP A 44 -0.92 1.70 2.46
C ASP A 44 -0.23 0.56 1.69
N MET A 45 -0.78 0.24 0.52
CA MET A 45 -0.26 -0.83 -0.36
C MET A 45 0.55 -0.24 -1.51
N ALA A 46 1.64 -0.88 -1.96
CA ALA A 46 2.47 -0.35 -3.04
C ALA A 46 1.83 -0.53 -4.42
N PHE A 47 2.02 0.41 -5.37
CA PHE A 47 1.54 0.27 -6.75
C PHE A 47 2.49 1.02 -7.67
N HIS A 48 3.14 0.27 -8.54
CA HIS A 48 4.03 0.82 -9.57
C HIS A 48 3.40 1.96 -10.37
N LEU A 49 4.13 3.07 -10.55
CA LEU A 49 3.69 4.21 -11.38
C LEU A 49 3.28 3.81 -12.81
N TYR A 50 3.80 2.68 -13.30
CA TYR A 50 3.65 2.18 -14.66
C TYR A 50 2.74 0.94 -14.74
N CYS A 51 2.21 0.48 -13.60
CA CYS A 51 1.18 -0.55 -13.56
C CYS A 51 -0.19 0.03 -13.12
N LEU A 52 -0.17 0.89 -12.10
CA LEU A 52 -1.35 1.51 -11.47
C LEU A 52 -2.09 2.46 -12.44
N LYS A 53 -1.38 3.05 -13.43
CA LYS A 53 -1.95 3.92 -14.49
C LYS A 53 -1.08 3.88 -15.76
N PRO A 54 -1.63 4.07 -16.98
CA PRO A 54 -0.85 4.16 -18.22
C PRO A 54 0.01 5.43 -18.47
N PRO A 55 -0.33 6.66 -18.00
CA PRO A 55 0.32 7.91 -18.43
C PRO A 55 1.75 8.14 -17.90
N LEU A 56 1.88 8.79 -16.74
CA LEU A 56 3.15 9.23 -16.15
C LEU A 56 3.99 8.09 -15.52
N THR A 57 5.25 8.40 -15.22
CA THR A 57 6.25 7.50 -14.60
C THR A 57 6.74 8.03 -13.24
N SER A 58 6.13 9.13 -12.77
CA SER A 58 6.45 9.86 -11.54
C SER A 58 5.19 10.17 -10.72
N VAL A 59 5.35 10.34 -9.40
CA VAL A 59 4.25 10.63 -8.45
C VAL A 59 3.63 12.03 -8.70
N PRO A 60 2.29 12.13 -8.77
CA PRO A 60 1.59 13.40 -9.05
C PRO A 60 1.60 14.37 -7.85
N PRO A 61 1.53 15.70 -8.08
CA PRO A 61 1.33 16.70 -7.02
C PRO A 61 -0.09 16.58 -6.45
N GLU A 62 -0.20 16.00 -5.26
CA GLU A 62 -1.45 15.59 -4.61
C GLU A 62 -1.23 15.54 -3.08
N PRO A 63 -2.17 15.99 -2.22
CA PRO A 63 -2.02 15.88 -0.76
C PRO A 63 -2.35 14.49 -0.20
N GLU A 64 -3.28 13.77 -0.83
CA GLU A 64 -3.80 12.46 -0.40
C GLU A 64 -4.13 11.56 -1.60
N TRP A 65 -3.79 10.27 -1.52
CA TRP A 65 -3.93 9.30 -2.61
C TRP A 65 -4.32 7.93 -2.06
N TYR A 66 -5.34 7.32 -2.66
CA TYR A 66 -5.85 5.98 -2.35
C TYR A 66 -5.91 5.12 -3.62
N CYS A 67 -5.77 3.79 -3.57
CA CYS A 67 -5.79 2.93 -4.75
C CYS A 67 -6.94 3.25 -5.76
N PRO A 68 -6.82 2.90 -7.06
CA PRO A 68 -7.85 3.18 -8.07
C PRO A 68 -9.24 2.61 -7.74
N SER A 69 -9.32 1.54 -6.95
CA SER A 69 -10.59 1.05 -6.39
C SER A 69 -11.12 1.98 -5.29
N CYS A 70 -10.31 2.31 -4.28
CA CYS A 70 -10.68 3.18 -3.17
C CYS A 70 -11.10 4.60 -3.62
N ARG A 71 -10.42 5.12 -4.64
CA ARG A 71 -10.59 6.50 -5.13
C ARG A 71 -11.84 6.71 -6.01
N THR A 72 -12.43 5.63 -6.53
CA THR A 72 -13.53 5.67 -7.53
C THR A 72 -14.76 4.81 -7.18
N ASP A 73 -14.62 3.67 -6.50
CA ASP A 73 -15.71 2.68 -6.35
C ASP A 73 -16.75 3.02 -5.26
N SER A 74 -16.40 3.90 -4.31
CA SER A 74 -17.34 4.41 -3.30
C SER A 74 -18.40 5.34 -3.90
N ARG A 75 -19.47 5.62 -3.15
CA ARG A 75 -20.53 6.57 -3.54
C ARG A 75 -20.06 8.02 -3.61
N ARG A 76 -18.95 8.34 -2.92
CA ARG A 76 -18.20 9.61 -3.04
C ARG A 76 -16.86 9.37 -3.73
N GLU A 77 -16.56 10.16 -4.76
CA GLU A 77 -15.25 10.19 -5.42
C GLU A 77 -14.26 11.07 -4.64
N VAL A 78 -13.00 10.62 -4.52
CA VAL A 78 -11.94 11.38 -3.84
C VAL A 78 -11.52 12.57 -4.70
N GLN A 79 -11.62 13.79 -4.16
CA GLN A 79 -11.30 15.05 -4.85
C GLN A 79 -10.63 16.07 -3.91
N SER A 80 -9.73 16.88 -4.48
CA SER A 80 -9.13 18.06 -3.83
C SER A 80 -8.74 19.11 -4.88
N ALA A 81 -8.77 20.38 -4.49
CA ALA A 81 -8.47 21.53 -5.36
C ALA A 81 -7.03 22.08 -5.22
N PHE A 82 -6.26 21.60 -4.22
CA PHE A 82 -4.95 22.18 -3.85
C PHE A 82 -3.87 21.10 -3.57
N PRO A 83 -2.65 21.22 -4.13
CA PRO A 83 -1.50 20.38 -3.76
C PRO A 83 -0.90 20.83 -2.41
N LYS A 84 -1.67 20.66 -1.32
CA LYS A 84 -1.36 21.18 0.02
C LYS A 84 -0.19 20.45 0.71
N ARG A 85 0.06 19.20 0.28
CA ARG A 85 1.20 18.33 0.66
C ARG A 85 1.57 17.46 -0.55
N ARG A 86 2.47 16.48 -0.37
CA ARG A 86 2.77 15.41 -1.35
C ARG A 86 2.40 14.03 -0.81
N VAL A 87 2.04 13.10 -1.69
CA VAL A 87 1.60 11.74 -1.33
C VAL A 87 2.74 10.77 -1.04
N ARG A 88 2.37 9.69 -0.35
CA ARG A 88 3.25 8.62 0.15
C ARG A 88 3.69 7.70 -0.99
N THR A 89 4.95 7.26 -0.93
CA THR A 89 5.69 6.57 -2.01
C THR A 89 6.78 5.63 -1.46
N LEU A 90 7.17 4.58 -2.20
CA LEU A 90 8.24 3.66 -1.76
C LEU A 90 9.63 4.34 -1.81
N LEU A 91 9.86 5.19 -2.79
CA LEU A 91 11.00 6.11 -2.85
C LEU A 91 11.15 6.97 -1.57
N SER A 92 10.08 7.07 -0.76
CA SER A 92 10.10 7.62 0.60
C SER A 92 10.15 6.54 1.70
N VAL A 93 9.28 5.53 1.68
CA VAL A 93 9.20 4.45 2.69
C VAL A 93 10.31 3.42 2.53
N LEU A 94 10.45 2.83 1.35
CA LEU A 94 11.37 1.74 1.06
C LEU A 94 12.83 2.22 1.06
N LYS A 95 13.04 3.53 0.86
CA LYS A 95 14.32 4.21 1.05
C LYS A 95 14.78 4.24 2.52
N ASP A 96 13.91 3.84 3.47
CA ASP A 96 14.24 3.78 4.90
C ASP A 96 13.91 2.40 5.51
N PRO A 97 14.85 1.74 6.21
CA PRO A 97 14.58 0.43 6.79
C PRO A 97 13.48 0.44 7.85
N ILE A 98 13.25 1.58 8.53
CA ILE A 98 12.18 1.70 9.53
C ILE A 98 10.82 1.88 8.87
N ALA A 99 10.69 2.76 7.88
CA ALA A 99 9.44 3.03 7.19
C ALA A 99 8.93 1.78 6.46
N LYS A 100 9.86 0.97 5.92
CA LYS A 100 9.61 -0.38 5.38
C LYS A 100 8.91 -1.29 6.39
N MET A 101 9.50 -1.44 7.59
CA MET A 101 9.02 -2.35 8.62
C MET A 101 7.77 -1.81 9.32
N ARG A 102 7.67 -0.49 9.46
CA ARG A 102 6.52 0.22 10.01
C ARG A 102 5.31 -0.03 9.11
N ARG A 103 5.44 0.20 7.81
CA ARG A 103 4.33 -0.07 6.89
C ARG A 103 3.98 -1.56 6.77
N LEU A 104 4.94 -2.45 7.00
CA LEU A 104 4.70 -3.89 6.85
C LEU A 104 4.17 -4.59 8.09
N VAL A 105 4.53 -4.11 9.28
CA VAL A 105 4.05 -4.62 10.57
C VAL A 105 2.89 -3.78 11.08
N ARG A 106 3.11 -2.48 11.22
CA ARG A 106 2.19 -1.53 11.89
C ARG A 106 0.91 -1.35 11.07
N ILE A 107 1.07 -1.14 9.75
CA ILE A 107 -0.08 -0.98 8.85
C ILE A 107 -0.83 -2.31 8.67
N GLU A 108 -0.10 -3.38 8.37
CA GLU A 108 -0.70 -4.70 8.13
C GLU A 108 -1.49 -5.16 9.37
N GLN A 109 -0.93 -5.06 10.58
CA GLN A 109 -1.64 -5.44 11.80
C GLN A 109 -2.92 -4.59 12.04
N ARG A 110 -2.91 -3.29 11.69
CA ARG A 110 -4.08 -2.42 11.83
C ARG A 110 -5.24 -2.87 10.94
N GLN A 111 -4.99 -3.11 9.64
CA GLN A 111 -6.03 -3.65 8.74
C GLN A 111 -6.39 -5.11 9.03
N LYS A 112 -5.44 -5.92 9.53
CA LYS A 112 -5.72 -7.31 9.91
C LYS A 112 -6.66 -7.40 11.12
N ARG A 113 -6.56 -6.45 12.07
CA ARG A 113 -7.54 -6.30 13.17
C ARG A 113 -8.87 -5.72 12.70
N LEU A 114 -8.86 -4.82 11.70
CA LEU A 114 -10.08 -4.26 11.11
C LEU A 114 -10.96 -5.33 10.45
N GLU A 115 -10.33 -6.31 9.77
CA GLU A 115 -11.05 -7.42 9.13
C GLU A 115 -11.55 -8.50 10.10
N GLY A 116 -11.09 -8.46 11.35
CA GLY A 116 -11.37 -9.45 12.41
C GLY A 116 -12.76 -9.34 13.08
N ASN A 117 -13.77 -8.88 12.35
CA ASN A 117 -15.14 -8.64 12.84
C ASN A 117 -15.95 -9.96 12.97
N GLU A 118 -15.58 -10.79 13.94
CA GLU A 118 -16.21 -12.09 14.22
C GLU A 118 -17.40 -12.00 15.21
N PHE A 119 -17.40 -10.97 16.07
CA PHE A 119 -18.31 -10.84 17.22
C PHE A 119 -19.63 -10.10 16.92
N GLU A 120 -19.76 -9.49 15.74
CA GLU A 120 -20.91 -8.67 15.33
C GLU A 120 -21.13 -8.76 13.80
N ARG A 121 -22.30 -8.32 13.31
CA ARG A 121 -22.56 -8.15 11.86
C ARG A 121 -21.56 -7.19 11.21
N ASP A 122 -21.33 -7.34 9.91
CA ASP A 122 -20.40 -6.52 9.13
C ASP A 122 -21.10 -5.45 8.29
N SER A 123 -20.50 -4.27 8.20
CA SER A 123 -21.08 -3.06 7.60
C SER A 123 -20.29 -2.55 6.39
N GLU A 124 -21.00 -2.01 5.40
CA GLU A 124 -20.40 -1.33 4.23
C GLU A 124 -19.77 0.05 4.59
N PRO A 125 -20.43 0.97 5.30
CA PRO A 125 -19.82 2.21 5.77
C PRO A 125 -18.86 1.99 6.97
N PHE A 126 -17.93 2.93 7.15
CA PHE A 126 -16.96 2.98 8.26
C PHE A 126 -16.72 4.45 8.71
ZN ZN B . 2.68 -10.81 1.77
ZN ZN C . -6.81 1.45 -0.92
ZN ZN D . 3.72 -3.58 -10.83
N GLY A 1 6.35 -23.79 -6.94
CA GLY A 1 7.24 -24.80 -6.30
C GLY A 1 6.61 -25.39 -5.03
N PRO A 2 7.39 -26.13 -4.21
CA PRO A 2 6.94 -26.73 -2.97
C PRO A 2 6.67 -25.70 -1.86
N LEU A 3 5.95 -26.12 -0.81
CA LEU A 3 5.58 -25.31 0.36
C LEU A 3 5.74 -26.12 1.66
N GLY A 4 6.07 -25.43 2.76
CA GLY A 4 6.29 -26.01 4.09
C GLY A 4 6.39 -24.95 5.19
N SER A 5 6.94 -25.32 6.34
CA SER A 5 7.13 -24.41 7.49
C SER A 5 8.11 -23.27 7.18
N GLY A 6 7.80 -22.06 7.64
CA GLY A 6 8.58 -20.84 7.39
C GLY A 6 7.82 -19.55 7.76
N PRO A 7 8.40 -18.36 7.51
CA PRO A 7 7.77 -17.06 7.75
C PRO A 7 6.55 -16.85 6.84
N SER A 8 5.51 -16.20 7.35
CA SER A 8 4.23 -15.96 6.65
C SER A 8 3.65 -14.58 6.99
N CYS A 9 3.45 -13.74 5.97
CA CYS A 9 2.99 -12.36 6.08
C CYS A 9 1.49 -12.25 6.43
N ARG A 10 1.08 -11.36 7.35
CA ARG A 10 -0.28 -11.42 7.94
C ARG A 10 -1.46 -10.92 7.13
N PHE A 11 -1.26 -10.73 5.83
CA PHE A 11 -2.32 -10.43 4.86
C PHE A 11 -2.28 -11.31 3.59
N CYS A 12 -1.26 -12.16 3.42
CA CYS A 12 -1.13 -13.11 2.30
C CYS A 12 -0.55 -14.51 2.70
N LYS A 13 0.18 -14.58 3.82
CA LYS A 13 0.79 -15.77 4.46
C LYS A 13 1.59 -16.68 3.53
N ASP A 14 2.34 -16.08 2.60
CA ASP A 14 3.20 -16.81 1.64
C ASP A 14 4.67 -16.80 2.07
N ASP A 15 5.30 -15.62 2.12
CA ASP A 15 6.64 -15.38 2.69
C ASP A 15 6.89 -13.90 2.97
N GLU A 16 7.36 -13.56 4.17
CA GLU A 16 7.60 -12.16 4.58
C GLU A 16 8.76 -11.48 3.82
N ASN A 17 9.68 -12.25 3.22
CA ASN A 17 10.76 -11.69 2.40
C ASN A 17 10.39 -11.58 0.91
N LYS A 18 9.24 -12.16 0.48
CA LYS A 18 8.81 -12.21 -0.92
C LYS A 18 7.82 -11.08 -1.25
N PRO A 19 7.86 -10.47 -2.46
CA PRO A 19 6.83 -9.55 -2.93
C PRO A 19 5.48 -10.25 -3.14
N CYS A 20 4.40 -9.51 -2.86
CA CYS A 20 3.01 -9.93 -3.06
C CYS A 20 2.20 -8.77 -3.70
N ARG A 21 0.88 -8.96 -3.82
CA ARG A 21 -0.09 -7.90 -4.18
C ARG A 21 -0.40 -6.91 -3.03
N LYS A 22 -0.10 -7.27 -1.78
CA LYS A 22 -0.21 -6.39 -0.60
C LYS A 22 1.16 -5.90 -0.15
N CYS A 23 2.16 -6.78 -0.21
CA CYS A 23 3.52 -6.51 0.24
C CYS A 23 4.32 -5.69 -0.79
N ALA A 24 4.03 -5.86 -2.08
CA ALA A 24 4.56 -5.10 -3.21
C ALA A 24 3.41 -4.73 -4.18
N CYS A 25 3.64 -4.70 -5.50
CA CYS A 25 2.69 -4.17 -6.48
C CYS A 25 1.33 -4.89 -6.46
N HIS A 26 0.23 -4.19 -6.21
CA HIS A 26 -1.10 -4.80 -6.26
C HIS A 26 -1.54 -5.23 -7.67
N VAL A 27 -0.85 -4.76 -8.71
CA VAL A 27 -1.17 -5.11 -10.09
C VAL A 27 -0.45 -6.39 -10.53
N CYS A 28 0.88 -6.36 -10.46
CA CYS A 28 1.73 -7.41 -11.06
C CYS A 28 2.22 -8.39 -9.98
N GLY A 29 1.98 -8.00 -8.74
CA GLY A 29 2.19 -8.83 -7.55
C GLY A 29 3.68 -9.06 -7.25
N GLY A 30 4.52 -8.09 -7.59
CA GLY A 30 5.97 -8.16 -7.62
C GLY A 30 6.62 -6.82 -7.29
N ARG A 31 7.94 -6.82 -7.20
CA ARG A 31 8.81 -5.64 -7.04
C ARG A 31 9.99 -5.69 -8.02
N GLU A 32 10.47 -4.51 -8.41
CA GLU A 32 11.65 -4.34 -9.27
C GLU A 32 12.30 -2.97 -8.99
N ALA A 33 11.48 -1.92 -9.03
CA ALA A 33 11.83 -0.57 -8.60
C ALA A 33 11.24 -0.24 -7.22
N PRO A 34 12.06 -0.16 -6.14
CA PRO A 34 11.65 0.35 -4.83
C PRO A 34 11.60 1.90 -4.78
N GLU A 35 11.57 2.54 -5.94
CA GLU A 35 11.64 4.00 -6.13
C GLU A 35 10.63 4.46 -7.20
N LYS A 36 9.55 3.69 -7.43
CA LYS A 36 8.53 3.94 -8.45
C LYS A 36 7.17 3.32 -8.13
N GLN A 37 6.78 3.25 -6.85
CA GLN A 37 5.51 2.68 -6.41
C GLN A 37 4.84 3.68 -5.47
N LEU A 38 3.53 3.80 -5.65
CA LEU A 38 2.65 4.63 -4.82
C LEU A 38 2.11 3.82 -3.65
N LEU A 39 1.94 4.45 -2.49
CA LEU A 39 1.22 3.87 -1.37
C LEU A 39 -0.18 4.48 -1.27
N CYS A 40 -1.22 3.66 -1.14
CA CYS A 40 -2.54 4.18 -0.79
C CYS A 40 -2.48 4.85 0.63
N ASP A 41 -3.51 5.64 0.94
CA ASP A 41 -3.66 6.36 2.22
C ASP A 41 -4.73 5.74 3.14
N GLU A 42 -5.53 4.79 2.63
CA GLU A 42 -6.47 4.00 3.45
C GLU A 42 -5.96 2.56 3.69
N CYS A 43 -5.37 1.93 2.66
CA CYS A 43 -4.87 0.56 2.74
C CYS A 43 -3.32 0.44 2.70
N ASP A 44 -2.60 1.49 2.30
CA ASP A 44 -1.12 1.61 2.29
C ASP A 44 -0.40 0.48 1.52
N MET A 45 -0.96 0.14 0.35
CA MET A 45 -0.41 -0.92 -0.51
C MET A 45 0.42 -0.32 -1.65
N ALA A 46 1.43 -1.03 -2.16
CA ALA A 46 2.28 -0.53 -3.24
C ALA A 46 1.66 -0.69 -4.63
N PHE A 47 1.92 0.26 -5.52
CA PHE A 47 1.38 0.30 -6.88
C PHE A 47 2.37 0.98 -7.81
N HIS A 48 3.04 0.22 -8.67
CA HIS A 48 4.00 0.77 -9.64
C HIS A 48 3.41 1.92 -10.46
N LEU A 49 4.16 3.01 -10.66
CA LEU A 49 3.69 4.12 -11.50
C LEU A 49 3.35 3.70 -12.94
N TYR A 50 3.90 2.58 -13.40
CA TYR A 50 3.74 2.03 -14.74
C TYR A 50 2.75 0.85 -14.81
N CYS A 51 2.24 0.39 -13.66
CA CYS A 51 1.20 -0.62 -13.57
C CYS A 51 -0.18 0.02 -13.24
N LEU A 52 -0.18 0.97 -12.31
CA LEU A 52 -1.37 1.58 -11.72
C LEU A 52 -2.07 2.59 -12.65
N LYS A 53 -1.33 3.26 -13.54
CA LYS A 53 -1.81 4.29 -14.48
C LYS A 53 -1.06 4.19 -15.84
N PRO A 54 -1.74 4.30 -17.00
CA PRO A 54 -1.07 4.34 -18.31
C PRO A 54 -0.25 5.61 -18.66
N PRO A 55 -0.66 6.85 -18.29
CA PRO A 55 -0.03 8.08 -18.80
C PRO A 55 1.37 8.40 -18.24
N LEU A 56 1.43 9.09 -17.11
CA LEU A 56 2.66 9.49 -16.41
C LEU A 56 3.41 8.31 -15.76
N THR A 57 4.68 8.54 -15.42
CA THR A 57 5.60 7.58 -14.76
C THR A 57 6.09 8.09 -13.39
N SER A 58 5.50 9.17 -12.89
CA SER A 58 5.90 9.90 -11.68
C SER A 58 4.71 10.13 -10.73
N VAL A 59 4.98 10.25 -9.43
CA VAL A 59 3.97 10.50 -8.38
C VAL A 59 3.35 11.91 -8.51
N PRO A 60 2.01 12.04 -8.45
CA PRO A 60 1.34 13.34 -8.54
C PRO A 60 1.62 14.25 -7.32
N PRO A 61 1.84 15.56 -7.52
CA PRO A 61 2.05 16.51 -6.42
C PRO A 61 0.70 16.93 -5.80
N GLU A 62 0.28 16.19 -4.77
CA GLU A 62 -0.97 16.39 -4.03
C GLU A 62 -0.82 15.96 -2.55
N PRO A 63 -1.75 16.32 -1.64
CA PRO A 63 -1.63 15.99 -0.22
C PRO A 63 -2.06 14.56 0.16
N GLU A 64 -3.02 13.96 -0.54
CA GLU A 64 -3.62 12.65 -0.21
C GLU A 64 -3.97 11.85 -1.48
N TRP A 65 -3.78 10.52 -1.44
CA TRP A 65 -3.98 9.61 -2.58
C TRP A 65 -4.43 8.23 -2.09
N TYR A 66 -5.47 7.66 -2.71
CA TYR A 66 -5.90 6.29 -2.52
C TYR A 66 -5.89 5.55 -3.86
N CYS A 67 -5.51 4.27 -3.86
CA CYS A 67 -5.55 3.41 -5.03
C CYS A 67 -6.84 3.47 -5.87
N PRO A 68 -6.80 3.07 -7.15
CA PRO A 68 -8.02 2.95 -7.96
C PRO A 68 -9.14 2.13 -7.32
N SER A 69 -8.84 1.13 -6.48
CA SER A 69 -9.86 0.32 -5.78
C SER A 69 -10.56 1.07 -4.64
N CYS A 70 -9.83 1.73 -3.73
CA CYS A 70 -10.40 2.64 -2.74
C CYS A 70 -11.03 3.87 -3.41
N ARG A 71 -10.39 4.39 -4.48
CA ARG A 71 -10.83 5.62 -5.16
C ARG A 71 -12.15 5.44 -5.91
N THR A 72 -12.41 4.28 -6.52
CA THR A 72 -13.66 3.99 -7.25
C THR A 72 -14.80 3.57 -6.31
N ASP A 73 -14.45 3.14 -5.09
CA ASP A 73 -15.41 2.91 -3.99
C ASP A 73 -15.89 4.23 -3.32
N SER A 74 -15.56 5.38 -3.92
CA SER A 74 -15.99 6.74 -3.51
C SER A 74 -15.58 7.17 -2.10
N ARG A 75 -14.59 6.50 -1.51
CA ARG A 75 -14.09 6.73 -0.13
C ARG A 75 -13.46 8.10 0.12
N ARG A 76 -13.10 8.82 -0.94
CA ARG A 76 -12.70 10.24 -0.96
C ARG A 76 -13.91 11.15 -0.69
N GLU A 77 -14.57 10.97 0.45
CA GLU A 77 -15.75 11.76 0.89
C GLU A 77 -15.39 13.12 1.49
N VAL A 78 -14.10 13.33 1.75
CA VAL A 78 -13.57 14.46 2.52
C VAL A 78 -12.07 14.68 2.25
N GLN A 79 -11.55 15.88 2.53
CA GLN A 79 -10.14 16.25 2.46
C GLN A 79 -9.62 16.69 3.84
N SER A 80 -8.30 16.60 4.07
CA SER A 80 -7.67 17.20 5.25
C SER A 80 -7.50 18.71 5.07
N ALA A 81 -7.75 19.48 6.14
CA ALA A 81 -7.84 20.94 6.08
C ALA A 81 -6.47 21.65 6.06
N PHE A 82 -5.38 20.95 6.37
CA PHE A 82 -4.00 21.46 6.40
C PHE A 82 -3.14 20.70 5.36
N PRO A 83 -2.54 21.36 4.35
CA PRO A 83 -1.85 20.69 3.25
C PRO A 83 -0.69 19.77 3.68
N LYS A 84 -0.66 18.55 3.11
CA LYS A 84 0.41 17.55 3.28
C LYS A 84 1.49 17.60 2.18
N ARG A 85 1.26 18.38 1.11
CA ARG A 85 2.11 18.67 -0.07
C ARG A 85 2.53 17.49 -0.97
N ARG A 86 2.83 16.32 -0.41
CA ARG A 86 3.22 15.10 -1.13
C ARG A 86 2.65 13.83 -0.49
N VAL A 87 2.17 12.92 -1.34
CA VAL A 87 1.62 11.59 -0.99
C VAL A 87 2.67 10.54 -0.64
N ARG A 88 2.22 9.43 -0.03
CA ARG A 88 3.06 8.31 0.39
C ARG A 88 3.50 7.44 -0.80
N THR A 89 4.75 6.98 -0.78
CA THR A 89 5.44 6.32 -1.90
C THR A 89 6.59 5.44 -1.42
N LEU A 90 7.05 4.47 -2.21
CA LEU A 90 8.18 3.59 -1.85
C LEU A 90 9.54 4.29 -1.94
N LEU A 91 9.69 5.18 -2.91
CA LEU A 91 10.82 6.13 -3.01
C LEU A 91 11.03 6.91 -1.70
N SER A 92 9.98 7.07 -0.88
CA SER A 92 10.06 7.56 0.50
C SER A 92 10.15 6.45 1.56
N VAL A 93 9.24 5.46 1.54
CA VAL A 93 9.14 4.39 2.54
C VAL A 93 10.21 3.31 2.36
N LEU A 94 10.30 2.74 1.17
CA LEU A 94 11.19 1.62 0.87
C LEU A 94 12.66 2.06 0.86
N LYS A 95 12.90 3.37 0.64
CA LYS A 95 14.21 3.99 0.78
C LYS A 95 14.62 4.19 2.25
N ASP A 96 13.81 3.73 3.21
CA ASP A 96 14.20 3.65 4.63
C ASP A 96 13.87 2.28 5.24
N PRO A 97 14.82 1.57 5.87
CA PRO A 97 14.54 0.24 6.40
C PRO A 97 13.47 0.21 7.50
N ILE A 98 13.27 1.32 8.21
CA ILE A 98 12.23 1.43 9.23
C ILE A 98 10.86 1.67 8.61
N ALA A 99 10.73 2.57 7.65
CA ALA A 99 9.48 2.87 6.96
C ALA A 99 9.00 1.65 6.16
N LYS A 100 9.92 0.85 5.61
CA LYS A 100 9.67 -0.48 5.02
C LYS A 100 8.97 -1.42 6.00
N MET A 101 9.59 -1.67 7.15
CA MET A 101 9.11 -2.63 8.15
C MET A 101 7.88 -2.10 8.87
N ARG A 102 7.77 -0.78 9.03
CA ARG A 102 6.63 -0.11 9.63
C ARG A 102 5.42 -0.27 8.72
N ARG A 103 5.52 0.06 7.43
CA ARG A 103 4.40 -0.18 6.50
C ARG A 103 4.02 -1.66 6.38
N LEU A 104 4.96 -2.58 6.59
CA LEU A 104 4.69 -4.01 6.42
C LEU A 104 4.17 -4.70 7.68
N VAL A 105 4.60 -4.28 8.86
CA VAL A 105 4.13 -4.81 10.15
C VAL A 105 3.05 -3.92 10.74
N ARG A 106 3.33 -2.64 10.91
CA ARG A 106 2.47 -1.65 11.58
C ARG A 106 1.16 -1.46 10.83
N ILE A 107 1.24 -1.28 9.50
CA ILE A 107 0.04 -1.07 8.67
C ILE A 107 -0.76 -2.35 8.52
N GLU A 108 -0.10 -3.45 8.17
CA GLU A 108 -0.72 -4.77 8.00
C GLU A 108 -1.49 -5.20 9.27
N GLN A 109 -0.87 -5.06 10.44
CA GLN A 109 -1.55 -5.33 11.72
C GLN A 109 -2.65 -4.31 12.02
N ARG A 110 -2.48 -3.02 11.69
CA ARG A 110 -3.53 -2.00 11.89
C ARG A 110 -4.78 -2.33 11.08
N GLN A 111 -4.66 -2.68 9.80
CA GLN A 111 -5.83 -2.98 8.97
C GLN A 111 -6.50 -4.31 9.30
N LYS A 112 -5.74 -5.36 9.67
CA LYS A 112 -6.36 -6.62 10.09
C LYS A 112 -7.13 -6.48 11.40
N ARG A 113 -6.67 -5.59 12.29
CA ARG A 113 -7.37 -5.27 13.54
C ARG A 113 -8.58 -4.39 13.29
N LEU A 114 -8.49 -3.44 12.37
CA LEU A 114 -9.60 -2.56 11.97
C LEU A 114 -10.79 -3.38 11.45
N GLU A 115 -10.52 -4.40 10.63
CA GLU A 115 -11.57 -5.25 10.04
C GLU A 115 -12.13 -6.32 11.00
N GLY A 116 -11.52 -6.46 12.19
CA GLY A 116 -11.89 -7.43 13.22
C GLY A 116 -11.34 -8.85 13.00
N ASN A 117 -10.33 -9.02 12.14
CA ASN A 117 -9.65 -10.28 11.89
C ASN A 117 -8.65 -10.67 13.02
N GLU A 118 -8.29 -9.72 13.90
CA GLU A 118 -7.56 -9.95 15.14
C GLU A 118 -8.21 -9.20 16.32
N PHE A 119 -8.13 -9.78 17.52
CA PHE A 119 -8.85 -9.32 18.73
C PHE A 119 -8.22 -8.10 19.44
N GLU A 120 -6.95 -7.79 19.17
CA GLU A 120 -6.30 -6.54 19.61
C GLU A 120 -6.93 -5.33 18.90
N ARG A 121 -7.06 -4.18 19.58
CA ARG A 121 -7.73 -2.97 19.03
C ARG A 121 -6.74 -1.91 18.56
N ASP A 122 -5.55 -1.85 19.15
CA ASP A 122 -4.38 -1.06 18.68
C ASP A 122 -4.64 0.46 18.47
N SER A 123 -5.53 1.04 19.28
CA SER A 123 -5.95 2.45 19.23
C SER A 123 -5.67 3.19 20.54
N GLU A 124 -5.27 4.45 20.46
CA GLU A 124 -4.97 5.34 21.61
C GLU A 124 -5.49 6.77 21.37
N PRO A 125 -5.88 7.52 22.43
CA PRO A 125 -6.33 8.91 22.32
C PRO A 125 -5.16 9.89 22.05
N PHE A 126 -5.50 11.07 21.54
CA PHE A 126 -4.57 12.20 21.29
C PHE A 126 -4.38 13.10 22.54
ZN ZN B . 2.58 -10.84 1.55
ZN ZN C . -6.42 1.56 -1.11
ZN ZN D . 3.69 -3.76 -10.93
N GLY A 1 -7.06 -22.05 1.55
CA GLY A 1 -6.07 -20.98 1.78
C GLY A 1 -4.63 -21.49 1.62
N PRO A 2 -3.65 -20.59 1.44
CA PRO A 2 -2.24 -20.93 1.27
C PRO A 2 -1.60 -21.49 2.56
N LEU A 3 -0.54 -22.28 2.40
CA LEU A 3 0.24 -22.92 3.48
C LEU A 3 1.75 -22.79 3.21
N GLY A 4 2.54 -22.82 4.29
CA GLY A 4 4.01 -22.81 4.23
C GLY A 4 4.68 -22.82 5.62
N SER A 5 5.92 -23.31 5.68
CA SER A 5 6.74 -23.41 6.90
C SER A 5 7.71 -22.23 7.12
N GLY A 6 7.90 -21.39 6.09
CA GLY A 6 8.71 -20.16 6.16
C GLY A 6 8.03 -19.00 6.91
N PRO A 7 8.72 -17.84 7.05
CA PRO A 7 8.18 -16.65 7.69
C PRO A 7 6.98 -16.10 6.91
N SER A 8 5.83 -15.93 7.58
CA SER A 8 4.52 -15.63 6.97
C SER A 8 4.03 -14.20 7.27
N CYS A 9 3.88 -13.39 6.21
CA CYS A 9 3.24 -12.08 6.24
C CYS A 9 1.74 -12.25 6.56
N ARG A 10 1.14 -11.42 7.41
CA ARG A 10 -0.20 -11.70 7.97
C ARG A 10 -1.40 -11.49 7.06
N PHE A 11 -1.19 -10.88 5.90
CA PHE A 11 -2.27 -10.64 4.93
C PHE A 11 -2.15 -11.50 3.64
N CYS A 12 -1.10 -12.33 3.54
CA CYS A 12 -0.88 -13.28 2.43
C CYS A 12 -0.46 -14.70 2.92
N LYS A 13 0.39 -14.76 3.96
CA LYS A 13 1.07 -15.95 4.51
C LYS A 13 1.78 -16.83 3.47
N ASP A 14 2.44 -16.19 2.50
CA ASP A 14 3.25 -16.90 1.49
C ASP A 14 4.74 -16.90 1.89
N ASP A 15 5.42 -15.74 1.85
CA ASP A 15 6.77 -15.54 2.40
C ASP A 15 7.08 -14.04 2.61
N GLU A 16 7.54 -13.67 3.80
CA GLU A 16 7.88 -12.27 4.13
C GLU A 16 9.03 -11.69 3.30
N ASN A 17 9.94 -12.52 2.78
CA ASN A 17 11.04 -12.05 1.92
C ASN A 17 10.63 -11.95 0.43
N LYS A 18 9.45 -12.45 0.04
CA LYS A 18 8.93 -12.38 -1.35
C LYS A 18 7.95 -11.22 -1.56
N PRO A 19 7.87 -10.65 -2.78
CA PRO A 19 6.82 -9.70 -3.16
C PRO A 19 5.44 -10.38 -3.27
N CYS A 20 4.39 -9.61 -2.97
CA CYS A 20 2.98 -9.98 -3.05
C CYS A 20 2.14 -8.81 -3.62
N ARG A 21 0.81 -8.97 -3.70
CA ARG A 21 -0.12 -7.85 -3.99
C ARG A 21 -0.17 -6.80 -2.88
N LYS A 22 -0.03 -7.20 -1.61
CA LYS A 22 -0.06 -6.28 -0.46
C LYS A 22 1.34 -5.82 -0.07
N CYS A 23 2.30 -6.74 -0.14
CA CYS A 23 3.69 -6.48 0.26
C CYS A 23 4.45 -5.66 -0.81
N ALA A 24 4.14 -5.89 -2.09
CA ALA A 24 4.63 -5.15 -3.24
C ALA A 24 3.44 -4.75 -4.15
N CYS A 25 3.60 -4.76 -5.48
CA CYS A 25 2.62 -4.21 -6.42
C CYS A 25 1.23 -4.88 -6.33
N HIS A 26 0.17 -4.13 -6.04
CA HIS A 26 -1.20 -4.67 -5.99
C HIS A 26 -1.78 -5.01 -7.37
N VAL A 27 -1.07 -4.68 -8.45
CA VAL A 27 -1.41 -5.07 -9.81
C VAL A 27 -0.75 -6.38 -10.22
N CYS A 28 0.59 -6.37 -10.27
CA CYS A 28 1.37 -7.45 -10.89
C CYS A 28 1.90 -8.44 -9.85
N GLY A 29 1.75 -8.02 -8.60
CA GLY A 29 2.05 -8.83 -7.41
C GLY A 29 3.55 -9.06 -7.20
N GLY A 30 4.36 -8.10 -7.66
CA GLY A 30 5.82 -8.20 -7.78
C GLY A 30 6.49 -6.87 -7.44
N ARG A 31 7.82 -6.88 -7.41
CA ARG A 31 8.68 -5.71 -7.23
C ARG A 31 9.82 -5.69 -8.26
N GLU A 32 10.24 -4.49 -8.65
CA GLU A 32 11.30 -4.24 -9.62
C GLU A 32 11.96 -2.89 -9.34
N ALA A 33 11.15 -1.83 -9.33
CA ALA A 33 11.54 -0.47 -8.91
C ALA A 33 11.05 -0.16 -7.48
N PRO A 34 11.93 -0.13 -6.46
CA PRO A 34 11.60 0.34 -5.11
C PRO A 34 11.52 1.88 -5.01
N GLU A 35 11.62 2.59 -6.14
CA GLU A 35 11.59 4.05 -6.27
C GLU A 35 10.57 4.50 -7.32
N LYS A 36 9.58 3.65 -7.66
CA LYS A 36 8.42 3.98 -8.52
C LYS A 36 7.17 3.19 -8.12
N GLN A 37 6.78 3.16 -6.84
CA GLN A 37 5.52 2.60 -6.39
C GLN A 37 4.87 3.62 -5.46
N LEU A 38 3.58 3.79 -5.65
CA LEU A 38 2.72 4.65 -4.81
C LEU A 38 2.17 3.85 -3.64
N LEU A 39 1.97 4.47 -2.48
CA LEU A 39 1.25 3.85 -1.38
C LEU A 39 -0.15 4.46 -1.27
N CYS A 40 -1.19 3.64 -1.09
CA CYS A 40 -2.51 4.18 -0.73
C CYS A 40 -2.47 4.88 0.68
N ASP A 41 -3.44 5.73 0.98
CA ASP A 41 -3.65 6.38 2.29
C ASP A 41 -4.74 5.69 3.15
N GLU A 42 -5.50 4.75 2.58
CA GLU A 42 -6.41 3.87 3.33
C GLU A 42 -5.88 2.42 3.37
N CYS A 43 -5.34 1.90 2.26
CA CYS A 43 -4.81 0.53 2.22
C CYS A 43 -3.30 0.48 2.56
N ASP A 44 -2.56 1.55 2.21
CA ASP A 44 -1.09 1.64 2.24
C ASP A 44 -0.39 0.51 1.47
N MET A 45 -0.95 0.18 0.31
CA MET A 45 -0.44 -0.90 -0.57
C MET A 45 0.42 -0.30 -1.67
N ALA A 46 1.45 -1.02 -2.15
CA ALA A 46 2.31 -0.52 -3.23
C ALA A 46 1.64 -0.66 -4.61
N PHE A 47 1.88 0.31 -5.49
CA PHE A 47 1.30 0.34 -6.84
C PHE A 47 2.32 0.98 -7.78
N HIS A 48 2.94 0.19 -8.64
CA HIS A 48 3.90 0.71 -9.64
C HIS A 48 3.33 1.86 -10.45
N LEU A 49 4.11 2.93 -10.64
CA LEU A 49 3.68 4.07 -11.48
C LEU A 49 3.28 3.68 -12.91
N TYR A 50 3.72 2.51 -13.37
CA TYR A 50 3.50 1.96 -14.72
C TYR A 50 2.51 0.78 -14.75
N CYS A 51 2.04 0.33 -13.59
CA CYS A 51 0.97 -0.67 -13.48
C CYS A 51 -0.38 -0.01 -13.12
N LEU A 52 -0.33 0.95 -12.18
CA LEU A 52 -1.48 1.67 -11.63
C LEU A 52 -2.08 2.70 -12.61
N LYS A 53 -1.26 3.27 -13.52
CA LYS A 53 -1.66 4.26 -14.54
C LYS A 53 -0.84 4.06 -15.84
N PRO A 54 -1.44 4.17 -17.04
CA PRO A 54 -0.70 4.16 -18.32
C PRO A 54 0.13 5.41 -18.68
N PRO A 55 -0.28 6.66 -18.39
CA PRO A 55 0.37 7.88 -18.92
C PRO A 55 1.76 8.20 -18.34
N LEU A 56 1.78 8.92 -17.22
CA LEU A 56 3.00 9.35 -16.50
C LEU A 56 3.74 8.20 -15.80
N THR A 57 5.00 8.45 -15.43
CA THR A 57 5.94 7.50 -14.80
C THR A 57 6.40 7.98 -13.41
N SER A 58 5.82 9.09 -12.92
CA SER A 58 6.14 9.77 -11.67
C SER A 58 4.89 10.04 -10.81
N VAL A 59 5.08 10.19 -9.50
CA VAL A 59 4.00 10.44 -8.51
C VAL A 59 3.34 11.81 -8.73
N PRO A 60 1.99 11.89 -8.77
CA PRO A 60 1.28 13.13 -9.08
C PRO A 60 1.37 14.19 -7.96
N PRO A 61 1.29 15.49 -8.30
CA PRO A 61 1.20 16.57 -7.32
C PRO A 61 -0.16 16.55 -6.62
N GLU A 62 -0.18 16.10 -5.36
CA GLU A 62 -1.40 15.78 -4.60
C GLU A 62 -1.06 15.86 -3.09
N PRO A 63 -2.00 16.24 -2.18
CA PRO A 63 -1.69 16.30 -0.76
C PRO A 63 -1.67 14.91 -0.08
N GLU A 64 -2.59 14.03 -0.45
CA GLU A 64 -2.70 12.63 -0.02
C GLU A 64 -3.35 11.80 -1.13
N TRP A 65 -2.96 10.52 -1.27
CA TRP A 65 -3.33 9.70 -2.41
C TRP A 65 -3.84 8.34 -1.97
N TYR A 66 -4.98 7.92 -2.54
CA TYR A 66 -5.55 6.58 -2.39
C TYR A 66 -5.63 5.88 -3.74
N CYS A 67 -5.44 4.56 -3.81
CA CYS A 67 -5.60 3.77 -5.02
C CYS A 67 -6.82 4.12 -5.91
N PRO A 68 -6.79 3.84 -7.23
CA PRO A 68 -7.93 4.10 -8.11
C PRO A 68 -9.26 3.49 -7.65
N SER A 69 -9.23 2.37 -6.92
CA SER A 69 -10.43 1.76 -6.32
C SER A 69 -10.99 2.59 -5.15
N CYS A 70 -10.16 2.95 -4.16
CA CYS A 70 -10.55 3.90 -3.10
C CYS A 70 -10.96 5.26 -3.70
N ARG A 71 -10.17 5.75 -4.67
CA ARG A 71 -10.34 7.08 -5.28
C ARG A 71 -11.71 7.22 -5.94
N THR A 72 -12.19 6.18 -6.61
CA THR A 72 -13.42 6.24 -7.44
C THR A 72 -14.66 5.68 -6.72
N ASP A 73 -14.49 4.79 -5.73
CA ASP A 73 -15.61 4.15 -5.01
C ASP A 73 -15.78 4.58 -3.54
N SER A 74 -14.69 4.95 -2.83
CA SER A 74 -14.71 5.24 -1.39
C SER A 74 -14.58 6.72 -1.01
N ARG A 75 -14.20 7.59 -1.96
CA ARG A 75 -14.21 9.04 -1.84
C ARG A 75 -15.50 9.65 -2.44
N ARG A 76 -15.82 10.88 -2.03
CA ARG A 76 -16.87 11.74 -2.62
C ARG A 76 -16.32 12.87 -3.51
N GLU A 77 -15.07 12.73 -3.93
CA GLU A 77 -14.25 13.75 -4.60
C GLU A 77 -13.19 13.10 -5.51
N VAL A 78 -12.80 13.78 -6.58
CA VAL A 78 -11.68 13.42 -7.49
C VAL A 78 -10.32 13.91 -6.93
N GLN A 79 -9.22 13.58 -7.59
CA GLN A 79 -7.88 14.13 -7.28
C GLN A 79 -7.85 15.68 -7.39
N SER A 80 -7.09 16.35 -6.52
CA SER A 80 -6.93 17.81 -6.54
C SER A 80 -5.92 18.29 -7.58
N ALA A 81 -4.93 17.45 -7.93
CA ALA A 81 -3.84 17.78 -8.83
C ALA A 81 -3.01 19.01 -8.39
N PHE A 82 -3.08 19.38 -7.09
CA PHE A 82 -2.37 20.51 -6.49
C PHE A 82 -1.57 20.07 -5.24
N PRO A 83 -0.26 20.38 -5.12
CA PRO A 83 0.61 19.83 -4.08
C PRO A 83 0.58 20.63 -2.77
N LYS A 84 -0.60 20.71 -2.11
CA LYS A 84 -0.80 21.43 -0.84
C LYS A 84 -0.09 20.76 0.36
N ARG A 85 0.14 19.45 0.25
CA ARG A 85 0.94 18.58 1.13
C ARG A 85 1.70 17.57 0.23
N ARG A 86 2.16 16.43 0.75
CA ARG A 86 2.78 15.38 -0.08
C ARG A 86 2.34 13.97 0.34
N VAL A 87 2.08 13.13 -0.67
CA VAL A 87 1.59 11.75 -0.56
C VAL A 87 2.63 10.76 -0.01
N ARG A 88 2.22 9.49 0.17
CA ARG A 88 3.09 8.35 0.52
C ARG A 88 3.47 7.48 -0.69
N THR A 89 4.71 6.97 -0.68
CA THR A 89 5.37 6.28 -1.81
C THR A 89 6.51 5.39 -1.32
N LEU A 90 6.98 4.41 -2.12
CA LEU A 90 8.11 3.54 -1.74
C LEU A 90 9.47 4.24 -1.80
N LEU A 91 9.66 5.12 -2.77
CA LEU A 91 10.80 6.04 -2.86
C LEU A 91 11.03 6.82 -1.54
N SER A 92 9.97 7.03 -0.74
CA SER A 92 10.05 7.52 0.63
C SER A 92 10.08 6.41 1.70
N VAL A 93 9.16 5.43 1.66
CA VAL A 93 9.03 4.38 2.67
C VAL A 93 10.11 3.30 2.55
N LEU A 94 10.24 2.70 1.37
CA LEU A 94 11.15 1.60 1.09
C LEU A 94 12.61 2.05 1.27
N LYS A 95 12.86 3.35 1.06
CA LYS A 95 14.16 4.00 1.28
C LYS A 95 14.51 4.17 2.76
N ASP A 96 13.60 3.83 3.69
CA ASP A 96 13.87 3.86 5.14
C ASP A 96 13.53 2.51 5.81
N PRO A 97 14.45 1.88 6.55
CA PRO A 97 14.19 0.57 7.14
C PRO A 97 13.06 0.58 8.17
N ILE A 98 12.78 1.71 8.82
CA ILE A 98 11.65 1.83 9.77
C ILE A 98 10.33 1.95 9.02
N ALA A 99 10.24 2.82 8.01
CA ALA A 99 9.04 3.02 7.22
C ALA A 99 8.63 1.74 6.48
N LYS A 100 9.61 0.97 6.00
CA LYS A 100 9.45 -0.38 5.42
C LYS A 100 8.74 -1.35 6.38
N MET A 101 9.28 -1.48 7.59
CA MET A 101 8.77 -2.42 8.58
C MET A 101 7.48 -1.91 9.22
N ARG A 102 7.32 -0.59 9.34
CA ARG A 102 6.12 0.05 9.86
C ARG A 102 4.97 -0.19 8.88
N ARG A 103 5.14 0.10 7.59
CA ARG A 103 4.06 -0.17 6.62
C ARG A 103 3.72 -1.67 6.51
N LEU A 104 4.67 -2.56 6.79
CA LEU A 104 4.44 -4.00 6.65
C LEU A 104 3.91 -4.70 7.90
N VAL A 105 4.26 -4.22 9.09
CA VAL A 105 3.77 -4.76 10.36
C VAL A 105 2.61 -3.91 10.87
N ARG A 106 2.83 -2.60 11.04
CA ARG A 106 1.88 -1.65 11.66
C ARG A 106 0.62 -1.50 10.83
N ILE A 107 0.78 -1.30 9.51
CA ILE A 107 -0.37 -1.13 8.60
C ILE A 107 -1.13 -2.43 8.43
N GLU A 108 -0.40 -3.51 8.14
CA GLU A 108 -0.97 -4.84 7.93
C GLU A 108 -1.79 -5.32 9.15
N GLN A 109 -1.25 -5.19 10.37
CA GLN A 109 -1.99 -5.56 11.60
C GLN A 109 -3.21 -4.67 11.82
N ARG A 110 -3.14 -3.36 11.51
CA ARG A 110 -4.27 -2.42 11.59
C ARG A 110 -5.38 -2.82 10.63
N GLN A 111 -5.09 -3.07 9.35
CA GLN A 111 -6.14 -3.49 8.40
C GLN A 111 -6.67 -4.88 8.68
N LYS A 112 -5.84 -5.84 9.11
CA LYS A 112 -6.31 -7.19 9.48
C LYS A 112 -7.29 -7.16 10.67
N ARG A 113 -7.12 -6.21 11.59
CA ARG A 113 -8.09 -5.91 12.67
C ARG A 113 -9.33 -5.19 12.16
N LEU A 114 -9.18 -4.26 11.22
CA LEU A 114 -10.29 -3.54 10.56
C LEU A 114 -11.20 -4.49 9.75
N GLU A 115 -10.62 -5.53 9.15
CA GLU A 115 -11.31 -6.64 8.46
C GLU A 115 -12.19 -7.50 9.41
N GLY A 116 -12.08 -7.29 10.74
CA GLY A 116 -12.78 -8.06 11.77
C GLY A 116 -12.08 -9.37 12.18
N ASN A 117 -10.91 -9.66 11.61
CA ASN A 117 -10.09 -10.82 11.99
C ASN A 117 -9.29 -10.53 13.27
N GLU A 118 -8.87 -11.58 13.97
CA GLU A 118 -8.06 -11.49 15.20
C GLU A 118 -6.58 -11.20 14.88
N PHE A 119 -5.82 -10.75 15.89
CA PHE A 119 -4.36 -10.65 15.85
C PHE A 119 -3.74 -11.60 16.88
N GLU A 120 -2.86 -12.48 16.42
CA GLU A 120 -2.23 -13.54 17.22
C GLU A 120 -1.18 -13.01 18.22
N ARG A 121 -1.16 -13.60 19.42
CA ARG A 121 -0.24 -13.26 20.53
C ARG A 121 0.67 -14.42 20.97
N ASP A 122 0.60 -15.56 20.28
CA ASP A 122 1.51 -16.70 20.47
C ASP A 122 2.88 -16.48 19.80
N SER A 123 2.97 -15.54 18.85
CA SER A 123 4.18 -15.17 18.10
C SER A 123 4.46 -13.67 18.13
N GLU A 124 5.74 -13.29 18.00
CA GLU A 124 6.24 -11.90 18.04
C GLU A 124 7.29 -11.67 16.92
N PRO A 125 7.46 -10.43 16.43
CA PRO A 125 8.50 -10.08 15.45
C PRO A 125 9.91 -10.22 16.02
N PHE A 126 10.89 -10.51 15.14
CA PHE A 126 12.31 -10.71 15.47
C PHE A 126 13.10 -9.38 15.49
ZN ZN B . 2.88 -10.83 1.62
ZN ZN C . -6.89 2.01 -1.23
ZN ZN D . 3.46 -3.85 -10.89
N GLY A 1 1.91 -21.30 0.42
CA GLY A 1 2.85 -21.16 1.55
C GLY A 1 3.14 -22.50 2.22
N PRO A 2 3.97 -22.52 3.29
CA PRO A 2 4.40 -23.74 3.98
C PRO A 2 3.33 -24.38 4.88
N LEU A 3 2.25 -23.66 5.21
CA LEU A 3 1.16 -24.09 6.11
C LEU A 3 1.67 -24.57 7.49
N GLY A 4 2.70 -23.88 8.01
CA GLY A 4 3.46 -24.26 9.20
C GLY A 4 4.63 -23.31 9.47
N SER A 5 5.67 -23.81 10.15
CA SER A 5 6.86 -23.01 10.50
C SER A 5 7.62 -22.52 9.25
N GLY A 6 7.94 -21.23 9.20
CA GLY A 6 8.64 -20.55 8.11
C GLY A 6 8.40 -19.03 8.12
N PRO A 7 9.21 -18.24 7.39
CA PRO A 7 9.11 -16.78 7.36
C PRO A 7 7.83 -16.35 6.61
N SER A 8 6.82 -15.90 7.36
CA SER A 8 5.45 -15.63 6.86
C SER A 8 5.01 -14.19 7.11
N CYS A 9 4.70 -13.44 6.05
CA CYS A 9 4.07 -12.13 6.12
C CYS A 9 2.59 -12.33 6.57
N ARG A 10 2.12 -11.62 7.59
CA ARG A 10 0.86 -11.95 8.29
C ARG A 10 -0.47 -11.60 7.63
N PHE A 11 -0.42 -11.12 6.40
CA PHE A 11 -1.59 -10.89 5.53
C PHE A 11 -1.60 -11.76 4.26
N CYS A 12 -0.65 -12.71 4.17
CA CYS A 12 -0.51 -13.67 3.07
C CYS A 12 -0.09 -15.11 3.54
N LYS A 13 0.92 -15.15 4.41
CA LYS A 13 1.70 -16.32 4.85
C LYS A 13 2.18 -17.24 3.72
N ASP A 14 2.69 -16.63 2.64
CA ASP A 14 3.39 -17.36 1.56
C ASP A 14 4.90 -17.41 1.84
N ASP A 15 5.61 -16.29 1.69
CA ASP A 15 7.01 -16.13 2.09
C ASP A 15 7.38 -14.63 2.21
N GLU A 16 8.06 -14.22 3.28
CA GLU A 16 8.48 -12.82 3.44
C GLU A 16 9.45 -12.34 2.35
N ASN A 17 10.22 -13.23 1.71
CA ASN A 17 11.10 -12.87 0.60
C ASN A 17 10.38 -12.81 -0.76
N LYS A 18 9.11 -13.26 -0.83
CA LYS A 18 8.28 -13.20 -2.04
C LYS A 18 7.49 -11.87 -2.10
N PRO A 19 7.40 -11.20 -3.27
CA PRO A 19 6.49 -10.08 -3.47
C PRO A 19 5.02 -10.55 -3.58
N CYS A 20 4.11 -9.72 -3.06
CA CYS A 20 2.66 -9.97 -3.02
C CYS A 20 1.88 -8.74 -3.54
N ARG A 21 0.55 -8.84 -3.62
CA ARG A 21 -0.36 -7.72 -3.91
C ARG A 21 -0.46 -6.67 -2.78
N LYS A 22 -0.20 -7.09 -1.54
CA LYS A 22 -0.22 -6.24 -0.34
C LYS A 22 1.19 -5.87 0.12
N CYS A 23 2.16 -6.76 -0.05
CA CYS A 23 3.56 -6.52 0.31
C CYS A 23 4.28 -5.67 -0.76
N ALA A 24 4.01 -5.94 -2.04
CA ALA A 24 4.47 -5.18 -3.21
C ALA A 24 3.28 -4.72 -4.06
N CYS A 25 3.43 -4.67 -5.40
CA CYS A 25 2.45 -4.09 -6.31
C CYS A 25 1.08 -4.80 -6.26
N HIS A 26 0.00 -4.09 -6.00
CA HIS A 26 -1.37 -4.64 -5.97
C HIS A 26 -1.95 -4.96 -7.36
N VAL A 27 -1.24 -4.55 -8.41
CA VAL A 27 -1.69 -4.54 -9.81
C VAL A 27 -0.94 -5.54 -10.70
N CYS A 28 0.32 -5.87 -10.40
CA CYS A 28 1.07 -6.96 -11.04
C CYS A 28 1.45 -8.09 -10.04
N GLY A 29 1.35 -7.81 -8.74
CA GLY A 29 1.64 -8.80 -7.69
C GLY A 29 3.14 -9.12 -7.55
N GLY A 30 3.98 -8.11 -7.76
CA GLY A 30 5.43 -8.23 -7.90
C GLY A 30 6.18 -6.96 -7.48
N ARG A 31 7.51 -7.02 -7.49
CA ARG A 31 8.40 -5.88 -7.27
C ARG A 31 9.51 -5.81 -8.32
N GLU A 32 9.99 -4.60 -8.60
CA GLU A 32 11.14 -4.35 -9.49
C GLU A 32 11.85 -3.05 -9.11
N ALA A 33 11.10 -1.95 -9.09
CA ALA A 33 11.54 -0.63 -8.63
C ALA A 33 10.83 -0.23 -7.30
N PRO A 34 11.46 -0.46 -6.12
CA PRO A 34 10.97 0.00 -4.82
C PRO A 34 11.20 1.52 -4.61
N GLU A 35 11.13 2.28 -5.70
CA GLU A 35 11.40 3.71 -5.85
C GLU A 35 10.50 4.33 -6.93
N LYS A 36 9.45 3.61 -7.36
CA LYS A 36 8.39 4.02 -8.28
C LYS A 36 7.08 3.28 -7.97
N GLN A 37 6.66 3.22 -6.71
CA GLN A 37 5.40 2.63 -6.28
C GLN A 37 4.70 3.65 -5.38
N LEU A 38 3.40 3.80 -5.60
CA LEU A 38 2.51 4.65 -4.81
C LEU A 38 1.94 3.86 -3.65
N LEU A 39 1.73 4.51 -2.50
CA LEU A 39 0.98 3.92 -1.39
C LEU A 39 -0.41 4.54 -1.30
N CYS A 40 -1.44 3.69 -1.14
CA CYS A 40 -2.75 4.21 -0.77
C CYS A 40 -2.66 4.91 0.62
N ASP A 41 -3.55 5.86 0.87
CA ASP A 41 -3.67 6.58 2.15
C ASP A 41 -4.69 5.91 3.10
N GLU A 42 -5.53 4.99 2.61
CA GLU A 42 -6.37 4.11 3.45
C GLU A 42 -5.73 2.72 3.66
N CYS A 43 -5.13 2.15 2.60
CA CYS A 43 -4.63 0.78 2.62
C CYS A 43 -3.10 0.69 2.84
N ASP A 44 -2.35 1.74 2.43
CA ASP A 44 -0.89 1.77 2.32
C ASP A 44 -0.32 0.59 1.50
N MET A 45 -1.02 0.27 0.41
CA MET A 45 -0.59 -0.81 -0.49
C MET A 45 0.22 -0.24 -1.65
N ALA A 46 1.24 -0.95 -2.13
CA ALA A 46 2.11 -0.46 -3.21
C ALA A 46 1.45 -0.62 -4.59
N PHE A 47 1.73 0.32 -5.49
CA PHE A 47 1.20 0.36 -6.84
C PHE A 47 2.21 1.05 -7.76
N HIS A 48 2.89 0.29 -8.60
CA HIS A 48 3.85 0.83 -9.57
C HIS A 48 3.26 1.99 -10.38
N LEU A 49 4.03 3.07 -10.52
CA LEU A 49 3.65 4.24 -11.33
C LEU A 49 3.25 3.89 -12.77
N TYR A 50 3.70 2.74 -13.26
CA TYR A 50 3.56 2.26 -14.63
C TYR A 50 2.66 1.02 -14.74
N CYS A 51 2.13 0.51 -13.62
CA CYS A 51 1.10 -0.52 -13.62
C CYS A 51 -0.28 0.11 -13.27
N LEU A 52 -0.30 0.95 -12.24
CA LEU A 52 -1.47 1.69 -11.74
C LEU A 52 -1.98 2.76 -12.74
N LYS A 53 -1.10 3.28 -13.60
CA LYS A 53 -1.40 4.28 -14.65
C LYS A 53 -0.56 4.01 -15.92
N PRO A 54 -1.13 4.12 -17.15
CA PRO A 54 -0.36 4.08 -18.40
C PRO A 54 0.54 5.31 -18.72
N PRO A 55 0.16 6.58 -18.44
CA PRO A 55 0.87 7.76 -18.95
C PRO A 55 2.25 8.04 -18.32
N LEU A 56 2.26 8.76 -17.19
CA LEU A 56 3.47 9.19 -16.47
C LEU A 56 4.20 8.04 -15.73
N THR A 57 5.44 8.31 -15.32
CA THR A 57 6.34 7.38 -14.61
C THR A 57 6.76 7.92 -13.22
N SER A 58 6.18 9.06 -12.82
CA SER A 58 6.50 9.81 -11.59
C SER A 58 5.23 10.22 -10.83
N VAL A 59 5.35 10.42 -9.51
CA VAL A 59 4.22 10.73 -8.61
C VAL A 59 3.72 12.18 -8.75
N PRO A 60 2.40 12.40 -8.89
CA PRO A 60 1.78 13.74 -8.92
C PRO A 60 2.07 14.63 -7.70
N PRO A 61 2.15 15.97 -7.88
CA PRO A 61 2.20 16.93 -6.78
C PRO A 61 0.78 17.08 -6.18
N GLU A 62 0.54 16.41 -5.06
CA GLU A 62 -0.79 16.22 -4.46
C GLU A 62 -0.64 16.02 -2.93
N PRO A 63 -1.55 16.53 -2.08
CA PRO A 63 -1.54 16.23 -0.64
C PRO A 63 -1.88 14.78 -0.27
N GLU A 64 -2.85 14.14 -0.92
CA GLU A 64 -3.33 12.78 -0.58
C GLU A 64 -3.68 11.96 -1.83
N TRP A 65 -3.45 10.65 -1.76
CA TRP A 65 -3.79 9.70 -2.82
C TRP A 65 -4.24 8.36 -2.24
N TYR A 66 -5.35 7.83 -2.78
CA TYR A 66 -5.87 6.49 -2.48
C TYR A 66 -5.94 5.67 -3.76
N CYS A 67 -5.69 4.35 -3.70
CA CYS A 67 -5.72 3.46 -4.85
C CYS A 67 -6.93 3.59 -5.79
N PRO A 68 -6.84 3.19 -7.08
CA PRO A 68 -7.98 3.17 -7.99
C PRO A 68 -9.22 2.46 -7.44
N SER A 69 -9.07 1.45 -6.57
CA SER A 69 -10.20 0.77 -5.92
C SER A 69 -10.89 1.64 -4.86
N CYS A 70 -10.14 2.27 -3.93
CA CYS A 70 -10.68 3.28 -3.03
C CYS A 70 -11.25 4.48 -3.82
N ARG A 71 -10.45 4.97 -4.77
CA ARG A 71 -10.71 6.23 -5.50
C ARG A 71 -12.01 6.19 -6.31
N THR A 72 -12.33 5.04 -6.89
CA THR A 72 -13.51 4.85 -7.76
C THR A 72 -14.74 4.32 -7.01
N ASP A 73 -14.57 3.68 -5.85
CA ASP A 73 -15.70 3.24 -5.01
C ASP A 73 -16.28 4.40 -4.17
N SER A 74 -15.44 5.29 -3.65
CA SER A 74 -15.87 6.46 -2.86
C SER A 74 -16.63 7.48 -3.73
N ARG A 75 -17.67 8.10 -3.14
CA ARG A 75 -18.53 9.11 -3.77
C ARG A 75 -17.88 10.50 -3.75
N ARG A 76 -18.47 11.45 -4.49
CA ARG A 76 -17.93 12.81 -4.74
C ARG A 76 -18.06 13.74 -3.52
N GLU A 77 -17.24 13.49 -2.50
CA GLU A 77 -17.09 14.31 -1.29
C GLU A 77 -15.61 14.30 -0.81
N VAL A 78 -15.12 15.43 -0.33
CA VAL A 78 -13.73 15.62 0.14
C VAL A 78 -13.64 16.66 1.27
N GLN A 79 -12.69 16.49 2.19
CA GLN A 79 -12.36 17.42 3.27
C GLN A 79 -10.84 17.55 3.44
N SER A 80 -10.37 18.73 3.87
CA SER A 80 -8.94 19.05 4.11
C SER A 80 -8.78 20.15 5.16
N ALA A 81 -7.57 20.27 5.72
CA ALA A 81 -7.22 21.28 6.74
C ALA A 81 -5.83 21.93 6.53
N PHE A 82 -4.83 21.16 6.08
CA PHE A 82 -3.46 21.62 5.80
C PHE A 82 -2.87 20.91 4.56
N PRO A 83 -2.22 21.62 3.62
CA PRO A 83 -1.63 21.01 2.42
C PRO A 83 -0.40 20.15 2.76
N LYS A 84 -0.41 18.88 2.35
CA LYS A 84 0.67 17.90 2.58
C LYS A 84 1.76 17.91 1.49
N ARG A 85 1.49 18.57 0.35
CA ARG A 85 2.31 18.77 -0.86
C ARG A 85 2.79 17.52 -1.63
N ARG A 86 3.01 16.40 -0.95
CA ARG A 86 3.37 15.10 -1.54
C ARG A 86 2.71 13.91 -0.81
N VAL A 87 2.17 12.99 -1.60
CA VAL A 87 1.56 11.70 -1.20
C VAL A 87 2.55 10.65 -0.69
N ARG A 88 2.02 9.53 -0.19
CA ARG A 88 2.82 8.39 0.31
C ARG A 88 3.28 7.50 -0.85
N THR A 89 4.52 7.02 -0.79
CA THR A 89 5.23 6.34 -1.89
C THR A 89 6.37 5.48 -1.36
N LEU A 90 6.86 4.48 -2.10
CA LEU A 90 7.97 3.60 -1.65
C LEU A 90 9.34 4.28 -1.67
N LEU A 91 9.56 5.13 -2.66
CA LEU A 91 10.70 6.04 -2.74
C LEU A 91 10.85 6.91 -1.47
N SER A 92 9.77 7.09 -0.70
CA SER A 92 9.75 7.69 0.63
C SER A 92 9.72 6.66 1.78
N VAL A 93 8.79 5.69 1.76
CA VAL A 93 8.60 4.69 2.82
C VAL A 93 9.68 3.61 2.78
N LEU A 94 9.85 2.97 1.64
CA LEU A 94 10.73 1.82 1.48
C LEU A 94 12.20 2.24 1.61
N LYS A 95 12.50 3.52 1.33
CA LYS A 95 13.80 4.15 1.53
C LYS A 95 14.08 4.50 3.01
N ASP A 96 13.17 4.17 3.93
CA ASP A 96 13.40 4.32 5.39
C ASP A 96 13.01 3.04 6.16
N PRO A 97 13.90 2.43 6.97
CA PRO A 97 13.59 1.18 7.64
C PRO A 97 12.40 1.30 8.61
N ILE A 98 12.15 2.47 9.20
CA ILE A 98 11.01 2.67 10.09
C ILE A 98 9.70 2.72 9.33
N ALA A 99 9.64 3.48 8.25
CA ALA A 99 8.47 3.59 7.38
C ALA A 99 8.15 2.27 6.68
N LYS A 100 9.18 1.49 6.31
CA LYS A 100 9.08 0.10 5.83
C LYS A 100 8.37 -0.80 6.84
N MET A 101 8.87 -0.86 8.07
CA MET A 101 8.34 -1.73 9.12
C MET A 101 7.00 -1.21 9.64
N ARG A 102 6.77 0.10 9.64
CA ARG A 102 5.50 0.72 10.02
C ARG A 102 4.43 0.34 9.02
N ARG A 103 4.66 0.53 7.71
CA ARG A 103 3.68 0.12 6.69
C ARG A 103 3.42 -1.39 6.70
N LEU A 104 4.38 -2.19 7.11
CA LEU A 104 4.26 -3.65 7.08
C LEU A 104 3.72 -4.30 8.35
N VAL A 105 3.95 -3.71 9.52
CA VAL A 105 3.38 -4.17 10.79
C VAL A 105 2.16 -3.35 11.17
N ARG A 106 2.32 -2.03 11.27
CA ARG A 106 1.30 -1.09 11.77
C ARG A 106 0.07 -1.11 10.88
N ILE A 107 0.29 -1.00 9.57
CA ILE A 107 -0.81 -0.98 8.61
C ILE A 107 -1.45 -2.35 8.41
N GLU A 108 -0.63 -3.37 8.24
CA GLU A 108 -1.09 -4.73 8.00
C GLU A 108 -1.97 -5.24 9.15
N GLN A 109 -1.59 -4.97 10.41
CA GLN A 109 -2.42 -5.29 11.58
C GLN A 109 -3.74 -4.48 11.57
N ARG A 110 -3.69 -3.17 11.24
CA ARG A 110 -4.86 -2.28 11.20
C ARG A 110 -5.89 -2.74 10.15
N GLN A 111 -5.45 -3.00 8.92
CA GLN A 111 -6.36 -3.43 7.85
C GLN A 111 -6.89 -4.85 8.05
N LYS A 112 -6.05 -5.79 8.51
CA LYS A 112 -6.49 -7.18 8.68
C LYS A 112 -7.53 -7.32 9.80
N ARG A 113 -7.45 -6.52 10.87
CA ARG A 113 -8.50 -6.41 11.91
C ARG A 113 -9.81 -5.80 11.38
N LEU A 114 -9.73 -4.99 10.34
CA LEU A 114 -10.91 -4.44 9.64
C LEU A 114 -11.55 -5.50 8.71
N GLU A 115 -10.73 -6.36 8.10
CA GLU A 115 -11.19 -7.49 7.27
C GLU A 115 -11.87 -8.60 8.08
N GLY A 116 -11.59 -8.70 9.39
CA GLY A 116 -12.16 -9.69 10.30
C GLY A 116 -11.47 -9.76 11.67
N ASN A 117 -12.11 -10.40 12.64
CA ASN A 117 -11.62 -10.52 14.03
C ASN A 117 -11.72 -11.95 14.58
N GLU A 118 -10.95 -12.22 15.64
CA GLU A 118 -11.05 -13.44 16.44
C GLU A 118 -12.39 -13.49 17.20
N PHE A 119 -12.99 -14.68 17.30
CA PHE A 119 -14.31 -14.91 17.93
C PHE A 119 -14.30 -15.96 19.06
N GLU A 120 -13.26 -16.80 19.14
CA GLU A 120 -13.09 -17.88 20.13
C GLU A 120 -11.59 -18.16 20.34
N ARG A 121 -11.21 -18.69 21.51
CA ARG A 121 -9.82 -19.01 21.85
C ARG A 121 -9.31 -20.22 21.05
N ASP A 122 -8.18 -20.03 20.39
CA ASP A 122 -7.39 -21.07 19.69
C ASP A 122 -5.89 -20.89 19.98
N SER A 123 -5.14 -21.99 20.06
CA SER A 123 -3.72 -22.00 20.42
C SER A 123 -2.80 -21.73 19.21
N GLU A 124 -1.79 -20.88 19.40
CA GLU A 124 -0.75 -20.51 18.42
C GLU A 124 -1.22 -20.37 16.94
N PRO A 125 -2.12 -19.42 16.61
CA PRO A 125 -2.67 -19.26 15.26
C PRO A 125 -1.63 -18.99 14.16
N PHE A 126 -1.93 -19.46 12.94
CA PHE A 126 -1.09 -19.31 11.74
C PHE A 126 -1.35 -17.98 11.01
ZN ZN B . 3.02 -10.98 1.63
ZN ZN C . -6.96 1.94 -0.92
ZN ZN D . 3.53 -3.57 -10.79
N GLY A 1 8.03 -27.05 2.97
CA GLY A 1 8.95 -28.19 2.81
C GLY A 1 8.23 -29.51 3.01
N PRO A 2 8.79 -30.45 3.80
CA PRO A 2 8.11 -31.70 4.19
C PRO A 2 6.82 -31.47 4.99
N LEU A 3 6.74 -30.32 5.69
CA LEU A 3 5.55 -29.76 6.34
C LEU A 3 5.34 -28.29 5.94
N GLY A 4 4.16 -27.74 6.25
CA GLY A 4 3.70 -26.42 5.75
C GLY A 4 4.32 -25.18 6.39
N SER A 5 5.10 -25.30 7.46
CA SER A 5 5.67 -24.17 8.21
C SER A 5 6.74 -23.40 7.42
N GLY A 6 6.80 -22.08 7.63
CA GLY A 6 7.75 -21.17 6.99
C GLY A 6 7.51 -19.69 7.36
N PRO A 7 8.37 -18.75 6.88
CA PRO A 7 8.23 -17.32 7.18
C PRO A 7 6.99 -16.72 6.51
N SER A 8 6.09 -16.13 7.29
CA SER A 8 4.75 -15.69 6.84
C SER A 8 4.43 -14.23 7.15
N CYS A 9 4.23 -13.41 6.11
CA CYS A 9 3.66 -12.08 6.21
C CYS A 9 2.16 -12.24 6.58
N ARG A 10 1.67 -11.61 7.65
CA ARG A 10 0.34 -11.94 8.21
C ARG A 10 -0.84 -11.64 7.31
N PHE A 11 -0.62 -10.82 6.29
CA PHE A 11 -1.73 -10.37 5.46
C PHE A 11 -2.03 -11.39 4.34
N CYS A 12 -1.05 -12.25 3.99
CA CYS A 12 -1.07 -13.17 2.84
C CYS A 12 -0.64 -14.61 3.22
N LYS A 13 0.37 -14.74 4.09
CA LYS A 13 1.08 -15.96 4.50
C LYS A 13 1.63 -16.79 3.33
N ASP A 14 2.26 -16.12 2.37
CA ASP A 14 2.93 -16.77 1.23
C ASP A 14 4.42 -16.98 1.52
N ASP A 15 5.22 -15.90 1.52
CA ASP A 15 6.64 -15.88 1.94
C ASP A 15 7.12 -14.44 2.16
N GLU A 16 7.76 -14.17 3.31
CA GLU A 16 8.24 -12.81 3.63
C GLU A 16 9.35 -12.30 2.70
N ASN A 17 10.11 -13.18 2.04
CA ASN A 17 11.12 -12.76 1.05
C ASN A 17 10.54 -12.55 -0.36
N LYS A 18 9.30 -13.00 -0.62
CA LYS A 18 8.64 -12.87 -1.92
C LYS A 18 7.72 -11.64 -1.99
N PRO A 19 7.55 -11.03 -3.18
CA PRO A 19 6.54 -10.00 -3.39
C PRO A 19 5.12 -10.58 -3.35
N CYS A 20 4.17 -9.73 -2.95
CA CYS A 20 2.74 -10.00 -2.95
C CYS A 20 1.98 -8.82 -3.57
N ARG A 21 0.65 -8.95 -3.68
CA ARG A 21 -0.24 -7.84 -4.03
C ARG A 21 -0.34 -6.81 -2.90
N LYS A 22 -0.26 -7.24 -1.64
CA LYS A 22 -0.37 -6.34 -0.47
C LYS A 22 0.99 -5.80 -0.03
N CYS A 23 2.02 -6.64 -0.13
CA CYS A 23 3.39 -6.33 0.30
C CYS A 23 4.17 -5.52 -0.77
N ALA A 24 3.99 -5.87 -2.05
CA ALA A 24 4.51 -5.16 -3.22
C ALA A 24 3.35 -4.69 -4.12
N CYS A 25 3.52 -4.67 -5.45
CA CYS A 25 2.55 -4.12 -6.38
C CYS A 25 1.19 -4.86 -6.32
N HIS A 26 0.10 -4.16 -6.03
CA HIS A 26 -1.25 -4.76 -6.01
C HIS A 26 -1.82 -5.07 -7.40
N VAL A 27 -1.12 -4.62 -8.45
CA VAL A 27 -1.57 -4.62 -9.85
C VAL A 27 -0.84 -5.64 -10.73
N CYS A 28 0.45 -5.93 -10.46
CA CYS A 28 1.20 -7.02 -11.10
C CYS A 28 1.60 -8.14 -10.10
N GLY A 29 1.50 -7.86 -8.79
CA GLY A 29 1.80 -8.83 -7.74
C GLY A 29 3.30 -9.08 -7.55
N GLY A 30 4.14 -8.09 -7.83
CA GLY A 30 5.60 -8.22 -7.92
C GLY A 30 6.36 -6.98 -7.47
N ARG A 31 7.69 -7.08 -7.43
CA ARG A 31 8.61 -5.97 -7.11
C ARG A 31 9.79 -5.89 -8.11
N GLU A 32 10.25 -4.68 -8.40
CA GLU A 32 11.42 -4.40 -9.25
C GLU A 32 12.05 -3.06 -8.88
N ALA A 33 11.23 -1.99 -8.90
CA ALA A 33 11.60 -0.64 -8.49
C ALA A 33 11.00 -0.28 -7.11
N PRO A 34 11.80 -0.23 -6.02
CA PRO A 34 11.38 0.28 -4.71
C PRO A 34 11.39 1.81 -4.63
N GLU A 35 11.45 2.50 -5.79
CA GLU A 35 11.50 3.95 -5.94
C GLU A 35 10.53 4.44 -7.04
N LYS A 36 9.51 3.62 -7.38
CA LYS A 36 8.42 3.93 -8.32
C LYS A 36 7.11 3.22 -7.95
N GLN A 37 6.70 3.19 -6.68
CA GLN A 37 5.41 2.64 -6.25
C GLN A 37 4.72 3.65 -5.33
N LEU A 38 3.40 3.74 -5.50
CA LEU A 38 2.52 4.60 -4.68
C LEU A 38 1.94 3.82 -3.51
N LEU A 39 1.70 4.48 -2.36
CA LEU A 39 0.99 3.90 -1.22
C LEU A 39 -0.41 4.51 -1.06
N CYS A 40 -1.46 3.68 -0.93
CA CYS A 40 -2.77 4.20 -0.51
C CYS A 40 -2.71 4.93 0.87
N ASP A 41 -3.70 5.76 1.15
CA ASP A 41 -3.91 6.49 2.40
C ASP A 41 -4.87 5.74 3.35
N GLU A 42 -5.68 4.80 2.83
CA GLU A 42 -6.53 3.92 3.63
C GLU A 42 -5.88 2.55 3.85
N CYS A 43 -5.28 1.96 2.80
CA CYS A 43 -4.73 0.61 2.81
C CYS A 43 -3.20 0.60 3.04
N ASP A 44 -2.51 1.65 2.59
CA ASP A 44 -1.04 1.76 2.51
C ASP A 44 -0.37 0.63 1.71
N MET A 45 -0.99 0.27 0.58
CA MET A 45 -0.51 -0.81 -0.30
C MET A 45 0.26 -0.25 -1.50
N ALA A 46 1.27 -0.96 -2.00
CA ALA A 46 2.14 -0.47 -3.09
C ALA A 46 1.52 -0.67 -4.49
N PHE A 47 1.79 0.27 -5.40
CA PHE A 47 1.28 0.29 -6.77
C PHE A 47 2.28 0.99 -7.68
N HIS A 48 2.96 0.22 -8.53
CA HIS A 48 3.91 0.77 -9.52
C HIS A 48 3.35 1.92 -10.33
N LEU A 49 4.10 3.02 -10.46
CA LEU A 49 3.72 4.18 -11.28
C LEU A 49 3.40 3.83 -12.74
N TYR A 50 3.86 2.68 -13.21
CA TYR A 50 3.76 2.21 -14.59
C TYR A 50 2.84 0.98 -14.73
N CYS A 51 2.28 0.48 -13.62
CA CYS A 51 1.24 -0.55 -13.64
C CYS A 51 -0.13 0.07 -13.29
N LEU A 52 -0.15 0.90 -12.25
CA LEU A 52 -1.31 1.66 -11.77
C LEU A 52 -1.77 2.76 -12.75
N LYS A 53 -0.87 3.27 -13.60
CA LYS A 53 -1.14 4.30 -14.64
C LYS A 53 -0.29 4.05 -15.90
N PRO A 54 -0.85 4.23 -17.12
CA PRO A 54 -0.06 4.25 -18.37
C PRO A 54 0.80 5.52 -18.62
N PRO A 55 0.37 6.76 -18.30
CA PRO A 55 1.05 7.99 -18.73
C PRO A 55 2.39 8.30 -18.03
N LEU A 56 2.33 8.97 -16.88
CA LEU A 56 3.47 9.43 -16.08
C LEU A 56 4.27 8.28 -15.42
N THR A 57 5.51 8.58 -15.00
CA THR A 57 6.46 7.66 -14.35
C THR A 57 6.87 8.14 -12.94
N SER A 58 6.24 9.23 -12.46
CA SER A 58 6.36 9.74 -11.09
C SER A 58 5.00 10.15 -10.52
N VAL A 59 4.98 10.40 -9.21
CA VAL A 59 3.81 10.72 -8.39
C VAL A 59 3.20 12.09 -8.73
N PRO A 60 1.86 12.17 -8.93
CA PRO A 60 1.10 13.42 -9.14
C PRO A 60 1.29 14.51 -8.06
N PRO A 61 1.12 15.81 -8.39
CA PRO A 61 1.08 16.89 -7.40
C PRO A 61 -0.23 16.81 -6.59
N GLU A 62 -0.14 16.13 -5.44
CA GLU A 62 -1.25 15.71 -4.60
C GLU A 62 -0.74 15.47 -3.15
N PRO A 63 -1.41 15.95 -2.09
CA PRO A 63 -1.11 15.59 -0.70
C PRO A 63 -1.71 14.24 -0.22
N GLU A 64 -2.83 13.81 -0.78
CA GLU A 64 -3.55 12.57 -0.36
C GLU A 64 -4.02 11.70 -1.53
N TRP A 65 -3.70 10.40 -1.49
CA TRP A 65 -3.95 9.45 -2.57
C TRP A 65 -4.39 8.09 -2.02
N TYR A 66 -5.45 7.52 -2.59
CA TYR A 66 -5.93 6.16 -2.32
C TYR A 66 -5.93 5.34 -3.61
N CYS A 67 -5.76 4.00 -3.56
CA CYS A 67 -5.88 3.13 -4.73
C CYS A 67 -7.12 3.45 -5.62
N PRO A 68 -7.10 3.14 -6.93
CA PRO A 68 -8.18 3.54 -7.85
C PRO A 68 -9.58 3.07 -7.43
N SER A 69 -9.70 1.90 -6.79
CA SER A 69 -10.98 1.40 -6.25
C SER A 69 -11.47 2.19 -5.02
N CYS A 70 -10.56 2.69 -4.19
CA CYS A 70 -10.84 3.59 -3.07
C CYS A 70 -11.15 5.02 -3.56
N ARG A 71 -10.41 5.50 -4.57
CA ARG A 71 -10.50 6.85 -5.15
C ARG A 71 -11.82 7.10 -5.89
N THR A 72 -12.37 6.08 -6.55
CA THR A 72 -13.62 6.17 -7.33
C THR A 72 -14.90 6.06 -6.46
N ASP A 73 -14.76 5.70 -5.18
CA ASP A 73 -15.88 5.52 -4.25
C ASP A 73 -16.56 6.84 -3.82
N SER A 74 -15.89 7.97 -4.00
CA SER A 74 -16.38 9.33 -3.69
C SER A 74 -15.92 10.37 -4.72
N ARG A 75 -16.41 11.61 -4.60
CA ARG A 75 -16.04 12.76 -5.46
C ARG A 75 -14.61 13.25 -5.25
N ARG A 76 -14.10 13.07 -4.03
CA ARG A 76 -12.77 13.45 -3.50
C ARG A 76 -12.30 14.84 -3.98
N GLU A 77 -12.94 15.89 -3.48
CA GLU A 77 -12.42 17.26 -3.64
C GLU A 77 -11.10 17.40 -2.86
N VAL A 78 -10.14 18.22 -3.33
CA VAL A 78 -8.81 18.32 -2.71
C VAL A 78 -8.84 19.12 -1.41
N GLN A 79 -8.20 18.57 -0.38
CA GLN A 79 -8.11 19.14 0.97
C GLN A 79 -6.78 18.79 1.67
N SER A 80 -6.21 19.76 2.39
CA SER A 80 -5.04 19.61 3.27
C SER A 80 -4.88 20.83 4.18
N ALA A 81 -4.14 20.69 5.28
CA ALA A 81 -3.71 21.80 6.14
C ALA A 81 -2.57 22.63 5.52
N PHE A 82 -1.79 22.04 4.61
CA PHE A 82 -0.68 22.67 3.85
C PHE A 82 -0.62 22.12 2.42
N PRO A 83 -0.35 22.94 1.38
CA PRO A 83 -0.21 22.48 -0.01
C PRO A 83 1.10 21.69 -0.24
N LYS A 84 1.16 20.47 0.30
CA LYS A 84 2.37 19.62 0.38
C LYS A 84 2.76 18.98 -0.95
N ARG A 85 1.80 18.78 -1.87
CA ARG A 85 1.96 18.20 -3.24
C ARG A 85 2.60 16.81 -3.36
N ARG A 86 3.06 16.21 -2.26
CA ARG A 86 3.62 14.85 -2.18
C ARG A 86 2.76 13.92 -1.32
N VAL A 87 2.47 12.73 -1.86
CA VAL A 87 1.85 11.60 -1.17
C VAL A 87 2.87 10.57 -0.71
N ARG A 88 2.36 9.56 0.02
CA ARG A 88 3.08 8.40 0.52
C ARG A 88 3.40 7.46 -0.64
N THR A 89 4.66 7.02 -0.71
CA THR A 89 5.27 6.33 -1.85
C THR A 89 6.45 5.48 -1.37
N LEU A 90 6.91 4.48 -2.13
CA LEU A 90 8.04 3.63 -1.73
C LEU A 90 9.40 4.35 -1.84
N LEU A 91 9.53 5.21 -2.83
CA LEU A 91 10.63 6.19 -2.96
C LEU A 91 10.79 7.07 -1.69
N SER A 92 9.74 7.18 -0.87
CA SER A 92 9.79 7.75 0.48
C SER A 92 9.91 6.70 1.60
N VAL A 93 9.02 5.70 1.62
CA VAL A 93 8.91 4.66 2.67
C VAL A 93 9.99 3.60 2.54
N LEU A 94 10.11 2.98 1.38
CA LEU A 94 11.04 1.89 1.13
C LEU A 94 12.48 2.38 1.10
N LYS A 95 12.68 3.68 0.81
CA LYS A 95 13.95 4.37 0.92
C LYS A 95 14.36 4.63 2.39
N ASP A 96 13.54 4.24 3.37
CA ASP A 96 13.91 4.29 4.80
C ASP A 96 13.69 2.92 5.48
N PRO A 97 14.69 2.35 6.18
CA PRO A 97 14.54 1.04 6.81
C PRO A 97 13.44 1.02 7.89
N ILE A 98 13.13 2.15 8.52
CA ILE A 98 12.05 2.24 9.51
C ILE A 98 10.68 2.32 8.85
N ALA A 99 10.51 3.19 7.85
CA ALA A 99 9.23 3.39 7.16
C ALA A 99 8.79 2.12 6.43
N LYS A 100 9.74 1.32 5.92
CA LYS A 100 9.55 -0.03 5.39
C LYS A 100 8.87 -0.95 6.41
N MET A 101 9.46 -1.05 7.61
CA MET A 101 9.00 -1.95 8.66
C MET A 101 7.73 -1.43 9.33
N ARG A 102 7.57 -0.11 9.44
CA ARG A 102 6.38 0.57 9.96
C ARG A 102 5.20 0.27 9.04
N ARG A 103 5.32 0.47 7.74
CA ARG A 103 4.23 0.15 6.80
C ARG A 103 3.92 -1.36 6.75
N LEU A 104 4.89 -2.22 7.02
CA LEU A 104 4.68 -3.66 6.91
C LEU A 104 4.19 -4.35 8.18
N VAL A 105 4.58 -3.84 9.36
CA VAL A 105 4.12 -4.34 10.66
C VAL A 105 2.95 -3.53 11.17
N ARG A 106 3.13 -2.21 11.28
CA ARG A 106 2.18 -1.28 11.92
C ARG A 106 0.90 -1.18 11.10
N ILE A 107 1.03 -0.97 9.79
CA ILE A 107 -0.14 -0.84 8.90
C ILE A 107 -0.87 -2.17 8.77
N GLU A 108 -0.14 -3.25 8.49
CA GLU A 108 -0.68 -4.60 8.38
C GLU A 108 -1.45 -5.00 9.64
N GLN A 109 -0.87 -4.83 10.84
CA GLN A 109 -1.57 -5.12 12.10
C GLN A 109 -2.80 -4.22 12.29
N ARG A 110 -2.74 -2.93 11.93
CA ARG A 110 -3.88 -1.99 12.01
C ARG A 110 -5.05 -2.46 11.16
N GLN A 111 -4.84 -2.75 9.88
CA GLN A 111 -5.93 -3.22 9.00
C GLN A 111 -6.41 -4.62 9.35
N LYS A 112 -5.52 -5.51 9.79
CA LYS A 112 -5.88 -6.88 10.19
C LYS A 112 -6.75 -6.89 11.46
N ARG A 113 -6.58 -5.92 12.37
CA ARG A 113 -7.48 -5.70 13.52
C ARG A 113 -8.80 -5.07 13.10
N LEU A 114 -8.76 -4.02 12.27
CA LEU A 114 -9.94 -3.28 11.80
C LEU A 114 -10.89 -4.12 10.95
N GLU A 115 -10.40 -5.14 10.23
CA GLU A 115 -11.24 -6.04 9.42
C GLU A 115 -12.02 -7.09 10.25
N GLY A 116 -11.64 -7.26 11.53
CA GLY A 116 -12.37 -8.05 12.53
C GLY A 116 -11.53 -8.99 13.41
N ASN A 117 -10.24 -9.21 13.09
CA ASN A 117 -9.39 -10.14 13.84
C ASN A 117 -8.80 -9.50 15.11
N GLU A 118 -9.64 -9.33 16.13
CA GLU A 118 -9.24 -8.87 17.48
C GLU A 118 -8.49 -9.94 18.31
N PHE A 119 -8.39 -11.18 17.79
CA PHE A 119 -7.78 -12.35 18.45
C PHE A 119 -6.24 -12.36 18.42
N GLU A 120 -5.60 -11.32 17.90
CA GLU A 120 -4.13 -11.19 17.83
C GLU A 120 -3.47 -11.33 19.23
N ARG A 121 -2.29 -11.99 19.29
CA ARG A 121 -1.50 -12.34 20.49
C ARG A 121 -2.16 -13.35 21.44
N ASP A 122 -3.49 -13.36 21.56
CA ASP A 122 -4.23 -14.42 22.27
C ASP A 122 -4.27 -15.73 21.44
N SER A 123 -4.28 -15.61 20.10
CA SER A 123 -4.11 -16.68 19.12
C SER A 123 -3.02 -16.32 18.10
N GLU A 124 -2.33 -17.34 17.57
CA GLU A 124 -1.30 -17.20 16.52
C GLU A 124 -1.89 -17.28 15.09
N PRO A 125 -1.19 -16.83 14.04
CA PRO A 125 -1.67 -16.88 12.66
C PRO A 125 -1.84 -18.31 12.11
N PHE A 126 -2.91 -18.53 11.34
CA PHE A 126 -3.22 -19.78 10.62
C PHE A 126 -3.82 -19.50 9.23
ZN ZN B . 2.61 -10.67 1.76
ZN ZN C . -6.88 1.66 -0.88
ZN ZN D . 3.67 -3.63 -10.87
N GLY A 1 4.00 -19.01 -2.03
CA GLY A 1 4.85 -19.93 -1.25
C GLY A 1 4.26 -21.34 -1.26
N PRO A 2 4.38 -22.11 -0.17
CA PRO A 2 3.83 -23.47 -0.06
C PRO A 2 2.30 -23.49 0.02
N LEU A 3 1.69 -24.63 -0.34
CA LEU A 3 0.24 -24.88 -0.19
C LEU A 3 -0.14 -25.17 1.28
N GLY A 4 0.74 -25.87 2.01
CA GLY A 4 0.65 -26.07 3.47
C GLY A 4 1.26 -24.92 4.28
N SER A 5 1.55 -25.18 5.56
CA SER A 5 2.17 -24.21 6.48
C SER A 5 3.59 -23.80 6.06
N GLY A 6 3.99 -22.57 6.40
CA GLY A 6 5.29 -21.97 6.08
C GLY A 6 5.39 -20.52 6.56
N PRO A 7 6.37 -19.73 6.05
CA PRO A 7 6.46 -18.29 6.33
C PRO A 7 5.22 -17.56 5.78
N SER A 8 4.48 -16.86 6.65
CA SER A 8 3.22 -16.21 6.31
C SER A 8 3.12 -14.77 6.82
N CYS A 9 3.11 -13.82 5.88
CA CYS A 9 2.80 -12.42 6.07
C CYS A 9 1.31 -12.32 6.52
N ARG A 10 0.99 -11.71 7.66
CA ARG A 10 -0.33 -11.89 8.33
C ARG A 10 -1.60 -11.38 7.66
N PHE A 11 -1.48 -10.59 6.62
CA PHE A 11 -2.63 -10.13 5.82
C PHE A 11 -2.60 -10.65 4.37
N CYS A 12 -1.58 -11.43 4.04
CA CYS A 12 -1.19 -11.84 2.70
C CYS A 12 -1.01 -13.38 2.55
N LYS A 13 -0.31 -13.99 3.52
CA LYS A 13 0.00 -15.42 3.70
C LYS A 13 0.52 -16.13 2.44
N ASP A 14 1.37 -15.46 1.67
CA ASP A 14 2.02 -16.03 0.48
C ASP A 14 3.44 -16.54 0.79
N ASP A 15 4.38 -15.63 1.09
CA ASP A 15 5.73 -15.91 1.61
C ASP A 15 6.40 -14.63 2.11
N GLU A 16 6.89 -14.63 3.35
CA GLU A 16 7.55 -13.47 3.95
C GLU A 16 8.88 -13.08 3.27
N ASN A 17 9.55 -14.03 2.58
CA ASN A 17 10.77 -13.74 1.83
C ASN A 17 10.53 -13.31 0.37
N LYS A 18 9.27 -13.31 -0.12
CA LYS A 18 8.92 -12.96 -1.51
C LYS A 18 8.12 -11.64 -1.63
N PRO A 19 8.19 -10.94 -2.77
CA PRO A 19 7.27 -9.86 -3.10
C PRO A 19 5.86 -10.42 -3.36
N CYS A 20 4.84 -9.63 -3.00
CA CYS A 20 3.43 -9.98 -3.13
C CYS A 20 2.59 -8.76 -3.60
N ARG A 21 1.26 -8.87 -3.52
CA ARG A 21 0.31 -7.77 -3.80
C ARG A 21 0.12 -6.72 -2.70
N LYS A 22 0.69 -6.93 -1.52
CA LYS A 22 0.77 -5.92 -0.44
C LYS A 22 2.14 -5.77 0.18
N CYS A 23 2.98 -6.79 -0.01
CA CYS A 23 4.41 -6.75 0.31
C CYS A 23 5.22 -6.03 -0.80
N ALA A 24 4.66 -5.97 -2.02
CA ALA A 24 5.11 -5.19 -3.17
C ALA A 24 3.88 -4.76 -4.03
N CYS A 25 4.01 -4.68 -5.36
CA CYS A 25 2.98 -4.14 -6.25
C CYS A 25 1.62 -4.85 -6.16
N HIS A 26 0.53 -4.14 -5.86
CA HIS A 26 -0.81 -4.74 -5.85
C HIS A 26 -1.32 -5.21 -7.20
N VAL A 27 -0.70 -4.75 -8.28
CA VAL A 27 -1.09 -5.13 -9.64
C VAL A 27 -0.39 -6.41 -10.08
N CYS A 28 0.95 -6.37 -10.12
CA CYS A 28 1.76 -7.42 -10.75
C CYS A 28 2.28 -8.40 -9.70
N GLY A 29 2.11 -7.98 -8.45
CA GLY A 29 2.42 -8.81 -7.27
C GLY A 29 3.92 -9.09 -7.14
N GLY A 30 4.74 -8.08 -7.44
CA GLY A 30 6.18 -8.14 -7.62
C GLY A 30 6.83 -6.78 -7.34
N ARG A 31 8.17 -6.78 -7.27
CA ARG A 31 9.01 -5.58 -7.09
C ARG A 31 10.09 -5.50 -8.16
N GLU A 32 10.44 -4.29 -8.57
CA GLU A 32 11.49 -3.99 -9.56
C GLU A 32 12.14 -2.64 -9.24
N ALA A 33 11.33 -1.58 -9.25
CA ALA A 33 11.71 -0.23 -8.83
C ALA A 33 11.20 0.07 -7.40
N PRO A 34 12.09 0.26 -6.41
CA PRO A 34 11.72 0.76 -5.07
C PRO A 34 11.55 2.29 -5.04
N GLU A 35 11.53 2.94 -6.21
CA GLU A 35 11.58 4.38 -6.40
C GLU A 35 10.56 4.85 -7.46
N LYS A 36 9.59 4.00 -7.81
CA LYS A 36 8.43 4.28 -8.69
C LYS A 36 7.19 3.47 -8.26
N GLN A 37 6.86 3.45 -6.97
CA GLN A 37 5.63 2.87 -6.42
C GLN A 37 4.98 3.86 -5.46
N LEU A 38 3.65 3.89 -5.49
CA LEU A 38 2.79 4.72 -4.64
C LEU A 38 2.17 3.92 -3.51
N LEU A 39 1.83 4.57 -2.40
CA LEU A 39 1.12 3.94 -1.29
C LEU A 39 -0.27 4.52 -1.15
N CYS A 40 -1.27 3.65 -0.99
CA CYS A 40 -2.58 4.12 -0.59
C CYS A 40 -2.51 4.81 0.82
N ASP A 41 -3.50 5.61 1.15
CA ASP A 41 -3.66 6.26 2.46
C ASP A 41 -4.68 5.58 3.40
N GLU A 42 -5.52 4.67 2.88
CA GLU A 42 -6.44 3.88 3.71
C GLU A 42 -5.91 2.46 3.95
N CYS A 43 -5.44 1.79 2.89
CA CYS A 43 -4.93 0.42 2.94
C CYS A 43 -3.38 0.33 2.90
N ASP A 44 -2.70 1.40 2.48
CA ASP A 44 -1.23 1.59 2.52
C ASP A 44 -0.41 0.53 1.78
N MET A 45 -0.88 0.19 0.58
CA MET A 45 -0.29 -0.87 -0.27
C MET A 45 0.52 -0.24 -1.42
N ALA A 46 1.59 -0.90 -1.90
CA ALA A 46 2.45 -0.38 -2.99
C ALA A 46 1.82 -0.55 -4.39
N PHE A 47 2.09 0.39 -5.31
CA PHE A 47 1.50 0.40 -6.65
C PHE A 47 2.47 1.07 -7.62
N HIS A 48 3.10 0.29 -8.48
CA HIS A 48 3.98 0.83 -9.54
C HIS A 48 3.32 1.92 -10.37
N LEU A 49 4.03 3.04 -10.59
CA LEU A 49 3.51 4.13 -11.43
C LEU A 49 3.10 3.68 -12.85
N TYR A 50 3.65 2.57 -13.32
CA TYR A 50 3.44 2.01 -14.66
C TYR A 50 2.51 0.79 -14.67
N CYS A 51 2.07 0.33 -13.49
CA CYS A 51 1.04 -0.70 -13.33
C CYS A 51 -0.32 -0.07 -12.93
N LEU A 52 -0.27 0.88 -11.99
CA LEU A 52 -1.40 1.59 -11.42
C LEU A 52 -2.05 2.60 -12.42
N LYS A 53 -1.29 3.05 -13.43
CA LYS A 53 -1.78 3.90 -14.54
C LYS A 53 -0.94 3.70 -15.82
N PRO A 54 -1.52 3.85 -17.03
CA PRO A 54 -0.76 3.89 -18.29
C PRO A 54 0.06 5.17 -18.58
N PRO A 55 -0.38 6.42 -18.24
CA PRO A 55 0.27 7.65 -18.71
C PRO A 55 1.64 7.97 -18.08
N LEU A 56 1.62 8.58 -16.88
CA LEU A 56 2.80 9.03 -16.14
C LEU A 56 3.70 7.90 -15.61
N THR A 57 4.94 8.26 -15.26
CA THR A 57 6.00 7.37 -14.77
C THR A 57 6.48 7.75 -13.35
N SER A 58 6.07 8.93 -12.86
CA SER A 58 6.43 9.47 -11.54
C SER A 58 5.19 10.00 -10.81
N VAL A 59 5.28 10.18 -9.49
CA VAL A 59 4.14 10.48 -8.60
C VAL A 59 3.47 11.83 -8.92
N PRO A 60 2.12 11.88 -9.04
CA PRO A 60 1.39 13.11 -9.34
C PRO A 60 1.34 14.07 -8.12
N PRO A 61 1.37 15.40 -8.34
CA PRO A 61 1.29 16.40 -7.27
C PRO A 61 -0.16 16.59 -6.79
N GLU A 62 -0.49 15.98 -5.64
CA GLU A 62 -1.78 16.14 -4.94
C GLU A 62 -1.59 16.00 -3.40
N PRO A 63 -2.55 16.44 -2.56
CA PRO A 63 -2.37 16.41 -1.11
C PRO A 63 -2.57 15.02 -0.48
N GLU A 64 -3.47 14.19 -1.01
CA GLU A 64 -3.86 12.88 -0.48
C GLU A 64 -4.10 11.86 -1.59
N TRP A 65 -3.77 10.58 -1.39
CA TRP A 65 -3.84 9.56 -2.44
C TRP A 65 -4.28 8.21 -1.87
N TYR A 66 -5.32 7.64 -2.49
CA TYR A 66 -5.79 6.28 -2.27
C TYR A 66 -5.77 5.53 -3.60
N CYS A 67 -5.45 4.25 -3.61
CA CYS A 67 -5.45 3.40 -4.78
C CYS A 67 -6.70 3.52 -5.67
N PRO A 68 -6.65 3.14 -6.97
CA PRO A 68 -7.85 3.07 -7.80
C PRO A 68 -9.00 2.26 -7.20
N SER A 69 -8.72 1.22 -6.39
CA SER A 69 -9.75 0.41 -5.73
C SER A 69 -10.47 1.11 -4.56
N CYS A 70 -9.76 1.84 -3.70
CA CYS A 70 -10.34 2.72 -2.68
C CYS A 70 -10.94 3.99 -3.34
N ARG A 71 -10.25 4.56 -4.34
CA ARG A 71 -10.64 5.85 -4.97
C ARG A 71 -11.90 5.76 -5.83
N THR A 72 -12.22 4.59 -6.41
CA THR A 72 -13.41 4.39 -7.26
C THR A 72 -14.71 4.14 -6.48
N ASP A 73 -14.68 4.23 -5.14
CA ASP A 73 -15.86 3.99 -4.28
C ASP A 73 -16.97 5.07 -4.46
N SER A 74 -16.61 6.25 -4.95
CA SER A 74 -17.53 7.30 -5.41
C SER A 74 -16.96 8.07 -6.60
N ARG A 75 -17.83 8.47 -7.55
CA ARG A 75 -17.44 9.13 -8.81
C ARG A 75 -17.42 10.65 -8.75
N ARG A 76 -18.38 11.21 -8.02
CA ARG A 76 -18.70 12.66 -7.96
C ARG A 76 -18.20 13.33 -6.66
N GLU A 77 -16.99 13.00 -6.25
CA GLU A 77 -16.28 13.56 -5.10
C GLU A 77 -14.94 14.20 -5.52
N VAL A 78 -14.45 15.17 -4.72
CA VAL A 78 -13.24 15.95 -4.98
C VAL A 78 -12.10 15.48 -4.06
N GLN A 79 -10.98 15.07 -4.66
CA GLN A 79 -9.81 14.50 -3.96
C GLN A 79 -8.65 15.51 -3.83
N SER A 80 -8.63 16.55 -4.66
CA SER A 80 -7.52 17.52 -4.72
C SER A 80 -7.99 18.90 -5.22
N ALA A 81 -7.29 19.95 -4.78
CA ALA A 81 -7.55 21.35 -5.16
C ALA A 81 -6.31 22.25 -5.03
N PHE A 82 -5.50 22.03 -3.97
CA PHE A 82 -4.32 22.83 -3.62
C PHE A 82 -3.12 21.92 -3.26
N PRO A 83 -1.87 22.35 -3.50
CA PRO A 83 -0.65 21.62 -3.10
C PRO A 83 -0.35 21.79 -1.58
N LYS A 84 -1.34 21.47 -0.74
CA LYS A 84 -1.34 21.72 0.72
C LYS A 84 -0.45 20.75 1.51
N ARG A 85 -0.19 19.59 0.92
CA ARG A 85 0.46 18.39 1.48
C ARG A 85 1.13 17.58 0.37
N ARG A 86 1.87 16.52 0.72
CA ARG A 86 2.40 15.51 -0.22
C ARG A 86 1.91 14.11 0.09
N VAL A 87 1.77 13.28 -0.94
CA VAL A 87 1.34 11.87 -0.86
C VAL A 87 2.47 10.91 -0.45
N ARG A 88 2.11 9.68 -0.08
CA ARG A 88 3.03 8.62 0.37
C ARG A 88 3.54 7.78 -0.81
N THR A 89 4.82 7.38 -0.77
CA THR A 89 5.56 6.76 -1.88
C THR A 89 6.71 5.85 -1.40
N LEU A 90 7.08 4.82 -2.18
CA LEU A 90 8.16 3.89 -1.81
C LEU A 90 9.55 4.56 -1.88
N LEU A 91 9.73 5.46 -2.84
CA LEU A 91 10.88 6.37 -2.93
C LEU A 91 11.12 7.14 -1.61
N SER A 92 10.08 7.29 -0.79
CA SER A 92 10.16 7.77 0.61
C SER A 92 10.23 6.65 1.66
N VAL A 93 9.34 5.64 1.63
CA VAL A 93 9.28 4.54 2.60
C VAL A 93 10.39 3.51 2.39
N LEU A 94 10.51 2.96 1.19
CA LEU A 94 11.42 1.88 0.85
C LEU A 94 12.88 2.36 0.90
N LYS A 95 13.10 3.67 0.73
CA LYS A 95 14.39 4.34 0.90
C LYS A 95 14.82 4.41 2.38
N ASP A 96 13.96 3.98 3.32
CA ASP A 96 14.32 3.86 4.75
C ASP A 96 13.98 2.46 5.33
N PRO A 97 14.93 1.76 5.97
CA PRO A 97 14.66 0.42 6.49
C PRO A 97 13.58 0.40 7.58
N ILE A 98 13.36 1.50 8.31
CA ILE A 98 12.33 1.59 9.34
C ILE A 98 10.95 1.84 8.73
N ALA A 99 10.83 2.74 7.76
CA ALA A 99 9.57 3.02 7.07
C ALA A 99 9.07 1.78 6.31
N LYS A 100 9.98 0.99 5.75
CA LYS A 100 9.72 -0.34 5.18
C LYS A 100 9.05 -1.29 6.17
N MET A 101 9.71 -1.50 7.32
CA MET A 101 9.24 -2.46 8.33
C MET A 101 8.02 -1.95 9.07
N ARG A 102 7.90 -0.63 9.25
CA ARG A 102 6.76 0.04 9.86
C ARG A 102 5.54 -0.14 8.98
N ARG A 103 5.62 0.18 7.69
CA ARG A 103 4.49 -0.07 6.78
C ARG A 103 4.12 -1.55 6.62
N LEU A 104 5.06 -2.48 6.85
CA LEU A 104 4.78 -3.91 6.71
C LEU A 104 4.27 -4.60 7.97
N VAL A 105 4.73 -4.16 9.15
CA VAL A 105 4.30 -4.69 10.45
C VAL A 105 3.20 -3.81 11.04
N ARG A 106 3.46 -2.51 11.19
CA ARG A 106 2.57 -1.54 11.85
C ARG A 106 1.27 -1.35 11.09
N ILE A 107 1.36 -1.14 9.77
CA ILE A 107 0.17 -0.93 8.92
C ILE A 107 -0.64 -2.21 8.81
N GLU A 108 0.03 -3.32 8.47
CA GLU A 108 -0.60 -4.63 8.35
C GLU A 108 -1.34 -5.02 9.66
N GLN A 109 -0.70 -4.88 10.82
CA GLN A 109 -1.33 -5.17 12.12
C GLN A 109 -2.47 -4.20 12.45
N ARG A 110 -2.41 -2.93 12.02
CA ARG A 110 -3.51 -1.95 12.19
C ARG A 110 -4.75 -2.37 11.42
N GLN A 111 -4.63 -2.68 10.13
CA GLN A 111 -5.78 -3.13 9.33
C GLN A 111 -6.29 -4.51 9.74
N LYS A 112 -5.40 -5.44 10.13
CA LYS A 112 -5.79 -6.77 10.61
C LYS A 112 -6.61 -6.71 11.92
N ARG A 113 -6.25 -5.81 12.85
CA ARG A 113 -7.03 -5.58 14.09
C ARG A 113 -8.35 -4.87 13.83
N LEU A 114 -8.38 -3.95 12.86
CA LEU A 114 -9.59 -3.24 12.44
C LEU A 114 -10.68 -4.15 11.83
N GLU A 115 -10.31 -5.31 11.28
CA GLU A 115 -11.28 -6.32 10.81
C GLU A 115 -12.25 -6.83 11.90
N GLY A 116 -11.90 -6.64 13.18
CA GLY A 116 -12.78 -6.92 14.32
C GLY A 116 -13.89 -5.87 14.57
N ASN A 117 -13.89 -4.76 13.82
CA ASN A 117 -14.74 -3.57 14.01
C ASN A 117 -14.58 -2.88 15.39
N GLU A 118 -15.26 -1.75 15.59
CA GLU A 118 -15.25 -0.94 16.82
C GLU A 118 -16.68 -0.73 17.36
N PHE A 119 -16.80 -0.40 18.65
CA PHE A 119 -18.09 -0.09 19.27
C PHE A 119 -18.70 1.19 18.70
N GLU A 120 -20.02 1.19 18.48
CA GLU A 120 -20.82 2.30 17.89
C GLU A 120 -20.40 2.70 16.44
N ARG A 121 -19.53 1.92 15.78
CA ARG A 121 -19.09 2.13 14.38
C ARG A 121 -19.98 1.39 13.38
N ASP A 122 -20.26 2.04 12.25
CA ASP A 122 -21.09 1.53 11.15
C ASP A 122 -20.31 1.46 9.82
N SER A 123 -20.84 0.74 8.84
CA SER A 123 -20.20 0.48 7.53
C SER A 123 -19.97 1.73 6.66
N GLU A 124 -20.64 2.85 6.95
CA GLU A 124 -20.43 4.16 6.32
C GLU A 124 -20.48 5.30 7.37
N PRO A 125 -19.77 6.43 7.15
CA PRO A 125 -19.72 7.55 8.10
C PRO A 125 -21.06 8.31 8.19
N PHE A 126 -21.31 8.90 9.38
CA PHE A 126 -22.51 9.68 9.69
C PHE A 126 -22.44 11.15 9.17
ZN ZN B . 3.16 -11.14 1.36
ZN ZN C . -6.44 1.51 -0.93
ZN ZN D . 3.71 -3.75 -10.76
N GLY A 1 -6.67 -23.97 1.36
CA GLY A 1 -5.60 -22.95 1.26
C GLY A 1 -4.28 -23.45 1.84
N PRO A 2 -3.15 -22.81 1.49
CA PRO A 2 -1.81 -23.18 1.97
C PRO A 2 -1.62 -22.85 3.47
N LEU A 3 -0.71 -23.57 4.12
CA LEU A 3 -0.34 -23.36 5.52
C LEU A 3 0.58 -22.14 5.74
N GLY A 4 0.44 -21.47 6.88
CA GLY A 4 1.37 -20.42 7.34
C GLY A 4 2.59 -21.04 8.04
N SER A 5 3.79 -20.82 7.48
CA SER A 5 5.08 -21.31 8.00
C SER A 5 6.25 -20.48 7.49
N GLY A 6 7.39 -20.53 8.20
CA GLY A 6 8.62 -19.80 7.85
C GLY A 6 8.52 -18.27 8.05
N PRO A 7 9.40 -17.47 7.43
CA PRO A 7 9.36 -16.01 7.51
C PRO A 7 8.07 -15.48 6.85
N SER A 8 7.26 -14.72 7.59
CA SER A 8 5.90 -14.34 7.18
C SER A 8 5.70 -12.83 6.93
N CYS A 9 5.04 -12.51 5.82
CA CYS A 9 4.80 -11.14 5.33
C CYS A 9 3.59 -10.40 5.96
N ARG A 10 3.07 -10.97 7.04
CA ARG A 10 1.99 -10.52 7.95
C ARG A 10 0.60 -10.48 7.37
N PHE A 11 0.48 -9.98 6.14
CA PHE A 11 -0.84 -9.77 5.53
C PHE A 11 -1.26 -10.91 4.58
N CYS A 12 -0.36 -11.86 4.32
CA CYS A 12 -0.57 -13.04 3.45
C CYS A 12 0.18 -14.32 3.92
N LYS A 13 1.24 -14.17 4.74
CA LYS A 13 1.98 -15.20 5.48
C LYS A 13 2.41 -16.42 4.65
N ASP A 14 3.16 -16.10 3.60
CA ASP A 14 3.74 -17.06 2.66
C ASP A 14 5.28 -17.02 2.64
N ASP A 15 5.89 -15.88 2.28
CA ASP A 15 7.34 -15.65 2.36
C ASP A 15 7.68 -14.16 2.31
N GLU A 16 8.51 -13.66 3.25
CA GLU A 16 8.93 -12.26 3.25
C GLU A 16 9.81 -11.87 2.05
N ASN A 17 10.53 -12.82 1.44
CA ASN A 17 11.34 -12.54 0.24
C ASN A 17 10.53 -12.60 -1.07
N LYS A 18 9.26 -13.03 -1.03
CA LYS A 18 8.35 -13.05 -2.20
C LYS A 18 7.45 -11.80 -2.25
N PRO A 19 7.16 -11.26 -3.45
CA PRO A 19 6.19 -10.19 -3.63
C PRO A 19 4.74 -10.70 -3.60
N CYS A 20 3.81 -9.80 -3.24
CA CYS A 20 2.38 -10.01 -3.18
C CYS A 20 1.60 -8.79 -3.75
N ARG A 21 0.28 -8.88 -3.81
CA ARG A 21 -0.59 -7.71 -4.10
C ARG A 21 -0.62 -6.67 -2.98
N LYS A 22 -0.54 -7.11 -1.72
CA LYS A 22 -0.58 -6.23 -0.54
C LYS A 22 0.82 -5.75 -0.13
N CYS A 23 1.81 -6.62 -0.28
CA CYS A 23 3.20 -6.36 0.11
C CYS A 23 3.98 -5.58 -0.97
N ALA A 24 3.78 -5.95 -2.25
CA ALA A 24 4.27 -5.24 -3.43
C ALA A 24 3.08 -4.73 -4.28
N CYS A 25 3.22 -4.71 -5.61
CA CYS A 25 2.24 -4.11 -6.52
C CYS A 25 0.87 -4.82 -6.44
N HIS A 26 -0.23 -4.10 -6.15
CA HIS A 26 -1.57 -4.70 -6.15
C HIS A 26 -2.11 -5.02 -7.56
N VAL A 27 -1.45 -4.48 -8.58
CA VAL A 27 -1.90 -4.46 -9.99
C VAL A 27 -1.20 -5.49 -10.88
N CYS A 28 0.08 -5.83 -10.59
CA CYS A 28 0.79 -6.95 -11.23
C CYS A 28 1.12 -8.09 -10.24
N GLY A 29 1.02 -7.80 -8.94
CA GLY A 29 1.27 -8.79 -7.87
C GLY A 29 2.76 -9.12 -7.71
N GLY A 30 3.64 -8.15 -7.99
CA GLY A 30 5.08 -8.35 -8.11
C GLY A 30 5.89 -7.11 -7.71
N ARG A 31 7.22 -7.24 -7.71
CA ARG A 31 8.17 -6.15 -7.44
C ARG A 31 9.31 -6.10 -8.46
N GLU A 32 9.83 -4.90 -8.70
CA GLU A 32 11.01 -4.64 -9.55
C GLU A 32 11.74 -3.38 -9.05
N ALA A 33 11.00 -2.26 -8.98
CA ALA A 33 11.47 -0.98 -8.47
C ALA A 33 10.83 -0.65 -7.09
N PRO A 34 11.59 -0.68 -5.98
CA PRO A 34 11.14 -0.17 -4.67
C PRO A 34 11.25 1.36 -4.56
N GLU A 35 11.26 2.05 -5.69
CA GLU A 35 11.47 3.50 -5.84
C GLU A 35 10.54 4.09 -6.93
N LYS A 36 9.48 3.35 -7.31
CA LYS A 36 8.44 3.74 -8.27
C LYS A 36 7.09 3.08 -7.93
N GLN A 37 6.67 3.03 -6.66
CA GLN A 37 5.37 2.51 -6.25
C GLN A 37 4.71 3.53 -5.33
N LEU A 38 3.41 3.71 -5.52
CA LEU A 38 2.56 4.60 -4.71
C LEU A 38 1.92 3.82 -3.56
N LEU A 39 1.69 4.46 -2.41
CA LEU A 39 0.93 3.89 -1.29
C LEU A 39 -0.46 4.55 -1.18
N CYS A 40 -1.54 3.76 -1.10
CA CYS A 40 -2.84 4.33 -0.71
C CYS A 40 -2.79 5.03 0.68
N ASP A 41 -3.75 5.91 0.93
CA ASP A 41 -3.95 6.62 2.21
C ASP A 41 -5.00 5.94 3.10
N GLU A 42 -5.82 5.03 2.55
CA GLU A 42 -6.72 4.16 3.32
C GLU A 42 -6.12 2.75 3.51
N CYS A 43 -5.52 2.17 2.46
CA CYS A 43 -5.02 0.80 2.48
C CYS A 43 -3.50 0.73 2.77
N ASP A 44 -2.75 1.76 2.35
CA ASP A 44 -1.28 1.81 2.33
C ASP A 44 -0.63 0.66 1.54
N MET A 45 -1.24 0.33 0.41
CA MET A 45 -0.78 -0.76 -0.47
C MET A 45 0.03 -0.22 -1.65
N ALA A 46 1.04 -0.96 -2.12
CA ALA A 46 1.94 -0.50 -3.19
C ALA A 46 1.34 -0.65 -4.60
N PHE A 47 1.66 0.29 -5.50
CA PHE A 47 1.17 0.34 -6.88
C PHE A 47 2.21 1.00 -7.77
N HIS A 48 2.87 0.20 -8.61
CA HIS A 48 3.85 0.72 -9.58
C HIS A 48 3.32 1.89 -10.39
N LEU A 49 4.10 2.96 -10.51
CA LEU A 49 3.74 4.13 -11.32
C LEU A 49 3.41 3.78 -12.78
N TYR A 50 3.88 2.64 -13.27
CA TYR A 50 3.76 2.18 -14.65
C TYR A 50 2.80 1.00 -14.81
N CYS A 51 2.22 0.50 -13.71
CA CYS A 51 1.13 -0.47 -13.74
C CYS A 51 -0.22 0.21 -13.40
N LEU A 52 -0.20 1.04 -12.36
CA LEU A 52 -1.32 1.85 -11.88
C LEU A 52 -1.72 2.97 -12.86
N LYS A 53 -0.79 3.46 -13.71
CA LYS A 53 -1.02 4.51 -14.73
C LYS A 53 -0.22 4.24 -16.02
N PRO A 54 -0.77 4.51 -17.23
CA PRO A 54 -0.03 4.51 -18.48
C PRO A 54 0.91 5.72 -18.77
N PRO A 55 0.57 7.00 -18.43
CA PRO A 55 1.30 8.18 -18.90
C PRO A 55 2.77 8.31 -18.46
N LEU A 56 2.93 8.42 -17.16
CA LEU A 56 4.15 8.82 -16.44
C LEU A 56 4.73 7.72 -15.51
N THR A 57 5.96 7.95 -15.05
CA THR A 57 6.77 7.01 -14.24
C THR A 57 7.13 7.59 -12.86
N SER A 58 6.59 8.77 -12.54
CA SER A 58 6.84 9.54 -11.30
C SER A 58 5.53 9.91 -10.57
N VAL A 59 5.59 10.13 -9.25
CA VAL A 59 4.43 10.39 -8.40
C VAL A 59 3.84 11.80 -8.63
N PRO A 60 2.50 11.93 -8.81
CA PRO A 60 1.84 13.22 -9.05
C PRO A 60 1.73 14.08 -7.77
N PRO A 61 1.74 15.43 -7.90
CA PRO A 61 1.62 16.34 -6.77
C PRO A 61 0.16 16.51 -6.30
N GLU A 62 -0.20 15.83 -5.21
CA GLU A 62 -1.49 15.96 -4.50
C GLU A 62 -1.30 15.75 -2.98
N PRO A 63 -2.20 16.24 -2.10
CA PRO A 63 -2.04 16.11 -0.64
C PRO A 63 -2.35 14.71 -0.11
N GLU A 64 -3.32 14.01 -0.70
CA GLU A 64 -3.76 12.67 -0.29
C GLU A 64 -4.15 11.83 -1.52
N TRP A 65 -3.68 10.59 -1.57
CA TRP A 65 -3.85 9.67 -2.70
C TRP A 65 -4.33 8.31 -2.20
N TYR A 66 -5.37 7.77 -2.83
CA TYR A 66 -5.90 6.43 -2.58
C TYR A 66 -5.91 5.61 -3.87
N CYS A 67 -5.78 4.26 -3.83
CA CYS A 67 -5.84 3.40 -5.00
C CYS A 67 -6.99 3.78 -6.00
N PRO A 68 -6.89 3.47 -7.30
CA PRO A 68 -7.87 3.94 -8.30
C PRO A 68 -9.34 3.54 -8.01
N SER A 69 -9.58 2.43 -7.32
CA SER A 69 -10.92 2.07 -6.83
C SER A 69 -11.37 2.97 -5.66
N CYS A 70 -10.50 3.20 -4.67
CA CYS A 70 -10.74 4.11 -3.55
C CYS A 70 -10.93 5.57 -4.00
N ARG A 71 -10.17 6.02 -5.01
CA ARG A 71 -10.22 7.36 -5.61
C ARG A 71 -11.55 7.65 -6.31
N THR A 72 -12.21 6.63 -6.88
CA THR A 72 -13.52 6.78 -7.56
C THR A 72 -14.72 6.53 -6.65
N ASP A 73 -14.52 5.91 -5.48
CA ASP A 73 -15.55 5.81 -4.43
C ASP A 73 -15.53 7.02 -3.46
N SER A 74 -14.33 7.48 -3.09
CA SER A 74 -14.09 8.65 -2.23
C SER A 74 -14.18 9.97 -3.01
N ARG A 75 -13.94 11.09 -2.35
CA ARG A 75 -14.03 12.45 -2.90
C ARG A 75 -12.78 12.85 -3.69
N ARG A 76 -12.89 13.90 -4.50
CA ARG A 76 -11.86 14.45 -5.38
C ARG A 76 -11.82 15.98 -5.30
N GLU A 77 -10.69 16.58 -5.66
CA GLU A 77 -10.52 18.03 -5.84
C GLU A 77 -9.56 18.33 -7.00
N VAL A 78 -9.82 19.41 -7.74
CA VAL A 78 -9.03 19.88 -8.89
C VAL A 78 -8.88 21.42 -8.94
N GLN A 79 -9.62 22.17 -8.12
CA GLN A 79 -9.47 23.61 -7.94
C GLN A 79 -8.30 23.93 -6.98
N SER A 80 -7.09 23.55 -7.38
CA SER A 80 -5.88 23.62 -6.56
C SER A 80 -4.67 24.12 -7.36
N ALA A 81 -4.05 25.21 -6.88
CA ALA A 81 -2.81 25.74 -7.45
C ALA A 81 -1.54 25.07 -6.84
N PHE A 82 -1.59 24.76 -5.54
CA PHE A 82 -0.52 24.14 -4.76
C PHE A 82 -1.06 23.02 -3.84
N PRO A 83 -0.36 21.88 -3.67
CA PRO A 83 -0.76 20.84 -2.72
C PRO A 83 -0.56 21.29 -1.27
N LYS A 84 -1.56 20.97 -0.42
CA LYS A 84 -1.57 21.28 1.03
C LYS A 84 -0.61 20.37 1.84
N ARG A 85 -0.28 19.21 1.28
CA ARG A 85 0.55 18.14 1.90
C ARG A 85 1.34 17.38 0.82
N ARG A 86 1.92 16.22 1.14
CA ARG A 86 2.55 15.30 0.18
C ARG A 86 2.08 13.86 0.38
N VAL A 87 2.05 13.08 -0.69
CA VAL A 87 1.61 11.68 -0.69
C VAL A 87 2.73 10.67 -0.49
N ARG A 88 2.31 9.45 -0.10
CA ARG A 88 3.15 8.36 0.40
C ARG A 88 3.47 7.36 -0.72
N THR A 89 4.70 6.86 -0.70
CA THR A 89 5.33 6.11 -1.79
C THR A 89 6.44 5.20 -1.26
N LEU A 90 6.89 4.20 -2.03
CA LEU A 90 7.98 3.30 -1.61
C LEU A 90 9.35 3.96 -1.67
N LEU A 91 9.57 4.84 -2.64
CA LEU A 91 10.71 5.75 -2.70
C LEU A 91 10.87 6.59 -1.41
N SER A 92 9.80 6.74 -0.62
CA SER A 92 9.83 7.28 0.74
C SER A 92 9.85 6.20 1.85
N VAL A 93 8.93 5.23 1.82
CA VAL A 93 8.77 4.17 2.83
C VAL A 93 9.82 3.08 2.69
N LEU A 94 9.94 2.48 1.51
CA LEU A 94 10.83 1.35 1.25
C LEU A 94 12.31 1.79 1.28
N LYS A 95 12.55 3.10 1.07
CA LYS A 95 13.85 3.75 1.28
C LYS A 95 14.27 3.78 2.76
N ASP A 96 13.39 3.40 3.69
CA ASP A 96 13.71 3.33 5.13
C ASP A 96 13.30 1.99 5.77
N PRO A 97 14.20 1.27 6.47
CA PRO A 97 13.86 -0.04 7.03
C PRO A 97 12.77 0.02 8.09
N ILE A 98 12.58 1.15 8.77
CA ILE A 98 11.50 1.33 9.76
C ILE A 98 10.17 1.57 9.06
N ALA A 99 10.11 2.45 8.06
CA ALA A 99 8.89 2.75 7.31
C ALA A 99 8.39 1.52 6.54
N LYS A 100 9.31 0.67 6.05
CA LYS A 100 9.05 -0.67 5.49
C LYS A 100 8.30 -1.57 6.46
N MET A 101 8.85 -1.77 7.65
CA MET A 101 8.27 -2.69 8.65
C MET A 101 7.04 -2.09 9.30
N ARG A 102 6.99 -0.76 9.44
CA ARG A 102 5.86 -0.03 9.99
C ARG A 102 4.68 -0.14 9.05
N ARG A 103 4.86 0.08 7.74
CA ARG A 103 3.75 -0.13 6.80
C ARG A 103 3.31 -1.59 6.73
N LEU A 104 4.19 -2.55 7.00
CA LEU A 104 3.87 -3.97 6.85
C LEU A 104 3.26 -4.63 8.08
N VAL A 105 3.61 -4.13 9.26
CA VAL A 105 3.07 -4.60 10.52
C VAL A 105 2.05 -3.60 11.06
N ARG A 106 2.44 -2.34 11.26
CA ARG A 106 1.60 -1.30 11.90
C ARG A 106 0.35 -0.99 11.09
N ILE A 107 0.49 -0.85 9.77
CA ILE A 107 -0.66 -0.59 8.89
C ILE A 107 -1.57 -1.82 8.82
N GLU A 108 -0.94 -2.98 8.64
CA GLU A 108 -1.60 -4.27 8.52
C GLU A 108 -2.51 -4.57 9.71
N GLN A 109 -2.00 -4.46 10.94
CA GLN A 109 -2.83 -4.67 12.14
C GLN A 109 -3.95 -3.64 12.28
N ARG A 110 -3.74 -2.39 11.83
CA ARG A 110 -4.77 -1.33 11.84
C ARG A 110 -5.91 -1.68 10.88
N GLN A 111 -5.62 -1.96 9.61
CA GLN A 111 -6.67 -2.29 8.63
C GLN A 111 -7.36 -3.64 8.92
N LYS A 112 -6.61 -4.65 9.41
CA LYS A 112 -7.20 -5.97 9.67
C LYS A 112 -8.17 -5.98 10.84
N ARG A 113 -7.98 -5.07 11.82
CA ARG A 113 -8.95 -4.83 12.89
C ARG A 113 -10.12 -3.97 12.42
N LEU A 114 -9.85 -2.93 11.63
CA LEU A 114 -10.86 -2.02 11.09
C LEU A 114 -11.91 -2.73 10.23
N GLU A 115 -11.48 -3.71 9.42
CA GLU A 115 -12.38 -4.47 8.55
C GLU A 115 -13.34 -5.39 9.32
N GLY A 116 -13.08 -5.63 10.61
CA GLY A 116 -14.00 -6.30 11.53
C GLY A 116 -15.18 -5.42 11.99
N ASN A 117 -15.11 -4.10 11.77
CA ASN A 117 -16.17 -3.13 12.08
C ASN A 117 -16.75 -2.47 10.80
N GLU A 118 -15.90 -2.22 9.79
CA GLU A 118 -16.26 -1.62 8.50
C GLU A 118 -15.78 -2.50 7.34
N PHE A 119 -16.55 -3.55 7.02
CA PHE A 119 -16.22 -4.54 5.98
C PHE A 119 -16.56 -4.03 4.55
N GLU A 120 -16.06 -2.85 4.20
CA GLU A 120 -16.28 -2.22 2.89
C GLU A 120 -15.47 -2.90 1.77
N ARG A 121 -14.33 -3.52 2.13
CA ARG A 121 -13.45 -4.32 1.26
C ARG A 121 -12.97 -5.59 1.99
N ASP A 122 -12.50 -6.57 1.22
CA ASP A 122 -11.96 -7.85 1.70
C ASP A 122 -10.53 -8.08 1.18
N SER A 123 -9.60 -8.43 2.06
CA SER A 123 -8.16 -8.63 1.77
C SER A 123 -7.66 -10.07 2.00
N GLU A 124 -8.53 -10.98 2.43
CA GLU A 124 -8.18 -12.37 2.76
C GLU A 124 -7.85 -13.28 1.56
N PRO A 125 -8.55 -13.25 0.40
CA PRO A 125 -8.36 -14.25 -0.67
C PRO A 125 -7.17 -13.95 -1.60
N PHE A 126 -6.56 -12.77 -1.49
CA PHE A 126 -5.45 -12.30 -2.33
C PHE A 126 -4.07 -12.76 -1.83
ZN ZN B . 2.42 -10.73 1.52
ZN ZN C . -7.04 1.94 -1.22
ZN ZN D . 3.40 -3.64 -10.97
N GLY A 1 2.51 -20.79 -2.43
CA GLY A 1 1.93 -20.89 -1.08
C GLY A 1 2.93 -21.44 -0.06
N PRO A 2 2.67 -21.29 1.25
CA PRO A 2 3.58 -21.71 2.33
C PRO A 2 3.53 -23.22 2.65
N LEU A 3 2.54 -23.96 2.13
CA LEU A 3 2.32 -25.39 2.36
C LEU A 3 2.22 -25.80 3.85
N GLY A 4 1.86 -24.86 4.72
CA GLY A 4 1.81 -25.03 6.18
C GLY A 4 3.17 -25.06 6.90
N SER A 5 4.28 -24.80 6.19
CA SER A 5 5.66 -24.92 6.71
C SER A 5 6.55 -23.70 6.46
N GLY A 6 6.35 -22.96 5.36
CA GLY A 6 7.10 -21.75 5.02
C GLY A 6 6.70 -20.52 5.87
N PRO A 7 7.61 -19.55 6.06
CA PRO A 7 7.33 -18.32 6.83
C PRO A 7 6.32 -17.44 6.08
N SER A 8 5.20 -17.11 6.73
CA SER A 8 4.03 -16.46 6.12
C SER A 8 3.66 -15.12 6.76
N CYS A 9 3.32 -14.14 5.90
CA CYS A 9 2.68 -12.88 6.24
C CYS A 9 1.21 -13.17 6.67
N ARG A 10 0.42 -12.16 7.08
CA ARG A 10 -1.03 -12.36 7.39
C ARG A 10 -1.91 -11.83 6.30
N PHE A 11 -1.45 -10.77 5.64
CA PHE A 11 -2.26 -10.08 4.66
C PHE A 11 -2.22 -10.68 3.24
N CYS A 12 -1.22 -11.53 3.00
CA CYS A 12 -1.04 -12.28 1.74
C CYS A 12 -0.56 -13.73 1.95
N LYS A 13 0.12 -14.00 3.07
CA LYS A 13 0.59 -15.30 3.57
C LYS A 13 1.41 -16.20 2.63
N ASP A 14 1.93 -15.69 1.51
CA ASP A 14 2.52 -16.55 0.48
C ASP A 14 3.94 -16.96 0.88
N ASP A 15 4.80 -15.95 1.11
CA ASP A 15 6.11 -16.10 1.75
C ASP A 15 6.67 -14.73 2.16
N GLU A 16 7.16 -14.60 3.40
CA GLU A 16 7.75 -13.34 3.90
C GLU A 16 9.01 -12.90 3.14
N ASN A 17 9.74 -13.82 2.49
CA ASN A 17 10.90 -13.47 1.67
C ASN A 17 10.53 -13.14 0.20
N LYS A 18 9.27 -13.35 -0.22
CA LYS A 18 8.77 -13.06 -1.58
C LYS A 18 7.98 -11.73 -1.66
N PRO A 19 7.94 -11.08 -2.83
CA PRO A 19 7.01 -9.99 -3.09
C PRO A 19 5.57 -10.54 -3.20
N CYS A 20 4.60 -9.71 -2.79
CA CYS A 20 3.17 -10.00 -2.85
C CYS A 20 2.38 -8.75 -3.31
N ARG A 21 1.06 -8.85 -3.28
CA ARG A 21 0.11 -7.73 -3.47
C ARG A 21 0.10 -6.72 -2.32
N LYS A 22 0.57 -7.11 -1.12
CA LYS A 22 0.63 -6.23 0.07
C LYS A 22 2.08 -5.94 0.49
N CYS A 23 2.96 -6.91 0.26
CA CYS A 23 4.40 -6.79 0.51
C CYS A 23 5.10 -5.94 -0.58
N ALA A 24 4.58 -5.96 -1.81
CA ALA A 24 5.02 -5.17 -2.95
C ALA A 24 3.80 -4.66 -3.77
N CYS A 25 3.90 -4.60 -5.10
CA CYS A 25 2.88 -4.03 -5.97
C CYS A 25 1.52 -4.76 -5.83
N HIS A 26 0.45 -4.04 -5.52
CA HIS A 26 -0.91 -4.59 -5.44
C HIS A 26 -1.52 -4.92 -6.82
N VAL A 27 -0.88 -4.47 -7.89
CA VAL A 27 -1.41 -4.49 -9.26
C VAL A 27 -0.73 -5.51 -10.19
N CYS A 28 0.55 -5.84 -9.95
CA CYS A 28 1.25 -6.96 -10.60
C CYS A 28 1.66 -8.08 -9.62
N GLY A 29 1.65 -7.78 -8.32
CA GLY A 29 1.97 -8.75 -7.25
C GLY A 29 3.46 -9.09 -7.18
N GLY A 30 4.33 -8.10 -7.39
CA GLY A 30 5.77 -8.24 -7.57
C GLY A 30 6.53 -6.97 -7.24
N ARG A 31 7.87 -7.04 -7.27
CA ARG A 31 8.77 -5.89 -7.09
C ARG A 31 9.84 -5.81 -8.17
N GLU A 32 10.27 -4.60 -8.51
CA GLU A 32 11.35 -4.32 -9.46
C GLU A 32 12.06 -3.01 -9.08
N ALA A 33 11.30 -1.90 -9.08
CA ALA A 33 11.74 -0.58 -8.66
C ALA A 33 11.16 -0.20 -7.27
N PRO A 34 11.98 -0.09 -6.21
CA PRO A 34 11.58 0.45 -4.91
C PRO A 34 11.55 1.99 -4.88
N GLU A 35 11.65 2.65 -6.03
CA GLU A 35 11.66 4.10 -6.21
C GLU A 35 10.72 4.54 -7.36
N LYS A 36 9.69 3.71 -7.66
CA LYS A 36 8.58 4.02 -8.60
C LYS A 36 7.27 3.33 -8.15
N GLN A 37 6.91 3.37 -6.87
CA GLN A 37 5.67 2.84 -6.33
C GLN A 37 4.99 3.88 -5.40
N LEU A 38 3.67 3.94 -5.50
CA LEU A 38 2.75 4.78 -4.70
C LEU A 38 2.13 4.00 -3.56
N LEU A 39 1.75 4.68 -2.48
CA LEU A 39 1.07 4.08 -1.35
C LEU A 39 -0.35 4.59 -1.21
N CYS A 40 -1.31 3.70 -0.97
CA CYS A 40 -2.63 4.13 -0.57
C CYS A 40 -2.58 4.82 0.82
N ASP A 41 -3.52 5.72 1.06
CA ASP A 41 -3.68 6.46 2.33
C ASP A 41 -4.65 5.77 3.32
N GLU A 42 -5.48 4.84 2.85
CA GLU A 42 -6.37 4.04 3.74
C GLU A 42 -5.82 2.64 4.00
N CYS A 43 -5.26 1.96 2.99
CA CYS A 43 -4.77 0.59 3.10
C CYS A 43 -3.22 0.46 3.05
N ASP A 44 -2.51 1.53 2.70
CA ASP A 44 -1.03 1.63 2.72
C ASP A 44 -0.30 0.58 1.87
N MET A 45 -0.85 0.28 0.69
CA MET A 45 -0.28 -0.73 -0.23
C MET A 45 0.52 -0.09 -1.36
N ALA A 46 1.59 -0.75 -1.82
CA ALA A 46 2.45 -0.25 -2.91
C ALA A 46 1.80 -0.43 -4.30
N PHE A 47 2.08 0.47 -5.25
CA PHE A 47 1.51 0.45 -6.59
C PHE A 47 2.47 1.12 -7.56
N HIS A 48 3.11 0.32 -8.40
CA HIS A 48 4.02 0.82 -9.45
C HIS A 48 3.40 1.93 -10.29
N LEU A 49 4.15 3.02 -10.51
CA LEU A 49 3.73 4.13 -11.36
C LEU A 49 3.34 3.72 -12.80
N TYR A 50 3.80 2.55 -13.23
CA TYR A 50 3.62 2.00 -14.57
C TYR A 50 2.71 0.77 -14.60
N CYS A 51 2.17 0.36 -13.43
CA CYS A 51 1.14 -0.66 -13.35
C CYS A 51 -0.22 -0.02 -12.97
N LEU A 52 -0.20 0.87 -11.97
CA LEU A 52 -1.33 1.65 -11.47
C LEU A 52 -1.82 2.71 -12.48
N LYS A 53 -0.96 3.15 -13.42
CA LYS A 53 -1.28 4.10 -14.50
C LYS A 53 -0.54 3.75 -15.81
N PRO A 54 -1.20 3.77 -16.99
CA PRO A 54 -0.53 3.70 -18.28
C PRO A 54 0.24 4.97 -18.73
N PRO A 55 -0.22 6.22 -18.47
CA PRO A 55 0.37 7.44 -19.07
C PRO A 55 1.74 7.85 -18.49
N LEU A 56 1.72 8.62 -17.40
CA LEU A 56 2.91 9.11 -16.68
C LEU A 56 3.67 7.99 -15.92
N THR A 57 4.92 8.28 -15.56
CA THR A 57 5.86 7.38 -14.85
C THR A 57 6.31 7.96 -13.50
N SER A 58 5.72 9.08 -13.08
CA SER A 58 6.08 9.86 -11.88
C SER A 58 4.85 10.17 -11.00
N VAL A 59 5.07 10.33 -9.70
CA VAL A 59 4.05 10.58 -8.69
C VAL A 59 3.37 11.96 -8.86
N PRO A 60 2.02 12.04 -8.84
CA PRO A 60 1.27 13.28 -9.08
C PRO A 60 1.38 14.31 -7.93
N PRO A 61 1.28 15.63 -8.22
CA PRO A 61 1.26 16.68 -7.20
C PRO A 61 -0.16 16.89 -6.65
N GLU A 62 -0.44 16.26 -5.50
CA GLU A 62 -1.66 16.42 -4.70
C GLU A 62 -1.39 16.10 -3.21
N PRO A 63 -2.25 16.48 -2.25
CA PRO A 63 -1.98 16.23 -0.83
C PRO A 63 -2.22 14.78 -0.38
N GLU A 64 -3.19 14.09 -0.98
CA GLU A 64 -3.66 12.75 -0.55
C GLU A 64 -4.01 11.85 -1.74
N TRP A 65 -3.73 10.54 -1.62
CA TRP A 65 -3.94 9.55 -2.68
C TRP A 65 -4.35 8.19 -2.10
N TYR A 66 -5.38 7.58 -2.69
CA TYR A 66 -5.83 6.21 -2.41
C TYR A 66 -5.89 5.39 -3.70
N CYS A 67 -5.58 4.09 -3.64
CA CYS A 67 -5.81 3.19 -4.76
C CYS A 67 -7.21 3.28 -5.39
N PRO A 68 -7.40 2.91 -6.68
CA PRO A 68 -8.73 2.91 -7.32
C PRO A 68 -9.82 2.12 -6.57
N SER A 69 -9.46 1.10 -5.78
CA SER A 69 -10.44 0.35 -4.95
C SER A 69 -10.93 1.15 -3.74
N CYS A 70 -10.04 1.74 -2.94
CA CYS A 70 -10.41 2.68 -1.87
C CYS A 70 -10.98 4.00 -2.44
N ARG A 71 -10.46 4.45 -3.59
CA ARG A 71 -10.88 5.72 -4.24
C ARG A 71 -12.30 5.65 -4.85
N THR A 72 -12.84 4.45 -5.02
CA THR A 72 -14.27 4.22 -5.37
C THR A 72 -15.17 4.27 -4.12
N ASP A 73 -14.60 4.09 -2.93
CA ASP A 73 -15.29 4.06 -1.63
C ASP A 73 -15.10 5.36 -0.79
N SER A 74 -14.63 6.44 -1.42
CA SER A 74 -14.38 7.75 -0.78
C SER A 74 -15.61 8.33 -0.09
N ARG A 75 -15.42 8.97 1.07
CA ARG A 75 -16.48 9.42 1.98
C ARG A 75 -16.86 10.91 1.81
N ARG A 76 -18.00 11.30 2.38
CA ARG A 76 -18.68 12.60 2.19
C ARG A 76 -18.09 13.79 2.97
N GLU A 77 -16.77 13.80 3.14
CA GLU A 77 -16.02 14.96 3.64
C GLU A 77 -15.69 15.97 2.52
N VAL A 78 -15.09 17.10 2.88
CA VAL A 78 -14.72 18.20 1.98
C VAL A 78 -13.25 18.07 1.53
N GLN A 79 -12.98 18.34 0.24
CA GLN A 79 -11.64 18.30 -0.38
C GLN A 79 -11.24 19.68 -0.93
N SER A 80 -9.94 19.91 -1.10
CA SER A 80 -9.35 21.12 -1.70
C SER A 80 -8.73 20.83 -3.07
N ALA A 81 -8.84 21.78 -4.00
CA ALA A 81 -8.36 21.62 -5.39
C ALA A 81 -6.85 21.87 -5.57
N PHE A 82 -6.18 22.47 -4.58
CA PHE A 82 -4.78 22.92 -4.65
C PHE A 82 -3.80 21.89 -4.04
N PRO A 83 -2.57 21.74 -4.59
CA PRO A 83 -1.54 20.84 -4.06
C PRO A 83 -0.90 21.40 -2.78
N LYS A 84 -1.60 21.25 -1.65
CA LYS A 84 -1.21 21.80 -0.33
C LYS A 84 -0.06 21.02 0.34
N ARG A 85 0.11 19.75 -0.04
CA ARG A 85 1.18 18.82 0.37
C ARG A 85 1.48 17.83 -0.77
N ARG A 86 2.30 16.81 -0.52
CA ARG A 86 2.58 15.67 -1.42
C ARG A 86 2.03 14.33 -0.88
N VAL A 87 1.78 13.40 -1.79
CA VAL A 87 1.38 12.02 -1.48
C VAL A 87 2.56 11.12 -1.09
N ARG A 88 2.25 9.87 -0.73
CA ARG A 88 3.18 8.91 -0.12
C ARG A 88 3.68 7.90 -1.15
N THR A 89 4.93 7.46 -1.01
CA THR A 89 5.68 6.71 -2.04
C THR A 89 6.74 5.79 -1.44
N LEU A 90 7.15 4.73 -2.16
CA LEU A 90 8.21 3.82 -1.69
C LEU A 90 9.59 4.50 -1.72
N LEU A 91 9.84 5.35 -2.71
CA LEU A 91 10.99 6.26 -2.74
C LEU A 91 11.11 7.12 -1.46
N SER A 92 10.02 7.26 -0.70
CA SER A 92 10.00 7.80 0.67
C SER A 92 10.03 6.73 1.78
N VAL A 93 9.18 5.70 1.75
CA VAL A 93 9.11 4.64 2.77
C VAL A 93 10.25 3.63 2.63
N LEU A 94 10.38 3.03 1.45
CA LEU A 94 11.32 1.95 1.18
C LEU A 94 12.77 2.45 1.23
N LYS A 95 12.97 3.75 1.00
CA LYS A 95 14.26 4.43 1.14
C LYS A 95 14.62 4.70 2.62
N ASP A 96 13.78 4.25 3.58
CA ASP A 96 14.11 4.27 5.02
C ASP A 96 13.86 2.90 5.67
N PRO A 97 14.84 2.31 6.39
CA PRO A 97 14.66 0.98 6.97
C PRO A 97 13.55 0.92 8.03
N ILE A 98 13.21 2.05 8.67
CA ILE A 98 12.12 2.11 9.66
C ILE A 98 10.77 2.21 8.98
N ALA A 99 10.60 3.09 8.00
CA ALA A 99 9.33 3.28 7.29
C ALA A 99 8.93 2.01 6.53
N LYS A 100 9.91 1.25 6.02
CA LYS A 100 9.75 -0.11 5.45
C LYS A 100 9.10 -1.07 6.43
N MET A 101 9.70 -1.22 7.62
CA MET A 101 9.27 -2.19 8.63
C MET A 101 8.00 -1.73 9.33
N ARG A 102 7.82 -0.42 9.50
CA ARG A 102 6.63 0.19 10.07
C ARG A 102 5.45 -0.08 9.16
N ARG A 103 5.54 0.22 7.87
CA ARG A 103 4.45 -0.10 6.93
C ARG A 103 4.16 -1.60 6.81
N LEU A 104 5.13 -2.47 7.05
CA LEU A 104 4.95 -3.91 6.88
C LEU A 104 4.50 -4.66 8.13
N VAL A 105 4.86 -4.16 9.31
CA VAL A 105 4.42 -4.70 10.61
C VAL A 105 3.27 -3.89 11.18
N ARG A 106 3.46 -2.57 11.34
CA ARG A 106 2.52 -1.67 12.01
C ARG A 106 1.21 -1.55 11.24
N ILE A 107 1.31 -1.34 9.92
CA ILE A 107 0.13 -1.20 9.04
C ILE A 107 -0.58 -2.53 8.87
N GLU A 108 0.16 -3.60 8.56
CA GLU A 108 -0.30 -5.00 8.55
C GLU A 108 -1.12 -5.32 9.82
N GLN A 109 -0.55 -5.11 11.01
CA GLN A 109 -1.22 -5.46 12.27
C GLN A 109 -2.42 -4.56 12.58
N ARG A 110 -2.41 -3.29 12.16
CA ARG A 110 -3.62 -2.41 12.19
C ARG A 110 -4.73 -3.00 11.31
N GLN A 111 -4.48 -3.26 10.03
CA GLN A 111 -5.54 -3.75 9.13
C GLN A 111 -6.00 -5.17 9.47
N LYS A 112 -5.09 -6.05 9.93
CA LYS A 112 -5.46 -7.43 10.32
C LYS A 112 -6.32 -7.48 11.58
N ARG A 113 -6.17 -6.53 12.51
CA ARG A 113 -7.08 -6.37 13.66
C ARG A 113 -8.46 -5.84 13.25
N LEU A 114 -8.50 -4.91 12.30
CA LEU A 114 -9.73 -4.43 11.67
C LEU A 114 -10.47 -5.57 10.95
N GLU A 115 -9.75 -6.44 10.26
CA GLU A 115 -10.29 -7.66 9.63
C GLU A 115 -10.80 -8.69 10.64
N GLY A 116 -10.31 -8.63 11.88
CA GLY A 116 -10.63 -9.55 12.96
C GLY A 116 -11.86 -9.18 13.81
N ASN A 117 -12.41 -7.97 13.67
CA ASN A 117 -13.62 -7.55 14.41
C ASN A 117 -14.55 -6.60 13.61
N GLU A 118 -14.04 -5.45 13.16
CA GLU A 118 -14.76 -4.44 12.40
C GLU A 118 -13.76 -3.49 11.70
N PHE A 119 -13.98 -3.20 10.41
CA PHE A 119 -13.13 -2.29 9.62
C PHE A 119 -13.73 -0.87 9.54
N GLU A 120 -12.98 0.13 10.00
CA GLU A 120 -13.38 1.54 10.01
C GLU A 120 -12.18 2.50 9.96
N ARG A 121 -12.37 3.70 9.39
CA ARG A 121 -11.32 4.70 9.16
C ARG A 121 -10.98 5.58 10.37
N ASP A 122 -11.45 5.23 11.56
CA ASP A 122 -11.03 5.87 12.83
C ASP A 122 -9.53 5.66 13.12
N SER A 123 -8.94 4.60 12.56
CA SER A 123 -7.50 4.25 12.62
C SER A 123 -6.70 4.68 11.38
N GLU A 124 -7.28 5.51 10.50
CA GLU A 124 -6.60 6.08 9.32
C GLU A 124 -5.40 6.98 9.74
N PRO A 125 -4.26 6.96 9.02
CA PRO A 125 -3.11 7.83 9.31
C PRO A 125 -3.42 9.34 9.25
N PHE A 126 -2.74 10.12 10.09
CA PHE A 126 -2.82 11.59 10.19
C PHE A 126 -1.44 12.25 10.23
ZN ZN B . 3.16 -11.02 1.69
ZN ZN C . -6.38 1.40 -0.77
ZN ZN D . 3.73 -3.62 -10.54
#